data_9NLX
#
_entry.id   9NLX
#
loop_
_entity.id
_entity.type
_entity.pdbx_description
1 polymer 'RNA (147-MER)'
2 polymer 'RNA-dependent DNA polymerase'
#
loop_
_entity_poly.entity_id
_entity_poly.type
_entity_poly.pdbx_seq_one_letter_code
_entity_poly.pdbx_strand_id
1 'polyribonucleotide'
;AUUCUCUCAUAGGGAUAACGGUGUGGCCUUCUACCUGUUAGAAAUAAUGGGUCUUCAGUUGUAAUUCGUUGCAACUGACG
GGGGGGUGGUGUCAAAGCCGUUUCAACCAAGUGGUAACUUACUUUUACUUGGGUUUAUACCGUGGAA
;
G,H,I
2 'polypeptide(L)'
;MKLEQQIQRVILEEAKALIKDYHEYHNRVHLESVRNKKRLGDSAPDKKIHRPNYWSFDKKFDPFYVKSNYKSIARSIANK
IENRTYLPNEPFTKDVPKPDGGIRKVSIYQIPDAAISKLFFNRLLAKNRHRFSSFSYAYRNDRNVHFAIQDISVDLKKNE
RTFLAEFDFSDFFGSISHSFLNEQFNENGFYISPEEKFIIRSFLRERKVGIPQGTSISLFLANLTCWKLDQDLEREGVKF
SRYADDTIIWSQEYSKICNAFNIITNFSKSAGIKINPKKSEGISLLTKKGLPSEITSKNNLDFLGYTLSVENVSIKEKSV
KKIKKQISYILYRNLIQPLKKTSLAGQTIPANDRDKNFLIAICEIRRYMYGGLSKSQIKDYLSGRSNRLYFKGIMSFYPL
VNDVEQLKQLDGWIVSVIYRALKLRCQLLSKWGYNRSHNFPFILDREDIVDKCSKKTIAGRKLFEIPSFLLIHKALQKGL
QESGIEKIMNPQSLNYDYE
;
A,B,C
#
loop_
_chem_comp.id
_chem_comp.type
_chem_comp.name
_chem_comp.formula
A RNA linking ADENOSINE-5'-MONOPHOSPHATE 'C10 H14 N5 O7 P'
C RNA linking CYTIDINE-5'-MONOPHOSPHATE 'C9 H14 N3 O8 P'
G RNA linking GUANOSINE-5'-MONOPHOSPHATE 'C10 H14 N5 O8 P'
U RNA linking URIDINE-5'-MONOPHOSPHATE 'C9 H13 N2 O9 P'
#
# COMPACT_ATOMS: atom_id res chain seq x y z
N MET B 1 -17.97 -55.48 28.02
CA MET B 1 -17.02 -56.58 27.91
C MET B 1 -15.73 -56.26 28.65
N LYS B 2 -15.01 -57.31 29.06
CA LYS B 2 -13.77 -57.14 29.79
C LYS B 2 -12.69 -56.52 28.90
N LEU B 3 -11.71 -55.90 29.56
CA LEU B 3 -10.61 -55.25 28.86
C LEU B 3 -9.82 -56.24 28.00
N GLU B 4 -9.61 -57.46 28.52
CA GLU B 4 -8.78 -58.45 27.84
C GLU B 4 -9.33 -58.78 26.46
N GLN B 5 -10.66 -58.96 26.35
CA GLN B 5 -11.25 -59.32 25.07
C GLN B 5 -10.99 -58.24 24.02
N GLN B 6 -11.19 -56.98 24.41
CA GLN B 6 -10.98 -55.87 23.48
C GLN B 6 -9.52 -55.80 23.05
N ILE B 7 -8.61 -55.94 24.00
CA ILE B 7 -7.19 -55.86 23.66
C ILE B 7 -6.82 -56.98 22.70
N GLN B 8 -7.35 -58.19 22.95
CA GLN B 8 -7.05 -59.32 22.08
C GLN B 8 -7.54 -59.06 20.67
N ARG B 9 -8.77 -58.54 20.54
CA ARG B 9 -9.32 -58.30 19.22
C ARG B 9 -8.48 -57.29 18.44
N VAL B 10 -8.09 -56.19 19.10
CA VAL B 10 -7.32 -55.18 18.39
C VAL B 10 -5.97 -55.73 17.94
N ILE B 11 -5.28 -56.46 18.83
CA ILE B 11 -3.97 -56.97 18.48
C ILE B 11 -4.07 -57.95 17.31
N LEU B 12 -5.08 -58.82 17.34
CA LEU B 12 -5.26 -59.79 16.27
C LEU B 12 -5.49 -59.09 14.94
N GLU B 13 -6.35 -58.07 14.94
CA GLU B 13 -6.66 -57.38 13.69
C GLU B 13 -5.40 -56.72 13.11
N GLU B 14 -4.59 -56.09 13.97
CA GLU B 14 -3.40 -55.42 13.49
C GLU B 14 -2.42 -56.43 12.87
N ALA B 15 -2.21 -57.56 13.55
CA ALA B 15 -1.27 -58.55 13.05
C ALA B 15 -1.73 -59.10 11.70
N LYS B 16 -3.04 -59.39 11.58
CA LYS B 16 -3.55 -59.95 10.33
C LYS B 16 -3.38 -58.96 9.19
N ALA B 17 -3.60 -57.67 9.45
CA ALA B 17 -3.43 -56.67 8.41
C ALA B 17 -1.99 -56.64 7.91
N LEU B 18 -1.03 -56.56 8.84
CA LEU B 18 0.38 -56.47 8.43
C LEU B 18 0.80 -57.70 7.63
N ILE B 19 0.44 -58.90 8.11
CA ILE B 19 0.76 -60.12 7.38
C ILE B 19 0.24 -60.03 5.95
N LYS B 20 -1.05 -59.71 5.81
CA LYS B 20 -1.67 -59.60 4.49
C LYS B 20 -0.80 -58.74 3.59
N ASP B 21 -0.46 -57.54 4.06
CA ASP B 21 0.35 -56.63 3.26
C ASP B 21 1.61 -57.33 2.76
N TYR B 22 2.42 -57.83 3.69
CA TYR B 22 3.67 -58.50 3.33
C TYR B 22 3.49 -59.50 2.18
N HIS B 23 2.41 -60.29 2.29
CA HIS B 23 2.19 -61.34 1.30
C HIS B 23 1.92 -60.77 -0.08
N GLU B 24 1.14 -59.68 -0.12
CA GLU B 24 0.88 -59.02 -1.39
C GLU B 24 2.17 -58.47 -1.96
N TYR B 25 3.04 -57.94 -1.09
CA TYR B 25 4.28 -57.34 -1.54
C TYR B 25 5.12 -58.37 -2.30
N HIS B 26 5.42 -59.50 -1.64
CA HIS B 26 6.32 -60.45 -2.28
C HIS B 26 5.71 -61.01 -3.57
N ASN B 27 4.38 -61.24 -3.59
CA ASN B 27 3.79 -61.78 -4.82
C ASN B 27 3.92 -60.79 -5.97
N ARG B 28 3.70 -59.50 -5.70
CA ARG B 28 3.84 -58.49 -6.75
C ARG B 28 5.29 -58.43 -7.25
N VAL B 29 6.25 -58.53 -6.33
CA VAL B 29 7.65 -58.49 -6.74
C VAL B 29 7.96 -59.64 -7.68
N HIS B 30 7.39 -60.82 -7.42
CA HIS B 30 7.64 -61.94 -8.32
C HIS B 30 7.10 -61.65 -9.71
N LEU B 31 5.87 -61.13 -9.79
CA LEU B 31 5.30 -60.86 -11.11
C LEU B 31 6.12 -59.83 -11.87
N GLU B 32 6.55 -58.77 -11.18
CA GLU B 32 7.34 -57.73 -11.83
C GLU B 32 8.67 -58.29 -12.33
N SER B 33 9.30 -59.16 -11.54
CA SER B 33 10.56 -59.75 -11.97
C SER B 33 10.37 -60.57 -13.24
N VAL B 34 9.26 -61.32 -13.30
CA VAL B 34 8.98 -62.14 -14.49
C VAL B 34 8.85 -61.25 -15.72
N ARG B 35 8.11 -60.14 -15.60
CA ARG B 35 7.98 -59.24 -16.74
C ARG B 35 9.32 -58.61 -17.13
N ASN B 36 10.13 -58.23 -16.13
CA ASN B 36 11.41 -57.59 -16.40
C ASN B 36 12.34 -58.53 -17.17
N LYS B 37 12.29 -59.83 -16.86
CA LYS B 37 13.17 -60.76 -17.56
C LYS B 37 12.91 -60.75 -19.06
N LYS B 38 11.64 -60.72 -19.46
CA LYS B 38 11.31 -60.61 -20.88
C LYS B 38 11.71 -59.26 -21.44
N ARG B 39 11.48 -58.17 -20.70
CA ARG B 39 11.77 -56.85 -21.26
C ARG B 39 13.26 -56.64 -21.51
N LEU B 40 14.11 -57.02 -20.57
CA LEU B 40 15.54 -56.74 -20.67
C LEU B 40 16.37 -57.92 -21.16
N GLY B 41 15.73 -58.99 -21.62
CA GLY B 41 16.48 -60.12 -22.16
C GLY B 41 17.43 -60.72 -21.15
N ASP B 42 18.69 -60.92 -21.56
CA ASP B 42 19.68 -61.57 -20.72
C ASP B 42 20.45 -60.61 -19.82
N SER B 43 20.17 -59.30 -19.89
CA SER B 43 20.83 -58.34 -19.01
C SER B 43 20.03 -58.08 -17.74
N ALA B 44 18.91 -58.76 -17.55
CA ALA B 44 18.05 -58.52 -16.39
C ALA B 44 18.76 -58.90 -15.09
N PRO B 45 18.64 -58.08 -14.06
CA PRO B 45 19.19 -58.44 -12.75
C PRO B 45 18.32 -59.48 -12.05
N ASP B 46 18.94 -60.17 -11.09
CA ASP B 46 18.24 -61.22 -10.36
C ASP B 46 17.34 -60.62 -9.27
N LYS B 47 16.31 -61.37 -8.92
CA LYS B 47 15.33 -60.93 -7.93
C LYS B 47 15.91 -60.93 -6.53
N LYS B 48 15.57 -59.91 -5.74
CA LYS B 48 15.97 -59.80 -4.35
C LYS B 48 14.76 -59.46 -3.50
N ILE B 49 14.58 -60.20 -2.40
CA ILE B 49 13.47 -60.02 -1.47
C ILE B 49 14.03 -59.55 -0.13
N HIS B 50 13.39 -58.54 0.46
CA HIS B 50 13.87 -57.94 1.70
C HIS B 50 12.75 -57.90 2.74
N ARG B 51 13.17 -57.85 4.01
CA ARG B 51 12.32 -57.71 5.18
C ARG B 51 12.69 -56.44 5.93
N PRO B 52 11.73 -55.75 6.55
CA PRO B 52 12.04 -54.47 7.19
C PRO B 52 13.12 -54.64 8.25
N ASN B 53 14.05 -53.68 8.27
CA ASN B 53 15.20 -53.77 9.18
C ASN B 53 14.78 -53.70 10.64
N TYR B 54 13.84 -52.82 10.97
CA TYR B 54 13.46 -52.62 12.36
C TYR B 54 12.85 -53.88 12.99
N TRP B 55 12.38 -54.83 12.17
CA TRP B 55 11.82 -56.06 12.72
C TRP B 55 12.85 -56.81 13.56
N SER B 56 14.12 -56.76 13.15
CA SER B 56 15.17 -57.50 13.84
C SER B 56 15.41 -56.98 15.26
N PHE B 57 15.30 -55.67 15.48
CA PHE B 57 15.67 -55.10 16.78
C PHE B 57 14.87 -55.70 17.93
N ASP B 58 13.56 -55.87 17.76
CA ASP B 58 12.77 -56.48 18.81
C ASP B 58 11.75 -57.44 18.21
N LYS B 59 11.45 -58.50 18.95
CA LYS B 59 10.49 -59.50 18.48
C LYS B 59 9.08 -58.93 18.37
N LYS B 60 8.74 -57.93 19.18
CA LYS B 60 7.39 -57.36 19.15
C LYS B 60 7.10 -56.70 17.81
N PHE B 61 8.11 -56.09 17.18
CA PHE B 61 7.91 -55.45 15.89
C PHE B 61 7.44 -56.44 14.83
N ASP B 62 8.01 -57.64 14.84
CA ASP B 62 7.66 -58.65 13.84
C ASP B 62 6.22 -59.11 14.02
N PRO B 63 5.40 -59.07 12.96
CA PRO B 63 3.98 -59.43 13.11
C PRO B 63 3.74 -60.89 13.45
N PHE B 64 4.50 -61.80 12.84
CA PHE B 64 4.24 -63.23 13.01
C PHE B 64 4.41 -63.66 14.46
N TYR B 65 5.46 -63.18 15.13
CA TYR B 65 5.67 -63.57 16.51
C TYR B 65 4.52 -63.10 17.39
N VAL B 66 4.05 -61.87 17.17
CA VAL B 66 2.94 -61.35 17.96
C VAL B 66 1.69 -62.17 17.69
N LYS B 67 1.50 -62.59 16.44
CA LYS B 67 0.38 -63.46 16.12
C LYS B 67 0.48 -64.79 16.85
N SER B 68 1.71 -65.30 17.02
CA SER B 68 1.87 -66.58 17.71
C SER B 68 1.42 -66.49 19.16
N ASN B 69 1.72 -65.38 19.84
CA ASN B 69 1.41 -65.22 21.26
C ASN B 69 0.61 -63.93 21.47
N TYR B 70 -0.66 -63.95 21.07
CA TYR B 70 -1.53 -62.79 21.20
C TYR B 70 -2.39 -62.84 22.46
N LYS B 71 -2.31 -63.93 23.23
CA LYS B 71 -3.10 -64.06 24.46
C LYS B 71 -2.33 -63.63 25.71
N SER B 72 -1.06 -64.04 25.84
CA SER B 72 -0.29 -63.70 27.02
C SER B 72 -0.12 -62.20 27.16
N ILE B 73 0.18 -61.52 26.05
CA ILE B 73 0.41 -60.08 26.08
C ILE B 73 -0.83 -59.35 26.56
N ALA B 74 -2.01 -59.77 26.10
CA ALA B 74 -3.24 -59.09 26.49
C ALA B 74 -3.46 -59.21 27.99
N ARG B 75 -3.26 -60.41 28.55
CA ARG B 75 -3.48 -60.60 29.97
C ARG B 75 -2.48 -59.77 30.77
N SER B 76 -1.20 -59.79 30.36
CA SER B 76 -0.19 -59.04 31.10
C SER B 76 -0.50 -57.55 31.05
N ILE B 77 -0.89 -57.04 29.88
CA ILE B 77 -1.18 -55.62 29.74
C ILE B 77 -2.37 -55.25 30.61
N ALA B 78 -3.41 -56.07 30.62
CA ALA B 78 -4.59 -55.77 31.43
C ALA B 78 -4.23 -55.72 32.91
N ASN B 79 -3.43 -56.69 33.37
CA ASN B 79 -3.03 -56.69 34.77
C ASN B 79 -2.19 -55.47 35.11
N LYS B 80 -1.24 -55.11 34.23
CA LYS B 80 -0.39 -53.95 34.49
C LYS B 80 -1.22 -52.67 34.52
N ILE B 81 -2.23 -52.58 33.64
CA ILE B 81 -3.09 -51.41 33.62
C ILE B 81 -3.88 -51.31 34.91
N GLU B 82 -4.44 -52.43 35.39
CA GLU B 82 -5.21 -52.39 36.63
C GLU B 82 -4.33 -51.98 37.81
N ASN B 83 -3.09 -52.47 37.85
CA ASN B 83 -2.13 -52.10 38.89
C ASN B 83 -1.62 -50.68 38.74
N ARG B 84 -1.92 -50.00 37.63
CA ARG B 84 -1.46 -48.64 37.38
C ARG B 84 0.06 -48.57 37.26
N THR B 85 0.68 -49.63 36.73
CA THR B 85 2.11 -49.67 36.49
C THR B 85 2.47 -49.70 35.00
N TYR B 86 1.48 -49.59 34.12
CA TYR B 86 1.73 -49.70 32.69
C TYR B 86 2.54 -48.51 32.17
N LEU B 87 3.48 -48.79 31.26
CA LEU B 87 4.23 -47.73 30.62
C LEU B 87 4.57 -48.18 29.21
N PRO B 88 4.41 -47.31 28.21
CA PRO B 88 4.72 -47.71 26.82
C PRO B 88 6.22 -47.85 26.59
N ASN B 89 6.58 -48.85 25.79
CA ASN B 89 7.99 -49.06 25.48
C ASN B 89 8.49 -48.00 24.51
N GLU B 90 9.82 -47.85 24.47
CA GLU B 90 10.43 -46.81 23.67
C GLU B 90 10.16 -47.05 22.18
N PRO B 91 9.85 -46.00 21.42
CA PRO B 91 9.63 -46.15 19.98
C PRO B 91 10.93 -46.09 19.18
N PHE B 92 10.84 -46.54 17.93
CA PHE B 92 11.96 -46.49 17.01
C PHE B 92 11.80 -45.24 16.14
N THR B 93 12.80 -44.37 16.16
CA THR B 93 12.76 -43.09 15.48
C THR B 93 13.87 -42.99 14.44
N LYS B 94 13.52 -42.57 13.24
CA LYS B 94 14.48 -42.34 12.17
C LYS B 94 14.25 -40.94 11.59
N ASP B 95 15.31 -40.14 11.57
CA ASP B 95 15.22 -38.79 11.03
C ASP B 95 15.18 -38.81 9.51
N VAL B 96 14.56 -37.78 8.94
CA VAL B 96 14.49 -37.61 7.48
C VAL B 96 14.94 -36.21 7.12
N PRO B 97 16.22 -35.89 7.24
CA PRO B 97 16.68 -34.52 6.98
C PRO B 97 16.39 -34.09 5.54
N LYS B 98 15.84 -32.90 5.39
CA LYS B 98 15.49 -32.37 4.08
C LYS B 98 15.37 -30.85 4.20
N PRO B 99 15.46 -30.12 3.09
CA PRO B 99 15.24 -28.66 3.15
C PRO B 99 13.85 -28.31 3.63
N ASP B 100 12.84 -29.06 3.21
CA ASP B 100 11.46 -28.86 3.63
C ASP B 100 11.15 -29.82 4.76
N GLY B 101 10.67 -29.29 5.88
CA GLY B 101 10.39 -30.11 7.04
C GLY B 101 11.58 -30.32 7.97
N GLY B 102 12.75 -29.78 7.62
CA GLY B 102 13.92 -29.89 8.48
C GLY B 102 14.25 -31.33 8.80
N ILE B 103 14.46 -31.59 10.10
CA ILE B 103 14.82 -32.95 10.53
C ILE B 103 13.71 -33.94 10.18
N ARG B 104 12.45 -33.53 10.39
CA ARG B 104 11.28 -34.34 10.03
C ARG B 104 11.42 -35.77 10.58
N LYS B 105 11.74 -35.86 11.87
CA LYS B 105 11.85 -37.15 12.52
C LYS B 105 10.51 -37.87 12.54
N VAL B 106 10.55 -39.18 12.29
CA VAL B 106 9.36 -40.02 12.27
C VAL B 106 9.61 -41.17 13.24
N SER B 107 8.55 -41.57 13.95
CA SER B 107 8.65 -42.60 14.97
C SER B 107 7.60 -43.67 14.73
N ILE B 108 7.99 -44.93 14.95
CA ILE B 108 7.10 -46.07 14.84
C ILE B 108 7.08 -46.80 16.18
N TYR B 109 5.90 -47.24 16.59
CA TYR B 109 5.70 -47.90 17.87
C TYR B 109 5.40 -49.38 17.67
N GLN B 110 5.64 -50.15 18.72
CA GLN B 110 5.37 -51.57 18.69
C GLN B 110 3.86 -51.81 18.53
N ILE B 111 3.51 -53.04 18.17
CA ILE B 111 2.10 -53.34 17.86
C ILE B 111 1.20 -53.20 19.09
N PRO B 112 1.55 -53.71 20.28
CA PRO B 112 0.62 -53.60 21.41
C PRO B 112 0.34 -52.16 21.80
N ASP B 113 1.37 -51.32 21.88
CA ASP B 113 1.17 -49.92 22.26
C ASP B 113 0.28 -49.21 21.24
N ALA B 114 0.52 -49.46 19.95
CA ALA B 114 -0.29 -48.83 18.93
C ALA B 114 -1.74 -49.27 19.03
N ALA B 115 -1.96 -50.56 19.32
CA ALA B 115 -3.33 -51.05 19.46
C ALA B 115 -4.03 -50.38 20.65
N ILE B 116 -3.31 -50.24 21.77
CA ILE B 116 -3.90 -49.59 22.94
C ILE B 116 -4.25 -48.15 22.64
N SER B 117 -3.33 -47.43 21.97
CA SER B 117 -3.58 -46.03 21.66
C SER B 117 -4.78 -45.89 20.74
N LYS B 118 -4.87 -46.76 19.73
CA LYS B 118 -6.01 -46.70 18.81
C LYS B 118 -7.32 -46.94 19.53
N LEU B 119 -7.35 -47.93 20.43
CA LEU B 119 -8.58 -48.25 21.14
C LEU B 119 -9.03 -47.06 21.99
N PHE B 120 -8.10 -46.50 22.77
CA PHE B 120 -8.47 -45.40 23.65
C PHE B 120 -8.88 -44.18 22.83
N PHE B 121 -8.16 -43.89 21.75
CA PHE B 121 -8.49 -42.74 20.93
C PHE B 121 -9.90 -42.88 20.36
N ASN B 122 -10.24 -44.09 19.89
CA ASN B 122 -11.56 -44.30 19.33
C ASN B 122 -12.63 -44.07 20.37
N ARG B 123 -12.43 -44.59 21.59
CA ARG B 123 -13.46 -44.41 22.62
C ARG B 123 -13.62 -42.93 22.96
N LEU B 124 -12.51 -42.22 23.15
CA LEU B 124 -12.60 -40.81 23.52
C LEU B 124 -13.28 -40.01 22.42
N LEU B 125 -12.92 -40.27 21.16
CA LEU B 125 -13.52 -39.55 20.05
C LEU B 125 -15.02 -39.82 20.00
N ALA B 126 -15.42 -41.07 20.24
CA ALA B 126 -16.83 -41.41 20.19
C ALA B 126 -17.61 -40.65 21.24
N LYS B 127 -17.11 -40.63 22.49
CA LYS B 127 -17.85 -39.93 23.54
C LYS B 127 -17.89 -38.42 23.32
N ASN B 128 -16.78 -37.81 22.89
CA ASN B 128 -16.69 -36.35 22.80
C ASN B 128 -16.83 -35.80 21.38
N ARG B 129 -17.38 -36.58 20.45
CA ARG B 129 -17.46 -36.14 19.06
C ARG B 129 -18.33 -34.89 18.90
N HIS B 130 -19.45 -34.82 19.62
CA HIS B 130 -20.38 -33.70 19.44
C HIS B 130 -19.74 -32.35 19.74
N ARG B 131 -18.90 -32.26 20.77
CA ARG B 131 -18.27 -30.98 21.13
C ARG B 131 -17.04 -30.69 20.28
N PHE B 132 -17.25 -30.58 18.96
CA PHE B 132 -16.17 -30.23 18.06
C PHE B 132 -16.71 -29.41 16.90
N SER B 133 -15.89 -28.50 16.40
CA SER B 133 -16.30 -27.62 15.33
C SER B 133 -16.33 -28.37 14.00
N SER B 134 -17.17 -27.88 13.09
CA SER B 134 -17.31 -28.42 11.73
C SER B 134 -15.99 -28.84 11.10
N ARG B 143 -11.05 -36.10 4.61
CA ARG B 143 -11.49 -36.22 3.23
C ARG B 143 -12.72 -35.36 2.96
N ASN B 144 -13.15 -34.62 3.98
CA ASN B 144 -14.28 -33.72 3.86
C ASN B 144 -13.88 -32.28 3.52
N VAL B 145 -12.58 -32.03 3.31
CA VAL B 145 -12.11 -30.67 3.00
C VAL B 145 -12.68 -30.18 1.68
N HIS B 146 -13.13 -31.09 0.82
CA HIS B 146 -13.65 -30.69 -0.48
C HIS B 146 -14.85 -29.77 -0.33
N PHE B 147 -15.71 -30.03 0.66
CA PHE B 147 -16.86 -29.17 0.89
C PHE B 147 -16.40 -27.76 1.23
N ALA B 148 -15.33 -27.66 2.04
CA ALA B 148 -14.77 -26.37 2.37
C ALA B 148 -14.26 -25.68 1.11
N ILE B 149 -13.65 -26.45 0.20
CA ILE B 149 -13.16 -25.87 -1.04
C ILE B 149 -14.32 -25.30 -1.84
N GLN B 150 -15.45 -26.02 -1.88
CA GLN B 150 -16.61 -25.52 -2.59
C GLN B 150 -17.09 -24.21 -1.97
N ASP B 151 -17.15 -24.15 -0.63
CA ASP B 151 -17.66 -22.97 0.03
C ASP B 151 -16.77 -21.76 -0.25
N ILE B 152 -15.45 -21.94 -0.12
CA ILE B 152 -14.55 -20.81 -0.36
C ILE B 152 -14.65 -20.35 -1.80
N SER B 153 -14.75 -21.30 -2.74
CA SER B 153 -14.84 -20.92 -4.15
C SER B 153 -16.12 -20.12 -4.41
N VAL B 154 -17.24 -20.56 -3.82
CA VAL B 154 -18.50 -19.83 -4.00
C VAL B 154 -18.38 -18.42 -3.44
N ASP B 155 -17.80 -18.29 -2.24
CA ASP B 155 -17.66 -16.97 -1.65
C ASP B 155 -16.75 -16.08 -2.50
N LEU B 156 -15.67 -16.66 -3.03
CA LEU B 156 -14.76 -15.88 -3.87
C LEU B 156 -15.46 -15.37 -5.12
N LYS B 157 -16.30 -16.23 -5.72
CA LYS B 157 -17.04 -15.81 -6.90
C LYS B 157 -18.08 -14.74 -6.57
N LYS B 158 -18.70 -14.83 -5.39
CA LYS B 158 -19.79 -13.92 -5.05
C LYS B 158 -19.35 -12.47 -5.09
N ASN B 159 -18.20 -12.15 -4.48
CA ASN B 159 -17.65 -10.80 -4.53
C ASN B 159 -16.21 -10.86 -5.01
N GLU B 160 -15.86 -10.02 -5.99
CA GLU B 160 -14.52 -10.07 -6.59
C GLU B 160 -13.43 -9.79 -5.58
N ARG B 161 -13.65 -8.86 -4.65
CA ARG B 161 -12.63 -8.44 -3.70
C ARG B 161 -12.83 -9.15 -2.37
N THR B 162 -11.82 -9.89 -1.92
CA THR B 162 -11.86 -10.58 -0.64
C THR B 162 -10.52 -10.41 0.06
N PHE B 163 -10.56 -10.37 1.39
CA PHE B 163 -9.38 -10.21 2.23
C PHE B 163 -8.97 -11.56 2.80
N LEU B 164 -7.70 -11.91 2.65
CA LEU B 164 -7.21 -13.22 3.07
C LEU B 164 -5.98 -13.08 3.96
N ALA B 165 -5.87 -13.97 4.95
CA ALA B 165 -4.72 -14.08 5.83
C ALA B 165 -4.34 -15.55 5.93
N GLU B 166 -3.07 -15.85 5.71
CA GLU B 166 -2.57 -17.22 5.71
C GLU B 166 -1.45 -17.38 6.73
N PHE B 167 -1.59 -18.36 7.61
CA PHE B 167 -0.59 -18.64 8.65
C PHE B 167 -0.12 -20.07 8.50
N ASP B 168 1.19 -20.28 8.54
CA ASP B 168 1.80 -21.60 8.51
C ASP B 168 2.43 -21.89 9.86
N PHE B 169 1.86 -22.85 10.59
CA PHE B 169 2.46 -23.24 11.86
C PHE B 169 3.76 -23.98 11.64
N SER B 170 4.74 -23.72 12.50
CA SER B 170 6.03 -24.40 12.46
C SER B 170 6.25 -25.12 13.78
N ASP B 171 6.57 -26.41 13.70
CA ASP B 171 6.87 -27.23 14.87
C ASP B 171 5.74 -27.13 15.90
N PHE B 172 4.51 -27.24 15.40
CA PHE B 172 3.34 -27.16 16.26
C PHE B 172 3.34 -28.27 17.31
N PHE B 173 3.59 -29.51 16.87
CA PHE B 173 3.58 -30.65 17.78
C PHE B 173 4.70 -30.57 18.80
N GLY B 174 5.87 -30.11 18.38
CA GLY B 174 7.03 -30.08 19.27
C GLY B 174 6.93 -29.15 20.46
N SER B 175 6.30 -27.99 20.30
CA SER B 175 6.35 -26.96 21.34
C SER B 175 5.14 -26.89 22.25
N ILE B 176 4.18 -27.81 22.14
CA ILE B 176 2.98 -27.69 22.98
C ILE B 176 3.35 -27.77 24.46
N SER B 177 2.84 -26.85 25.26
CA SER B 177 3.12 -26.81 26.69
C SER B 177 2.18 -27.73 27.47
N HIS B 178 2.75 -28.59 28.31
CA HIS B 178 1.94 -29.53 29.09
C HIS B 178 1.03 -28.80 30.08
N SER B 179 1.53 -27.71 30.68
CA SER B 179 0.71 -26.98 31.64
C SER B 179 -0.57 -26.47 30.98
N PHE B 180 -0.46 -25.97 29.76
CA PHE B 180 -1.64 -25.47 29.06
C PHE B 180 -2.65 -26.59 28.87
N LEU B 181 -2.16 -27.78 28.47
CA LEU B 181 -3.04 -28.93 28.28
C LEU B 181 -3.72 -29.32 29.59
N ASN B 182 -2.96 -29.29 30.69
CA ASN B 182 -3.52 -29.63 31.98
C ASN B 182 -4.65 -28.66 32.31
N GLU B 183 -4.44 -27.38 32.01
CA GLU B 183 -5.49 -26.39 32.26
C GLU B 183 -6.73 -26.69 31.42
N GLN B 184 -6.52 -27.07 30.15
CA GLN B 184 -7.67 -27.37 29.28
C GLN B 184 -8.45 -28.57 29.81
N PHE B 185 -7.75 -29.55 30.39
CA PHE B 185 -8.41 -30.77 30.84
C PHE B 185 -9.48 -30.46 31.88
N ASN B 186 -9.17 -29.62 32.86
CA ASN B 186 -10.13 -29.31 33.91
C ASN B 186 -11.34 -28.55 33.37
N GLU B 187 -11.10 -27.57 32.50
CA GLU B 187 -12.16 -26.75 31.94
C GLU B 187 -12.77 -27.41 30.71
N ASN B 188 -13.79 -26.76 30.15
CA ASN B 188 -14.51 -27.08 28.92
C ASN B 188 -15.55 -28.18 29.12
N GLY B 189 -15.68 -28.74 30.33
CA GLY B 189 -16.70 -29.73 30.60
C GLY B 189 -16.65 -30.97 29.73
N PHE B 190 -15.46 -31.45 29.39
CA PHE B 190 -15.33 -32.69 28.65
C PHE B 190 -15.45 -33.88 29.59
N TYR B 191 -15.78 -35.04 29.01
CA TYR B 191 -15.90 -36.29 29.78
C TYR B 191 -14.63 -37.10 29.56
N ILE B 192 -13.80 -37.20 30.59
CA ILE B 192 -12.59 -38.01 30.56
C ILE B 192 -12.54 -38.82 31.85
N SER B 193 -12.47 -40.14 31.72
CA SER B 193 -12.42 -41.03 32.86
C SER B 193 -11.02 -41.04 33.46
N PRO B 194 -10.85 -41.56 34.68
CA PRO B 194 -9.51 -41.59 35.28
C PRO B 194 -8.51 -42.41 34.48
N GLU B 195 -8.94 -43.56 33.95
CA GLU B 195 -8.03 -44.41 33.19
C GLU B 195 -7.51 -43.68 31.95
N GLU B 196 -8.38 -42.95 31.26
CA GLU B 196 -7.94 -42.23 30.07
C GLU B 196 -6.88 -41.20 30.42
N LYS B 197 -7.08 -40.46 31.51
CA LYS B 197 -6.10 -39.47 31.93
C LYS B 197 -4.78 -40.16 32.28
N PHE B 198 -4.87 -41.32 32.93
CA PHE B 198 -3.66 -42.06 33.29
C PHE B 198 -2.89 -42.45 32.05
N ILE B 199 -3.60 -42.96 31.03
CA ILE B 199 -2.95 -43.39 29.80
C ILE B 199 -2.30 -42.20 29.09
N ILE B 200 -3.01 -41.06 29.04
CA ILE B 200 -2.45 -39.88 28.38
C ILE B 200 -1.18 -39.44 29.08
N ARG B 201 -1.20 -39.41 30.42
CA ARG B 201 0.00 -39.04 31.16
C ARG B 201 1.12 -40.04 30.91
N SER B 202 0.78 -41.33 30.83
CA SER B 202 1.78 -42.35 30.57
C SER B 202 2.44 -42.11 29.21
N PHE B 203 1.64 -41.78 28.20
CA PHE B 203 2.18 -41.54 26.87
C PHE B 203 3.08 -40.31 26.85
N LEU B 204 2.71 -39.25 27.57
CA LEU B 204 3.59 -38.08 27.62
C LEU B 204 4.94 -38.44 28.23
N ARG B 205 4.92 -39.17 29.35
CA ARG B 205 6.08 -39.78 30.02
C ARG B 205 7.21 -38.77 30.24
N GLU B 206 8.45 -39.09 29.87
CA GLU B 206 9.63 -38.28 30.15
C GLU B 206 9.61 -36.91 29.48
N ARG B 207 9.09 -36.83 28.26
CA ARG B 207 9.08 -35.59 27.48
C ARG B 207 8.74 -34.37 28.33
N LYS B 208 9.65 -33.39 28.33
CA LYS B 208 9.40 -32.13 29.02
C LYS B 208 8.40 -31.27 28.26
N VAL B 209 8.53 -31.19 26.93
CA VAL B 209 7.66 -30.38 26.11
C VAL B 209 7.29 -31.17 24.87
N GLY B 210 6.17 -30.82 24.26
CA GLY B 210 5.72 -31.47 23.05
C GLY B 210 4.85 -32.68 23.31
N ILE B 211 4.33 -33.23 22.21
CA ILE B 211 3.49 -34.42 22.25
C ILE B 211 4.05 -35.42 21.24
N PRO B 212 3.88 -36.73 21.46
CA PRO B 212 4.43 -37.71 20.52
C PRO B 212 3.83 -37.56 19.13
N GLN B 213 4.65 -37.81 18.11
CA GLN B 213 4.23 -37.72 16.73
C GLN B 213 4.10 -39.12 16.15
N GLY B 214 3.08 -39.33 15.31
CA GLY B 214 2.86 -40.64 14.74
C GLY B 214 1.96 -41.56 15.53
N THR B 215 1.25 -41.06 16.54
CA THR B 215 0.35 -41.87 17.34
C THR B 215 -1.08 -41.33 17.21
N SER B 216 -2.05 -42.24 17.24
CA SER B 216 -3.44 -41.85 17.07
C SER B 216 -3.93 -40.93 18.18
N ILE B 217 -3.46 -41.18 19.40
CA ILE B 217 -3.92 -40.38 20.55
C ILE B 217 -3.58 -38.91 20.36
N SER B 218 -2.48 -38.61 19.67
CA SER B 218 -2.02 -37.24 19.52
C SER B 218 -3.04 -36.36 18.80
N LEU B 219 -3.75 -36.91 17.81
CA LEU B 219 -4.70 -36.11 17.05
C LEU B 219 -5.80 -35.54 17.95
N PHE B 220 -6.30 -36.34 18.88
CA PHE B 220 -7.33 -35.86 19.79
C PHE B 220 -6.82 -34.70 20.62
N LEU B 221 -5.57 -34.80 21.10
CA LEU B 221 -5.01 -33.71 21.89
C LEU B 221 -4.90 -32.45 21.05
N ALA B 222 -4.51 -32.59 19.79
CA ALA B 222 -4.39 -31.43 18.91
C ALA B 222 -5.73 -30.75 18.72
N ASN B 223 -6.79 -31.53 18.51
CA ASN B 223 -8.11 -30.92 18.39
C ASN B 223 -8.52 -30.25 19.69
N LEU B 224 -8.17 -30.87 20.83
CA LEU B 224 -8.52 -30.31 22.14
C LEU B 224 -7.88 -28.94 22.37
N THR B 225 -6.61 -28.78 21.99
CA THR B 225 -5.91 -27.52 22.25
C THR B 225 -6.54 -26.33 21.53
N CYS B 226 -7.03 -26.54 20.31
CA CYS B 226 -7.52 -25.45 19.47
C CYS B 226 -9.00 -25.11 19.67
N TRP B 227 -9.67 -25.70 20.65
CA TRP B 227 -11.10 -25.45 20.82
C TRP B 227 -11.39 -23.98 21.11
N LYS B 228 -10.61 -23.38 22.01
CA LYS B 228 -10.85 -21.98 22.38
C LYS B 228 -10.64 -21.05 21.20
N LEU B 229 -9.58 -21.30 20.41
CA LEU B 229 -9.31 -20.45 19.26
C LEU B 229 -10.48 -20.48 18.28
N ASP B 230 -11.01 -21.68 18.02
CA ASP B 230 -12.13 -21.81 17.10
C ASP B 230 -13.34 -21.07 17.62
N GLN B 231 -13.62 -21.19 18.92
CA GLN B 231 -14.78 -20.50 19.50
C GLN B 231 -14.62 -18.99 19.37
N ASP B 232 -13.42 -18.47 19.63
CA ASP B 232 -13.19 -17.03 19.54
C ASP B 232 -13.36 -16.55 18.10
N LEU B 233 -12.79 -17.30 17.14
CA LEU B 233 -12.89 -16.88 15.75
C LEU B 233 -14.35 -16.90 15.28
N GLU B 234 -15.10 -17.91 15.69
CA GLU B 234 -16.51 -17.97 15.31
C GLU B 234 -17.26 -16.79 15.91
N ARG B 235 -16.95 -16.45 17.16
CA ARG B 235 -17.60 -15.32 17.81
C ARG B 235 -17.31 -14.01 17.07
N GLU B 236 -16.07 -13.87 16.56
CA GLU B 236 -15.71 -12.67 15.83
C GLU B 236 -16.57 -12.50 14.57
N GLY B 237 -16.86 -13.58 13.87
CA GLY B 237 -17.68 -13.50 12.69
C GLY B 237 -16.96 -13.75 11.38
N VAL B 238 -15.66 -14.01 11.41
CA VAL B 238 -14.90 -14.37 10.22
C VAL B 238 -15.12 -15.85 9.90
N LYS B 239 -14.74 -16.28 8.69
CA LYS B 239 -14.82 -17.67 8.29
C LYS B 239 -13.42 -18.23 8.13
N PHE B 240 -13.22 -19.47 8.55
CA PHE B 240 -11.89 -20.07 8.55
C PHE B 240 -11.99 -21.56 8.28
N SER B 241 -10.85 -22.14 7.87
CA SER B 241 -10.73 -23.57 7.70
C SER B 241 -9.33 -23.99 8.12
N ARG B 242 -9.23 -25.10 8.86
CA ARG B 242 -7.94 -25.61 9.31
C ARG B 242 -7.79 -27.04 8.87
N TYR B 243 -6.70 -27.32 8.14
CA TYR B 243 -6.42 -28.69 7.71
C TYR B 243 -4.93 -28.90 7.82
N ALA B 244 -4.52 -30.08 8.28
CA ALA B 244 -3.11 -30.46 8.44
C ALA B 244 -2.43 -29.40 9.31
N ASP B 245 -1.33 -28.78 8.85
CA ASP B 245 -0.62 -27.75 9.61
C ASP B 245 -0.79 -26.36 9.00
N ASP B 246 -1.98 -26.04 8.48
CA ASP B 246 -2.21 -24.76 7.84
C ASP B 246 -3.61 -24.27 8.18
N THR B 247 -3.78 -22.94 8.13
CA THR B 247 -5.06 -22.30 8.39
C THR B 247 -5.24 -21.13 7.43
N ILE B 248 -6.48 -20.91 7.01
CA ILE B 248 -6.87 -19.83 6.11
C ILE B 248 -8.06 -19.10 6.72
N ILE B 249 -8.02 -17.77 6.68
CA ILE B 249 -9.12 -16.93 7.16
C ILE B 249 -9.46 -15.92 6.07
N TRP B 250 -10.75 -15.74 5.79
CA TRP B 250 -11.18 -14.82 4.76
C TRP B 250 -12.38 -14.03 5.24
N SER B 251 -12.45 -12.76 4.83
CA SER B 251 -13.54 -11.87 5.21
C SER B 251 -13.62 -10.75 4.18
N GLN B 252 -14.71 -9.97 4.25
CA GLN B 252 -14.90 -8.85 3.35
C GLN B 252 -14.65 -7.49 4.01
N GLU B 253 -14.17 -7.46 5.25
CA GLU B 253 -13.88 -6.21 5.94
C GLU B 253 -12.48 -6.24 6.52
N TYR B 254 -11.77 -5.12 6.38
CA TYR B 254 -10.41 -4.99 6.86
C TYR B 254 -10.33 -5.11 8.38
N SER B 255 -11.29 -4.51 9.09
CA SER B 255 -11.26 -4.48 10.55
C SER B 255 -11.30 -5.90 11.12
N LYS B 256 -12.20 -6.74 10.59
CA LYS B 256 -12.32 -8.10 11.10
C LYS B 256 -11.05 -8.89 10.88
N ILE B 257 -10.42 -8.74 9.70
CA ILE B 257 -9.20 -9.47 9.44
C ILE B 257 -8.09 -9.02 10.39
N CYS B 258 -8.04 -7.72 10.69
CA CYS B 258 -7.05 -7.24 11.64
C CYS B 258 -7.28 -7.82 13.03
N ASN B 259 -8.55 -7.87 13.45
CA ASN B 259 -8.87 -8.46 14.75
C ASN B 259 -8.51 -9.94 14.79
N ALA B 260 -8.76 -10.66 13.70
CA ALA B 260 -8.41 -12.07 13.64
C ALA B 260 -6.91 -12.26 13.76
N PHE B 261 -6.14 -11.40 13.09
CA PHE B 261 -4.69 -11.48 13.20
C PHE B 261 -4.26 -11.26 14.65
N ASN B 262 -4.89 -10.30 15.33
CA ASN B 262 -4.55 -10.04 16.72
C ASN B 262 -4.86 -11.24 17.59
N ILE B 263 -6.02 -11.87 17.37
CA ILE B 263 -6.41 -13.04 18.18
C ILE B 263 -5.42 -14.18 17.98
N ILE B 264 -5.03 -14.43 16.73
CA ILE B 264 -4.07 -15.51 16.47
C ILE B 264 -2.74 -15.22 17.14
N THR B 265 -2.29 -13.96 17.06
CA THR B 265 -1.02 -13.60 17.67
C THR B 265 -1.09 -13.80 19.18
N ASN B 266 -2.18 -13.35 19.81
CA ASN B 266 -2.26 -13.47 21.26
C ASN B 266 -2.29 -14.93 21.67
N PHE B 267 -2.97 -15.77 20.87
CA PHE B 267 -3.07 -17.18 21.23
C PHE B 267 -1.71 -17.85 21.17
N SER B 268 -0.91 -17.53 20.15
CA SER B 268 0.38 -18.20 20.01
C SER B 268 1.25 -17.94 21.24
N LYS B 269 1.24 -16.70 21.75
CA LYS B 269 2.05 -16.37 22.91
C LYS B 269 1.61 -17.20 24.12
N SER B 270 0.31 -17.32 24.32
CA SER B 270 -0.23 -18.07 25.45
C SER B 270 0.16 -19.54 25.39
N ALA B 271 0.15 -20.12 24.19
CA ALA B 271 0.44 -21.55 24.07
C ALA B 271 1.87 -21.85 23.66
N GLY B 272 2.74 -20.84 23.65
CA GLY B 272 4.15 -21.05 23.33
C GLY B 272 4.44 -21.67 21.99
N ILE B 273 3.72 -21.25 20.95
CA ILE B 273 3.94 -21.73 19.60
C ILE B 273 4.38 -20.55 18.75
N LYS B 274 5.20 -20.82 17.73
CA LYS B 274 5.73 -19.78 16.87
C LYS B 274 5.26 -19.99 15.44
N ILE B 275 5.04 -18.88 14.74
CA ILE B 275 4.64 -18.89 13.34
C ILE B 275 5.86 -18.57 12.48
N ASN B 276 6.13 -19.44 11.51
CA ASN B 276 7.30 -19.25 10.67
C ASN B 276 7.16 -17.96 9.88
N PRO B 277 8.14 -17.06 9.93
CA PRO B 277 8.01 -15.81 9.16
C PRO B 277 8.04 -16.02 7.66
N LYS B 278 8.94 -16.85 7.16
CA LYS B 278 9.08 -17.03 5.72
C LYS B 278 7.83 -17.66 5.11
N LYS B 279 7.32 -18.72 5.74
CA LYS B 279 6.15 -19.42 5.19
C LYS B 279 4.91 -18.53 5.22
N SER B 280 4.71 -17.80 6.32
CA SER B 280 3.55 -16.92 6.44
C SER B 280 3.63 -15.81 5.39
N GLU B 281 2.49 -15.50 4.78
CA GLU B 281 2.44 -14.50 3.73
C GLU B 281 1.76 -13.20 4.15
N GLY B 282 0.92 -13.22 5.16
CA GLY B 282 0.29 -12.00 5.64
C GLY B 282 -1.01 -11.68 4.93
N ILE B 283 -1.55 -10.51 5.27
CA ILE B 283 -2.82 -10.07 4.73
C ILE B 283 -2.65 -9.68 3.26
N SER B 284 -3.64 -10.03 2.44
CA SER B 284 -3.61 -9.73 1.02
C SER B 284 -5.04 -9.63 0.50
N LEU B 285 -5.19 -9.03 -0.67
CA LEU B 285 -6.48 -8.88 -1.33
C LEU B 285 -6.48 -9.67 -2.62
N LEU B 286 -7.49 -10.53 -2.78
CA LEU B 286 -7.64 -11.34 -3.98
C LEU B 286 -8.66 -10.66 -4.90
N THR B 287 -8.22 -10.29 -6.10
CA THR B 287 -9.05 -9.58 -7.04
C THR B 287 -8.91 -10.20 -8.43
N LYS B 288 -9.90 -9.94 -9.27
CA LYS B 288 -9.89 -10.45 -10.63
C LYS B 288 -8.72 -9.84 -11.40
N LYS B 289 -8.18 -10.63 -12.33
CA LYS B 289 -7.02 -10.18 -13.10
C LYS B 289 -7.37 -8.94 -13.91
N GLY B 290 -6.41 -8.01 -14.00
CA GLY B 290 -6.61 -6.80 -14.75
C GLY B 290 -7.24 -5.65 -14.00
N LEU B 291 -7.52 -5.82 -12.71
CA LEU B 291 -8.08 -4.74 -11.91
C LEU B 291 -7.06 -4.27 -10.87
N PRO B 292 -6.84 -2.97 -10.73
CA PRO B 292 -5.83 -2.49 -9.80
C PRO B 292 -6.26 -2.64 -8.35
N SER B 293 -5.27 -2.70 -7.47
CA SER B 293 -5.49 -2.82 -6.03
C SER B 293 -4.67 -1.75 -5.30
N GLU B 294 -5.22 -1.25 -4.20
CA GLU B 294 -4.58 -0.22 -3.40
C GLU B 294 -3.61 -0.79 -2.38
N ILE B 295 -3.61 -2.10 -2.18
CA ILE B 295 -2.72 -2.79 -1.24
C ILE B 295 -2.23 -4.06 -1.94
N THR B 296 -1.33 -4.78 -1.27
CA THR B 296 -0.75 -5.98 -1.87
C THR B 296 -1.86 -6.92 -2.32
N SER B 297 -1.74 -7.44 -3.54
CA SER B 297 -2.78 -8.26 -4.12
C SER B 297 -2.20 -9.47 -4.81
N LYS B 298 -3.04 -10.49 -4.96
CA LYS B 298 -2.71 -11.72 -5.65
C LYS B 298 -3.93 -12.19 -6.41
N ASN B 299 -3.71 -12.95 -7.47
CA ASN B 299 -4.78 -13.43 -8.32
C ASN B 299 -5.07 -14.92 -8.18
N ASN B 300 -4.29 -15.64 -7.39
CA ASN B 300 -4.50 -17.08 -7.23
C ASN B 300 -4.05 -17.50 -5.85
N LEU B 301 -4.74 -18.51 -5.31
CA LEU B 301 -4.46 -19.05 -3.99
C LEU B 301 -4.42 -20.57 -4.06
N ASP B 302 -3.45 -21.17 -3.39
CA ASP B 302 -3.26 -22.62 -3.43
C ASP B 302 -3.81 -23.26 -2.17
N PHE B 303 -4.49 -24.40 -2.35
CA PHE B 303 -5.00 -25.16 -1.22
C PHE B 303 -4.96 -26.64 -1.59
N LEU B 304 -4.13 -27.41 -0.87
CA LEU B 304 -4.06 -28.87 -1.00
C LEU B 304 -3.96 -29.33 -2.46
N GLY B 305 -3.05 -28.72 -3.20
CA GLY B 305 -2.87 -29.13 -4.58
C GLY B 305 -3.83 -28.50 -5.57
N TYR B 306 -4.74 -27.65 -5.09
CA TYR B 306 -5.73 -26.97 -5.91
C TYR B 306 -5.36 -25.50 -5.99
N THR B 307 -5.46 -24.91 -7.18
CA THR B 307 -5.26 -23.48 -7.36
C THR B 307 -6.62 -22.85 -7.61
N LEU B 308 -7.01 -21.91 -6.75
CA LEU B 308 -8.31 -21.29 -6.82
C LEU B 308 -8.19 -19.82 -7.21
N SER B 309 -9.05 -19.39 -8.13
CA SER B 309 -9.09 -18.01 -8.57
C SER B 309 -10.55 -17.63 -8.77
N VAL B 310 -10.78 -16.35 -9.04
CA VAL B 310 -12.14 -15.87 -9.20
C VAL B 310 -12.82 -16.56 -10.38
N GLU B 311 -12.11 -16.67 -11.50
CA GLU B 311 -12.69 -17.26 -12.71
C GLU B 311 -12.89 -18.77 -12.58
N ASN B 312 -11.87 -19.51 -12.12
CA ASN B 312 -11.98 -20.96 -12.14
C ASN B 312 -10.96 -21.59 -11.20
N VAL B 313 -11.14 -22.90 -10.98
CA VAL B 313 -10.23 -23.72 -10.18
C VAL B 313 -9.41 -24.61 -11.11
N SER B 314 -8.09 -24.63 -10.89
CA SER B 314 -7.19 -25.38 -11.75
C SER B 314 -6.19 -26.16 -10.90
N ILE B 315 -5.57 -27.16 -11.52
CA ILE B 315 -4.57 -27.99 -10.84
C ILE B 315 -3.30 -27.20 -10.58
N LYS B 316 -2.65 -27.50 -9.46
CA LYS B 316 -1.42 -26.81 -9.08
C LYS B 316 -0.27 -27.25 -9.99
N GLU B 317 0.74 -26.39 -10.10
CA GLU B 317 1.86 -26.65 -11.00
C GLU B 317 2.63 -27.90 -10.60
N LYS B 318 2.87 -28.11 -9.31
CA LYS B 318 3.67 -29.25 -8.87
C LYS B 318 3.04 -30.57 -9.27
N SER B 319 1.72 -30.68 -9.15
CA SER B 319 1.04 -31.92 -9.53
C SER B 319 1.22 -32.18 -11.02
N VAL B 320 1.13 -31.11 -11.82
CA VAL B 320 1.33 -31.24 -13.26
C VAL B 320 2.73 -31.72 -13.55
N LYS B 321 3.71 -31.20 -12.81
CA LYS B 321 5.09 -31.64 -13.01
C LYS B 321 5.25 -33.12 -12.70
N LYS B 322 4.59 -33.59 -11.63
CA LYS B 322 4.67 -35.01 -11.29
C LYS B 322 4.03 -35.88 -12.38
N ILE B 323 2.89 -35.44 -12.92
CA ILE B 323 2.24 -36.21 -13.98
C ILE B 323 3.14 -36.28 -15.22
N LYS B 324 3.74 -35.14 -15.58
CA LYS B 324 4.64 -35.13 -16.73
C LYS B 324 5.82 -36.05 -16.50
N LYS B 325 6.36 -36.05 -15.28
CA LYS B 325 7.50 -36.91 -14.96
C LYS B 325 7.13 -38.38 -15.10
N GLN B 326 5.95 -38.77 -14.60
CA GLN B 326 5.58 -40.18 -14.67
C GLN B 326 5.35 -40.63 -16.11
N ILE B 327 4.65 -39.82 -16.92
CA ILE B 327 4.40 -40.22 -18.30
C ILE B 327 5.71 -40.32 -19.08
N SER B 328 6.60 -39.33 -18.87
CA SER B 328 7.89 -39.36 -19.55
C SER B 328 8.68 -40.59 -19.16
N TYR B 329 8.70 -40.93 -17.87
CA TYR B 329 9.47 -42.08 -17.44
C TYR B 329 8.92 -43.36 -18.06
N ILE B 330 7.59 -43.49 -18.13
CA ILE B 330 7.05 -44.73 -18.69
C ILE B 330 7.47 -44.88 -20.14
N LEU B 331 7.38 -43.78 -20.91
CA LEU B 331 7.78 -43.88 -22.31
C LEU B 331 9.26 -44.18 -22.45
N TYR B 332 10.11 -43.54 -21.65
CA TYR B 332 11.54 -43.81 -21.70
C TYR B 332 11.86 -45.25 -21.34
N ARG B 333 11.24 -45.77 -20.28
CA ARG B 333 11.52 -47.12 -19.80
C ARG B 333 11.15 -48.15 -20.84
N ASN B 334 10.03 -47.96 -21.54
CA ASN B 334 9.64 -49.00 -22.47
C ASN B 334 10.25 -48.84 -23.86
N LEU B 335 10.61 -47.63 -24.27
CA LEU B 335 11.11 -47.43 -25.62
C LEU B 335 12.61 -47.24 -25.75
N ILE B 336 13.26 -46.46 -24.90
CA ILE B 336 14.67 -46.12 -25.12
C ILE B 336 15.62 -46.90 -24.22
N GLN B 337 15.27 -47.12 -22.95
CA GLN B 337 16.21 -47.74 -22.03
C GLN B 337 16.73 -49.12 -22.46
N PRO B 338 15.91 -50.03 -23.00
CA PRO B 338 16.45 -51.36 -23.34
C PRO B 338 17.51 -51.37 -24.42
N LEU B 339 17.55 -50.36 -25.30
CA LEU B 339 18.48 -50.38 -26.44
C LEU B 339 19.83 -49.76 -26.16
N LYS B 340 20.07 -49.23 -24.96
CA LYS B 340 21.35 -48.62 -24.62
C LYS B 340 22.29 -49.57 -23.89
N LYS B 341 21.91 -50.85 -23.75
CA LYS B 341 22.77 -51.82 -23.11
C LYS B 341 23.85 -52.31 -24.08
N THR B 342 24.87 -52.97 -23.52
CA THR B 342 26.01 -53.41 -24.30
C THR B 342 25.63 -54.44 -25.37
N SER B 343 24.79 -55.41 -25.01
CA SER B 343 24.43 -56.48 -25.95
C SER B 343 22.92 -56.66 -26.00
N LEU B 344 22.36 -56.65 -27.21
CA LEU B 344 20.94 -56.86 -27.42
C LEU B 344 20.65 -58.36 -27.56
N ALA B 345 20.79 -59.07 -26.45
CA ALA B 345 20.61 -60.51 -26.41
C ALA B 345 19.38 -60.85 -25.60
N GLY B 346 18.49 -61.65 -26.19
CA GLY B 346 17.25 -62.03 -25.56
C GLY B 346 16.09 -61.10 -25.82
N GLN B 347 16.34 -59.93 -26.41
CA GLN B 347 15.29 -58.98 -26.74
C GLN B 347 14.67 -59.31 -28.09
N THR B 348 13.50 -58.73 -28.35
CA THR B 348 12.77 -58.94 -29.59
C THR B 348 12.82 -57.67 -30.42
N ILE B 349 13.21 -57.80 -31.68
CA ILE B 349 13.35 -56.66 -32.58
C ILE B 349 12.06 -56.44 -33.35
N PRO B 350 11.56 -55.21 -33.43
CA PRO B 350 10.28 -54.98 -34.12
C PRO B 350 10.37 -55.39 -35.59
N ALA B 351 9.33 -56.04 -36.07
CA ALA B 351 9.34 -56.52 -37.45
C ALA B 351 7.90 -56.72 -37.92
N ASN B 352 7.74 -56.71 -39.25
CA ASN B 352 6.46 -56.95 -39.91
C ASN B 352 5.37 -56.00 -39.40
N ASP B 353 5.73 -54.73 -39.21
CA ASP B 353 4.78 -53.69 -38.81
C ASP B 353 4.12 -53.98 -37.46
N ARG B 354 4.84 -54.60 -36.53
CA ARG B 354 4.31 -54.85 -35.20
C ARG B 354 5.35 -54.54 -34.15
N ASP B 355 4.96 -53.79 -33.12
CA ASP B 355 5.83 -53.47 -32.00
C ASP B 355 5.07 -53.71 -30.69
N LYS B 356 5.51 -54.72 -29.93
CA LYS B 356 4.87 -55.03 -28.65
C LYS B 356 5.12 -53.94 -27.62
N ASN B 357 6.34 -53.38 -27.59
CA ASN B 357 6.69 -52.40 -26.57
C ASN B 357 5.80 -51.16 -26.65
N PHE B 358 5.41 -50.75 -27.86
CA PHE B 358 4.49 -49.62 -27.99
C PHE B 358 3.15 -49.95 -27.35
N LEU B 359 2.66 -51.17 -27.56
CA LEU B 359 1.40 -51.58 -26.94
C LEU B 359 1.51 -51.57 -25.43
N ILE B 360 2.61 -52.10 -24.88
CA ILE B 360 2.77 -52.15 -23.44
C ILE B 360 2.81 -50.73 -22.86
N ALA B 361 3.52 -49.83 -23.54
CA ALA B 361 3.62 -48.46 -23.05
C ALA B 361 2.26 -47.78 -23.05
N ILE B 362 1.49 -47.96 -24.13
CA ILE B 362 0.19 -47.32 -24.21
C ILE B 362 -0.75 -47.86 -23.14
N CYS B 363 -0.71 -49.18 -22.91
CA CYS B 363 -1.57 -49.76 -21.89
C CYS B 363 -1.21 -49.25 -20.50
N GLU B 364 0.09 -49.14 -20.20
CA GLU B 364 0.48 -48.60 -18.90
C GLU B 364 0.05 -47.15 -18.73
N ILE B 365 0.17 -46.34 -19.78
CA ILE B 365 -0.29 -44.96 -19.68
C ILE B 365 -1.79 -44.91 -19.44
N ARG B 366 -2.54 -45.76 -20.13
CA ARG B 366 -3.99 -45.79 -19.94
C ARG B 366 -4.34 -46.20 -18.50
N ARG B 367 -3.64 -47.20 -17.97
CA ARG B 367 -3.90 -47.62 -16.60
C ARG B 367 -3.59 -46.50 -15.62
N TYR B 368 -2.50 -45.76 -15.85
CA TYR B 368 -2.14 -44.66 -14.97
C TYR B 368 -3.19 -43.55 -15.02
N MET B 369 -3.71 -43.23 -16.20
CA MET B 369 -4.61 -42.09 -16.32
C MET B 369 -6.07 -42.43 -16.01
N TYR B 370 -6.63 -43.47 -16.62
CA TYR B 370 -8.04 -43.78 -16.40
C TYR B 370 -8.25 -44.89 -15.37
N GLY B 371 -7.52 -45.98 -15.51
CA GLY B 371 -7.73 -47.15 -14.69
C GLY B 371 -8.10 -48.33 -15.57
N GLY B 372 -8.04 -48.14 -16.89
CA GLY B 372 -8.33 -49.18 -17.84
C GLY B 372 -9.62 -49.03 -18.62
N LEU B 373 -10.39 -47.96 -18.39
CA LEU B 373 -11.65 -47.81 -19.09
C LEU B 373 -11.44 -47.48 -20.56
N SER B 374 -12.28 -48.05 -21.40
CA SER B 374 -12.28 -47.78 -22.83
C SER B 374 -13.06 -46.50 -23.13
N LYS B 375 -12.82 -45.95 -24.33
CA LYS B 375 -13.57 -44.77 -24.75
C LYS B 375 -15.04 -45.07 -24.93
N SER B 376 -15.36 -46.27 -25.42
CA SER B 376 -16.75 -46.63 -25.66
C SER B 376 -17.57 -46.60 -24.38
N GLN B 377 -17.01 -47.12 -23.28
CA GLN B 377 -17.75 -47.14 -22.02
C GLN B 377 -18.08 -45.73 -21.56
N ILE B 378 -17.11 -44.82 -21.67
CA ILE B 378 -17.35 -43.43 -21.28
C ILE B 378 -18.42 -42.81 -22.17
N LYS B 379 -18.34 -43.07 -23.48
CA LYS B 379 -19.34 -42.49 -24.38
C LYS B 379 -20.74 -43.01 -24.06
N ASP B 380 -20.84 -44.31 -23.79
CA ASP B 380 -22.14 -44.90 -23.47
C ASP B 380 -22.69 -44.30 -22.19
N TYR B 381 -21.85 -44.15 -21.17
CA TYR B 381 -22.32 -43.56 -19.92
C TYR B 381 -22.78 -42.12 -20.13
N LEU B 382 -22.03 -41.35 -20.94
CA LEU B 382 -22.41 -39.98 -21.20
C LEU B 382 -23.75 -39.89 -21.93
N SER B 383 -23.93 -40.72 -22.95
CA SER B 383 -25.19 -40.70 -23.71
C SER B 383 -26.37 -41.13 -22.85
N GLY B 384 -26.16 -42.10 -21.97
CA GLY B 384 -27.22 -42.64 -21.14
C GLY B 384 -27.54 -44.09 -21.39
N ARG B 385 -26.84 -44.75 -22.31
CA ARG B 385 -27.07 -46.17 -22.55
C ARG B 385 -26.77 -47.00 -21.31
N SER B 386 -25.79 -46.60 -20.51
CA SER B 386 -25.44 -47.31 -19.29
C SER B 386 -25.59 -46.35 -18.11
N ASN B 387 -25.81 -46.93 -16.93
CA ASN B 387 -26.11 -46.15 -15.74
C ASN B 387 -24.96 -46.04 -14.74
N ARG B 388 -23.85 -46.74 -14.93
CA ARG B 388 -22.81 -46.73 -13.92
C ARG B 388 -21.42 -46.72 -14.54
N LEU B 389 -20.48 -46.10 -13.81
CA LEU B 389 -19.07 -46.05 -14.16
C LEU B 389 -18.26 -46.05 -12.87
N TYR B 390 -17.03 -46.55 -12.95
CA TYR B 390 -16.12 -46.58 -11.81
C TYR B 390 -14.92 -45.70 -12.10
N PHE B 391 -14.55 -44.86 -11.13
CA PHE B 391 -13.42 -43.94 -11.26
C PHE B 391 -12.27 -44.46 -10.41
N LYS B 392 -11.19 -44.90 -11.06
CA LYS B 392 -10.03 -45.45 -10.36
C LYS B 392 -8.75 -45.03 -11.09
N GLY B 393 -8.34 -43.79 -10.92
CA GLY B 393 -7.15 -43.30 -11.57
C GLY B 393 -6.63 -42.05 -10.93
N ILE B 394 -5.61 -41.46 -11.56
CA ILE B 394 -5.03 -40.22 -11.04
C ILE B 394 -6.08 -39.11 -11.04
N MET B 395 -6.96 -39.10 -12.04
CA MET B 395 -7.97 -38.04 -12.15
C MET B 395 -8.92 -38.05 -10.96
N SER B 396 -9.16 -39.21 -10.36
CA SER B 396 -10.10 -39.30 -9.24
C SER B 396 -9.71 -38.38 -8.10
N PHE B 397 -8.40 -38.16 -7.90
CA PHE B 397 -7.93 -37.31 -6.82
C PHE B 397 -8.24 -35.84 -7.05
N TYR B 398 -8.65 -35.44 -8.25
CA TYR B 398 -9.00 -34.05 -8.55
C TYR B 398 -10.38 -34.03 -9.19
N PRO B 399 -11.43 -34.27 -8.40
CA PRO B 399 -12.78 -34.37 -8.98
C PRO B 399 -13.47 -33.05 -9.26
N LEU B 400 -12.96 -31.91 -8.82
CA LEU B 400 -13.67 -30.65 -8.98
C LEU B 400 -13.05 -29.72 -10.02
N VAL B 401 -12.05 -30.17 -10.77
CA VAL B 401 -11.41 -29.27 -11.74
C VAL B 401 -12.43 -28.88 -12.80
N ASN B 402 -12.42 -27.60 -13.17
CA ASN B 402 -13.32 -27.09 -14.20
C ASN B 402 -12.62 -26.33 -15.32
N ASP B 403 -11.29 -26.35 -15.37
CA ASP B 403 -10.53 -25.60 -16.37
C ASP B 403 -10.31 -26.48 -17.59
N VAL B 404 -10.65 -25.97 -18.76
CA VAL B 404 -10.57 -26.72 -20.02
C VAL B 404 -9.27 -26.46 -20.77
N GLU B 405 -8.74 -25.23 -20.74
CA GLU B 405 -7.55 -24.91 -21.53
C GLU B 405 -6.34 -25.75 -21.09
N GLN B 406 -6.17 -25.92 -19.78
CA GLN B 406 -5.03 -26.66 -19.27
C GLN B 406 -5.04 -28.10 -19.76
N LEU B 407 -6.22 -28.73 -19.77
CA LEU B 407 -6.33 -30.11 -20.22
C LEU B 407 -5.93 -30.24 -21.69
N LYS B 408 -6.34 -29.27 -22.52
CA LYS B 408 -5.96 -29.29 -23.93
C LYS B 408 -4.45 -29.16 -24.09
N GLN B 409 -3.83 -28.28 -23.29
CA GLN B 409 -2.39 -28.13 -23.38
C GLN B 409 -1.70 -29.43 -23.01
N LEU B 410 -2.21 -30.11 -21.97
CA LEU B 410 -1.62 -31.38 -21.56
C LEU B 410 -1.74 -32.42 -22.66
N ASP B 411 -2.89 -32.47 -23.33
CA ASP B 411 -3.07 -33.46 -24.40
C ASP B 411 -2.10 -33.21 -25.55
N GLY B 412 -1.90 -31.94 -25.91
CA GLY B 412 -0.93 -31.64 -26.95
C GLY B 412 0.46 -32.06 -26.55
N TRP B 413 0.81 -31.83 -25.27
CA TRP B 413 2.13 -32.22 -24.79
C TRP B 413 2.32 -33.72 -24.91
N ILE B 414 1.28 -34.50 -24.58
CA ILE B 414 1.40 -35.96 -24.64
C ILE B 414 1.66 -36.40 -26.07
N VAL B 415 0.91 -35.85 -27.03
CA VAL B 415 1.09 -36.29 -28.41
C VAL B 415 2.49 -35.97 -28.92
N SER B 416 2.97 -34.75 -28.63
CA SER B 416 4.30 -34.38 -29.11
C SER B 416 5.39 -35.26 -28.50
N VAL B 417 5.29 -35.52 -27.19
CA VAL B 417 6.30 -36.35 -26.53
C VAL B 417 6.31 -37.76 -27.11
N ILE B 418 5.13 -38.31 -27.40
CA ILE B 418 5.08 -39.65 -28.00
C ILE B 418 5.78 -39.66 -29.36
N TYR B 419 5.53 -38.62 -30.17
CA TYR B 419 6.15 -38.58 -31.49
C TYR B 419 7.67 -38.50 -31.39
N ARG B 420 8.18 -37.62 -30.51
CA ARG B 420 9.63 -37.47 -30.39
C ARG B 420 10.29 -38.74 -29.86
N ALA B 421 9.64 -39.42 -28.90
CA ALA B 421 10.21 -40.65 -28.38
C ALA B 421 10.28 -41.72 -29.46
N LEU B 422 9.25 -41.83 -30.29
CA LEU B 422 9.28 -42.82 -31.35
C LEU B 422 10.39 -42.52 -32.36
N LYS B 423 10.60 -41.23 -32.66
CA LYS B 423 11.67 -40.88 -33.58
C LYS B 423 13.04 -41.26 -33.02
N LEU B 424 13.28 -41.00 -31.73
CA LEU B 424 14.56 -41.38 -31.14
C LEU B 424 14.74 -42.90 -31.16
N ARG B 425 13.65 -43.65 -30.92
CA ARG B 425 13.75 -45.11 -30.98
C ARG B 425 14.15 -45.56 -32.38
N CYS B 426 13.57 -44.94 -33.41
CA CYS B 426 13.91 -45.31 -34.77
C CYS B 426 15.38 -45.05 -35.06
N GLN B 427 15.89 -43.90 -34.59
CA GLN B 427 17.31 -43.60 -34.82
C GLN B 427 18.20 -44.65 -34.16
N LEU B 428 17.90 -45.01 -32.91
CA LEU B 428 18.75 -46.00 -32.24
C LEU B 428 18.69 -47.35 -32.96
N LEU B 429 17.50 -47.74 -33.40
CA LEU B 429 17.39 -49.02 -34.11
C LEU B 429 18.21 -49.00 -35.40
N SER B 430 18.19 -47.87 -36.12
CA SER B 430 18.99 -47.77 -37.32
C SER B 430 20.47 -47.87 -36.98
N LYS B 431 20.88 -47.24 -35.87
CA LYS B 431 22.28 -47.29 -35.46
C LYS B 431 22.73 -48.73 -35.20
N TRP B 432 21.86 -49.55 -34.60
CA TRP B 432 22.22 -50.95 -34.38
C TRP B 432 22.28 -51.78 -35.66
N GLY B 433 21.76 -51.28 -36.78
CA GLY B 433 21.86 -51.98 -38.04
C GLY B 433 20.56 -52.50 -38.64
N TYR B 434 19.41 -52.11 -38.09
CA TYR B 434 18.12 -52.50 -38.65
C TYR B 434 17.40 -51.23 -39.10
N ASN B 435 16.90 -51.23 -40.33
CA ASN B 435 16.18 -50.08 -40.88
C ASN B 435 14.70 -50.43 -40.93
N ARG B 436 13.91 -49.70 -40.15
CA ARG B 436 12.47 -49.95 -40.06
C ARG B 436 11.67 -48.67 -40.25
N SER B 437 12.22 -47.71 -41.00
CA SER B 437 11.56 -46.42 -41.18
C SER B 437 10.21 -46.58 -41.89
N HIS B 438 10.16 -47.43 -42.91
CA HIS B 438 8.93 -47.62 -43.67
C HIS B 438 7.83 -48.22 -42.81
N ASN B 439 8.16 -49.21 -41.99
CA ASN B 439 7.14 -49.91 -41.22
C ASN B 439 6.52 -49.02 -40.14
N PHE B 440 5.27 -49.32 -39.80
CA PHE B 440 4.52 -48.65 -38.73
C PHE B 440 5.03 -49.11 -37.38
N PRO B 441 5.14 -48.21 -36.39
CA PRO B 441 4.51 -46.88 -36.27
C PRO B 441 5.47 -45.75 -36.61
N PHE B 442 6.60 -46.04 -37.26
CA PHE B 442 7.62 -45.05 -37.52
C PHE B 442 7.37 -44.26 -38.80
N ILE B 443 6.30 -44.56 -39.54
CA ILE B 443 6.00 -43.90 -40.80
C ILE B 443 4.94 -42.83 -40.64
N LEU B 444 4.50 -42.54 -39.41
CA LEU B 444 3.39 -41.62 -39.21
C LEU B 444 3.87 -40.26 -38.73
N ASP B 445 3.30 -39.22 -39.32
CA ASP B 445 3.57 -37.85 -38.93
C ASP B 445 2.75 -37.50 -37.69
N ARG B 446 3.12 -36.40 -37.03
CA ARG B 446 2.47 -36.03 -35.78
C ARG B 446 0.98 -35.83 -35.95
N GLU B 447 0.57 -35.18 -37.04
CA GLU B 447 -0.85 -34.88 -37.24
C GLU B 447 -1.68 -36.14 -37.39
N ASP B 448 -1.15 -37.17 -38.02
CA ASP B 448 -1.89 -38.39 -38.33
C ASP B 448 -1.83 -39.45 -37.24
N ILE B 449 -1.11 -39.22 -36.14
CA ILE B 449 -0.92 -40.25 -35.14
C ILE B 449 -2.25 -40.67 -34.51
N VAL B 450 -3.08 -39.70 -34.12
CA VAL B 450 -4.31 -40.01 -33.38
C VAL B 450 -5.27 -40.83 -34.23
N ASP B 451 -5.52 -40.41 -35.47
CA ASP B 451 -6.50 -41.11 -36.30
C ASP B 451 -6.05 -42.51 -36.66
N LYS B 452 -4.79 -42.67 -37.07
CA LYS B 452 -4.31 -43.98 -37.48
C LYS B 452 -4.31 -44.96 -36.32
N CYS B 453 -3.88 -44.52 -35.14
CA CYS B 453 -3.89 -45.40 -33.99
C CYS B 453 -5.32 -45.73 -33.59
N SER B 454 -6.22 -44.74 -33.68
CA SER B 454 -7.61 -44.95 -33.28
C SER B 454 -8.27 -46.02 -34.13
N LYS B 455 -8.07 -45.97 -35.45
CA LYS B 455 -8.74 -46.91 -36.34
C LYS B 455 -8.26 -48.34 -36.11
N LYS B 456 -6.97 -48.54 -35.89
CA LYS B 456 -6.41 -49.88 -35.74
C LYS B 456 -7.04 -50.64 -34.57
N THR B 457 -7.34 -51.92 -34.80
CA THR B 457 -7.96 -52.79 -33.82
C THR B 457 -7.20 -54.10 -33.75
N ILE B 458 -7.03 -54.62 -32.53
CA ILE B 458 -6.38 -55.91 -32.31
C ILE B 458 -7.31 -56.79 -31.47
N ALA B 459 -7.58 -57.99 -31.96
CA ALA B 459 -8.41 -58.99 -31.27
C ALA B 459 -9.82 -58.47 -31.01
N GLY B 460 -10.30 -57.58 -31.88
CA GLY B 460 -11.62 -57.02 -31.73
C GLY B 460 -11.74 -55.93 -30.68
N ARG B 461 -10.63 -55.49 -30.11
CA ARG B 461 -10.62 -54.42 -29.12
C ARG B 461 -9.64 -53.33 -29.57
N LYS B 462 -10.03 -52.08 -29.39
CA LYS B 462 -9.18 -50.96 -29.78
C LYS B 462 -8.21 -50.67 -28.64
N LEU B 463 -6.97 -51.13 -28.78
CA LEU B 463 -5.99 -50.99 -27.73
C LEU B 463 -4.92 -49.94 -28.03
N PHE B 464 -5.01 -49.26 -29.16
CA PHE B 464 -4.00 -48.26 -29.54
C PHE B 464 -4.51 -46.83 -29.38
N GLU B 465 -5.71 -46.65 -28.84
CA GLU B 465 -6.28 -45.32 -28.69
C GLU B 465 -5.49 -44.49 -27.70
N ILE B 466 -5.27 -43.22 -28.03
CA ILE B 466 -4.52 -42.31 -27.17
C ILE B 466 -5.46 -41.69 -26.15
N PRO B 467 -5.15 -41.77 -24.85
CA PRO B 467 -6.05 -41.24 -23.83
C PRO B 467 -6.17 -39.72 -23.90
N SER B 468 -7.35 -39.22 -23.53
CA SER B 468 -7.66 -37.79 -23.54
C SER B 468 -8.22 -37.38 -22.18
N PHE B 469 -7.70 -36.27 -21.65
CA PHE B 469 -8.17 -35.75 -20.37
C PHE B 469 -9.59 -35.20 -20.48
N LEU B 470 -9.93 -34.55 -21.58
CA LEU B 470 -11.23 -33.88 -21.69
C LEU B 470 -12.39 -34.86 -21.54
N LEU B 471 -12.30 -36.04 -22.16
CA LEU B 471 -13.41 -36.99 -22.08
C LEU B 471 -13.67 -37.44 -20.64
N ILE B 472 -12.61 -37.75 -19.89
CA ILE B 472 -12.79 -38.12 -18.49
C ILE B 472 -13.31 -36.93 -17.70
N HIS B 473 -12.87 -35.71 -18.05
CA HIS B 473 -13.34 -34.54 -17.35
C HIS B 473 -14.85 -34.38 -17.53
N LYS B 474 -15.33 -34.61 -18.75
CA LYS B 474 -16.77 -34.51 -19.01
C LYS B 474 -17.52 -35.55 -18.19
N ALA B 475 -16.99 -36.77 -18.15
CA ALA B 475 -17.67 -37.82 -17.38
C ALA B 475 -17.71 -37.45 -15.90
N LEU B 476 -16.61 -36.91 -15.39
CA LEU B 476 -16.57 -36.51 -13.97
C LEU B 476 -17.58 -35.41 -13.68
N GLN B 477 -17.67 -34.41 -14.57
CA GLN B 477 -18.60 -33.31 -14.35
C GLN B 477 -20.04 -33.83 -14.36
N LYS B 478 -20.37 -34.71 -15.31
CA LYS B 478 -21.72 -35.24 -15.34
C LYS B 478 -22.02 -36.04 -14.08
N GLY B 479 -21.05 -36.85 -13.62
CA GLY B 479 -21.27 -37.62 -12.42
C GLY B 479 -21.49 -36.73 -11.21
N LEU B 480 -20.71 -35.66 -11.11
CA LEU B 480 -20.85 -34.73 -9.99
C LEU B 480 -22.21 -34.04 -10.01
N GLN B 481 -22.67 -33.62 -11.19
CA GLN B 481 -23.95 -32.92 -11.28
C GLN B 481 -25.10 -33.82 -10.88
N GLU B 482 -25.08 -35.08 -11.31
CA GLU B 482 -26.15 -36.03 -11.06
C GLU B 482 -25.99 -36.80 -9.76
N SER B 483 -24.96 -36.50 -8.96
CA SER B 483 -24.71 -37.23 -7.72
C SER B 483 -24.01 -36.29 -6.75
N GLY B 484 -23.27 -36.85 -5.80
CA GLY B 484 -22.59 -36.06 -4.81
C GLY B 484 -21.11 -36.41 -4.73
N ILE B 485 -20.35 -35.49 -4.15
CA ILE B 485 -18.90 -35.68 -4.01
C ILE B 485 -18.61 -36.94 -3.20
N GLU B 486 -19.40 -37.19 -2.16
CA GLU B 486 -19.20 -38.40 -1.36
C GLU B 486 -19.40 -39.66 -2.20
N LYS B 487 -20.43 -39.66 -3.06
CA LYS B 487 -20.69 -40.83 -3.90
C LYS B 487 -19.55 -41.07 -4.88
N ILE B 488 -19.04 -40.01 -5.52
CA ILE B 488 -17.94 -40.17 -6.46
C ILE B 488 -16.68 -40.64 -5.75
N MET B 489 -16.41 -40.11 -4.56
CA MET B 489 -15.24 -40.50 -3.80
C MET B 489 -15.53 -41.71 -2.92
N MET C 1 -55.96 18.79 -26.48
CA MET C 1 -55.97 18.90 -27.94
C MET C 1 -55.76 17.53 -28.59
N LYS C 2 -56.24 17.39 -29.82
CA LYS C 2 -56.12 16.13 -30.53
C LYS C 2 -54.66 15.83 -30.86
N LEU C 3 -54.40 14.53 -31.08
CA LEU C 3 -53.05 14.07 -31.39
C LEU C 3 -52.53 14.70 -32.69
N GLU C 4 -53.41 14.85 -33.69
CA GLU C 4 -52.99 15.34 -35.00
C GLU C 4 -52.39 16.74 -34.90
N GLN C 5 -53.01 17.63 -34.12
CA GLN C 5 -52.51 18.99 -34.01
C GLN C 5 -51.08 19.01 -33.44
N GLN C 6 -50.85 18.23 -32.39
CA GLN C 6 -49.54 18.19 -31.78
C GLN C 6 -48.50 17.65 -32.74
N ILE C 7 -48.86 16.57 -33.45
CA ILE C 7 -47.90 15.97 -34.39
C ILE C 7 -47.56 16.98 -35.48
N GLN C 8 -48.57 17.70 -35.97
CA GLN C 8 -48.34 18.68 -37.03
C GLN C 8 -47.39 19.77 -36.54
N ARG C 9 -47.62 20.27 -35.33
CA ARG C 9 -46.78 21.35 -34.82
C ARG C 9 -45.32 20.90 -34.70
N VAL C 10 -45.10 19.70 -34.16
CA VAL C 10 -43.72 19.24 -33.98
C VAL C 10 -43.02 19.07 -35.33
N ILE C 11 -43.72 18.46 -36.30
CA ILE C 11 -43.10 18.23 -37.60
C ILE C 11 -42.75 19.55 -38.27
N LEU C 12 -43.67 20.52 -38.19
CA LEU C 12 -43.42 21.82 -38.81
C LEU C 12 -42.21 22.49 -38.18
N GLU C 13 -42.11 22.45 -36.85
CA GLU C 13 -40.99 23.11 -36.19
C GLU C 13 -39.66 22.48 -36.60
N GLU C 14 -39.62 21.15 -36.68
CA GLU C 14 -38.38 20.47 -37.05
C GLU C 14 -37.95 20.85 -38.47
N ALA C 15 -38.91 20.85 -39.40
CA ALA C 15 -38.58 21.17 -40.78
C ALA C 15 -38.06 22.60 -40.91
N LYS C 16 -38.71 23.54 -40.22
CA LYS C 16 -38.29 24.94 -40.31
C LYS C 16 -36.89 25.12 -39.76
N ALA C 17 -36.57 24.41 -38.67
CA ALA C 17 -35.23 24.52 -38.10
C ALA C 17 -34.18 24.05 -39.10
N LEU C 18 -34.38 22.86 -39.67
CA LEU C 18 -33.38 22.31 -40.59
C LEU C 18 -33.19 23.23 -41.79
N ILE C 19 -34.29 23.70 -42.39
CA ILE C 19 -34.19 24.62 -43.52
C ILE C 19 -33.33 25.83 -43.15
N LYS C 20 -33.67 26.47 -42.03
CA LYS C 20 -32.92 27.63 -41.56
C LYS C 20 -31.43 27.35 -41.57
N ASP C 21 -31.04 26.24 -40.93
CA ASP C 21 -29.63 25.87 -40.86
C ASP C 21 -29.02 25.86 -42.26
N TYR C 22 -29.58 25.04 -43.16
CA TYR C 22 -29.04 24.93 -44.51
C TYR C 22 -28.77 26.29 -45.15
N HIS C 23 -29.72 27.21 -44.97
CA HIS C 23 -29.61 28.52 -45.61
C HIS C 23 -28.43 29.30 -45.05
N GLU C 24 -28.23 29.22 -43.73
CA GLU C 24 -27.09 29.89 -43.12
C GLU C 24 -25.80 29.28 -43.63
N TYR C 25 -25.79 27.96 -43.82
CA TYR C 25 -24.59 27.28 -44.27
C TYR C 25 -24.14 27.83 -45.62
N HIS C 26 -25.04 27.80 -46.62
CA HIS C 26 -24.60 28.20 -47.94
C HIS C 26 -24.19 29.68 -47.97
N ASN C 27 -24.91 30.54 -47.22
CA ASN C 27 -24.53 31.95 -47.23
C ASN C 27 -23.14 32.17 -46.65
N ARG C 28 -22.81 31.46 -45.57
CA ARG C 28 -21.49 31.58 -44.98
C ARG C 28 -20.42 31.09 -45.95
N VAL C 29 -20.70 30.00 -46.66
CA VAL C 29 -19.72 29.47 -47.61
C VAL C 29 -19.43 30.51 -48.69
N HIS C 30 -20.47 31.23 -49.14
CA HIS C 30 -20.23 32.27 -50.14
C HIS C 30 -19.31 33.35 -49.61
N LEU C 31 -19.57 33.82 -48.38
CA LEU C 31 -18.71 34.88 -47.84
C LEU C 31 -17.27 34.42 -47.69
N GLU C 32 -17.07 33.20 -47.20
CA GLU C 32 -15.72 32.68 -47.02
C GLU C 32 -15.00 32.56 -48.36
N SER C 33 -15.72 32.12 -49.41
CA SER C 33 -15.10 32.00 -50.72
C SER C 33 -14.65 33.38 -51.22
N VAL C 34 -15.47 34.39 -50.99
CA VAL C 34 -15.12 35.75 -51.43
C VAL C 34 -13.84 36.20 -50.74
N ARG C 35 -13.73 35.98 -49.43
CA ARG C 35 -12.51 36.37 -48.72
C ARG C 35 -11.30 35.57 -49.21
N ASN C 36 -11.49 34.27 -49.46
CA ASN C 36 -10.38 33.43 -49.91
C ASN C 36 -9.82 33.90 -51.25
N LYS C 37 -10.70 34.38 -52.13
CA LYS C 37 -10.23 34.82 -53.44
C LYS C 37 -9.22 35.96 -53.30
N LYS C 38 -9.51 36.92 -52.42
CA LYS C 38 -8.56 37.99 -52.17
C LYS C 38 -7.30 37.48 -51.49
N ARG C 39 -7.43 36.56 -50.52
CA ARG C 39 -6.24 36.12 -49.79
C ARG C 39 -5.26 35.36 -50.68
N LEU C 40 -5.75 34.44 -51.51
CA LEU C 40 -4.87 33.59 -52.30
C LEU C 40 -4.69 34.06 -53.75
N GLY C 41 -5.17 35.24 -54.09
CA GLY C 41 -4.97 35.76 -55.43
C GLY C 41 -5.57 34.86 -56.50
N ASP C 42 -4.77 34.54 -57.52
CA ASP C 42 -5.25 33.75 -58.64
C ASP C 42 -5.10 32.25 -58.46
N SER C 43 -4.54 31.80 -57.34
CA SER C 43 -4.42 30.37 -57.07
C SER C 43 -5.61 29.82 -56.28
N ALA C 44 -6.60 30.66 -55.99
CA ALA C 44 -7.73 30.23 -55.17
C ALA C 44 -8.56 29.16 -55.90
N PRO C 45 -8.99 28.13 -55.19
CA PRO C 45 -9.88 27.13 -55.79
C PRO C 45 -11.30 27.65 -55.91
N ASP C 46 -12.06 27.02 -56.80
CA ASP C 46 -13.43 27.43 -57.03
C ASP C 46 -14.37 26.90 -55.96
N LYS C 47 -15.47 27.61 -55.76
CA LYS C 47 -16.45 27.27 -54.73
C LYS C 47 -17.22 26.01 -55.08
N LYS C 48 -17.46 25.17 -54.09
CA LYS C 48 -18.26 23.95 -54.24
C LYS C 48 -19.29 23.87 -53.13
N ILE C 49 -20.55 23.60 -53.50
CA ILE C 49 -21.67 23.50 -52.57
C ILE C 49 -22.18 22.07 -52.57
N HIS C 50 -22.42 21.52 -51.38
CA HIS C 50 -22.83 20.14 -51.25
C HIS C 50 -24.10 20.03 -50.40
N ARG C 51 -24.82 18.92 -50.61
CA ARG C 51 -26.02 18.53 -49.89
C ARG C 51 -25.79 17.19 -49.20
N PRO C 52 -26.37 16.97 -48.02
CA PRO C 52 -26.08 15.73 -47.29
C PRO C 52 -26.44 14.51 -48.12
N ASN C 53 -25.56 13.50 -48.08
CA ASN C 53 -25.74 12.31 -48.91
C ASN C 53 -26.98 11.53 -48.51
N TYR C 54 -27.24 11.39 -47.21
CA TYR C 54 -28.36 10.57 -46.77
C TYR C 54 -29.72 11.11 -47.22
N TRP C 55 -29.78 12.38 -47.61
CA TRP C 55 -31.05 12.94 -48.09
C TRP C 55 -31.56 12.19 -49.31
N SER C 56 -30.64 11.73 -50.17
CA SER C 56 -31.01 11.06 -51.41
C SER C 56 -31.70 9.72 -51.15
N PHE C 57 -31.29 8.98 -50.12
CA PHE C 57 -31.80 7.62 -49.93
C PHE C 57 -33.31 7.59 -49.77
N ASP C 58 -33.88 8.52 -48.98
CA ASP C 58 -35.33 8.54 -48.85
C ASP C 58 -35.81 9.99 -48.85
N LYS C 59 -37.02 10.19 -49.39
CA LYS C 59 -37.60 11.52 -49.45
C LYS C 59 -37.90 12.09 -48.06
N LYS C 60 -38.18 11.24 -47.08
CA LYS C 60 -38.50 11.73 -45.74
C LYS C 60 -37.33 12.45 -45.10
N PHE C 61 -36.10 12.01 -45.39
CA PHE C 61 -34.92 12.67 -44.83
C PHE C 61 -34.83 14.13 -45.26
N ASP C 62 -35.16 14.41 -46.51
CA ASP C 62 -35.06 15.77 -47.03
C ASP C 62 -36.08 16.67 -46.35
N PRO C 63 -35.66 17.81 -45.79
CA PRO C 63 -36.61 18.68 -45.05
C PRO C 63 -37.67 19.31 -45.93
N PHE C 64 -37.32 19.75 -47.13
CA PHE C 64 -38.25 20.49 -47.98
C PHE C 64 -39.45 19.64 -48.36
N TYR C 65 -39.23 18.38 -48.72
CA TYR C 65 -40.36 17.52 -49.10
C TYR C 65 -41.31 17.35 -47.93
N VAL C 66 -40.76 17.13 -46.73
CA VAL C 66 -41.61 16.95 -45.55
C VAL C 66 -42.39 18.23 -45.28
N LYS C 67 -41.75 19.39 -45.50
CA LYS C 67 -42.46 20.65 -45.36
C LYS C 67 -43.60 20.76 -46.36
N SER C 68 -43.40 20.24 -47.57
CA SER C 68 -44.45 20.32 -48.58
C SER C 68 -45.70 19.55 -48.16
N ASN C 69 -45.53 18.37 -47.54
CA ASN C 69 -46.65 17.52 -47.17
C ASN C 69 -46.55 17.18 -45.68
N TYR C 70 -46.86 18.15 -44.83
CA TYR C 70 -46.80 17.96 -43.39
C TYR C 70 -48.15 17.61 -42.78
N LYS C 71 -49.22 17.59 -43.59
CA LYS C 71 -50.55 17.27 -43.10
C LYS C 71 -50.92 15.81 -43.27
N SER C 72 -50.63 15.23 -44.45
CA SER C 72 -50.99 13.84 -44.70
C SER C 72 -50.28 12.90 -43.73
N ILE C 73 -48.98 13.15 -43.49
CA ILE C 73 -48.20 12.28 -42.61
C ILE C 73 -48.78 12.28 -41.21
N ALA C 74 -49.19 13.44 -40.71
CA ALA C 74 -49.73 13.52 -39.36
C ALA C 74 -50.99 12.69 -39.23
N ARG C 75 -51.90 12.81 -40.21
CA ARG C 75 -53.15 12.06 -40.16
C ARG C 75 -52.88 10.57 -40.23
N SER C 76 -51.99 10.15 -41.13
CA SER C 76 -51.70 8.74 -41.27
C SER C 76 -51.09 8.19 -39.99
N ILE C 77 -50.16 8.94 -39.40
CA ILE C 77 -49.50 8.48 -38.17
C ILE C 77 -50.53 8.36 -37.06
N ALA C 78 -51.41 9.35 -36.92
CA ALA C 78 -52.41 9.29 -35.86
C ALA C 78 -53.32 8.08 -36.02
N ASN C 79 -53.75 7.81 -37.26
CA ASN C 79 -54.61 6.66 -37.49
C ASN C 79 -53.88 5.36 -37.18
N LYS C 80 -52.62 5.26 -37.62
CA LYS C 80 -51.85 4.03 -37.36
C LYS C 80 -51.64 3.83 -35.86
N ILE C 81 -51.42 4.92 -35.13
CA ILE C 81 -51.23 4.84 -33.69
C ILE C 81 -52.51 4.35 -33.02
N GLU C 82 -53.67 4.89 -33.42
CA GLU C 82 -54.93 4.47 -32.82
C GLU C 82 -55.19 2.99 -33.09
N ASN C 83 -54.89 2.53 -34.30
CA ASN C 83 -55.03 1.13 -34.67
C ASN C 83 -54.00 0.23 -34.01
N ARG C 84 -52.99 0.79 -33.34
CA ARG C 84 -51.92 0.03 -32.69
C ARG C 84 -51.09 -0.75 -33.70
N THR C 85 -50.93 -0.22 -34.91
CA THR C 85 -50.10 -0.82 -35.94
C THR C 85 -48.85 -0.01 -36.27
N TYR C 86 -48.60 1.08 -35.53
CA TYR C 86 -47.48 1.95 -35.83
C TYR C 86 -46.14 1.26 -35.56
N LEU C 87 -45.16 1.49 -36.44
CA LEU C 87 -43.83 0.98 -36.22
C LEU C 87 -42.84 1.96 -36.83
N PRO C 88 -41.76 2.28 -36.13
CA PRO C 88 -40.77 3.23 -36.68
C PRO C 88 -39.98 2.63 -37.83
N ASN C 89 -39.68 3.47 -38.82
CA ASN C 89 -38.91 3.02 -39.96
C ASN C 89 -37.45 2.86 -39.59
N GLU C 90 -36.73 2.07 -40.39
CA GLU C 90 -35.34 1.76 -40.09
C GLU C 90 -34.48 3.02 -40.13
N PRO C 91 -33.55 3.18 -39.19
CA PRO C 91 -32.67 4.34 -39.19
C PRO C 91 -31.44 4.13 -40.08
N PHE C 92 -30.77 5.23 -40.39
CA PHE C 92 -29.53 5.22 -41.16
C PHE C 92 -28.37 5.26 -40.18
N THR C 93 -27.49 4.27 -40.25
CA THR C 93 -26.39 4.11 -39.32
C THR C 93 -25.05 4.13 -40.05
N LYS C 94 -24.12 4.93 -39.55
CA LYS C 94 -22.77 5.00 -40.08
C LYS C 94 -21.78 4.82 -38.94
N ASP C 95 -20.87 3.85 -39.09
CA ASP C 95 -19.86 3.59 -38.09
C ASP C 95 -18.76 4.64 -38.12
N VAL C 96 -18.13 4.85 -36.96
CA VAL C 96 -17.02 5.77 -36.85
C VAL C 96 -15.85 5.08 -36.17
N PRO C 97 -15.18 4.12 -36.82
CA PRO C 97 -14.12 3.36 -36.16
C PRO C 97 -12.98 4.28 -35.71
N LYS C 98 -12.56 4.09 -34.47
CA LYS C 98 -11.48 4.88 -33.89
C LYS C 98 -10.89 4.11 -32.71
N PRO C 99 -9.68 4.45 -32.29
CA PRO C 99 -9.12 3.80 -31.08
C PRO C 99 -9.95 4.07 -29.84
N ASP C 100 -10.47 5.29 -29.69
CA ASP C 100 -11.33 5.66 -28.58
C ASP C 100 -12.78 5.55 -29.01
N GLY C 101 -13.57 4.80 -28.27
CA GLY C 101 -14.95 4.59 -28.63
C GLY C 101 -15.19 3.41 -29.56
N GLY C 102 -14.13 2.74 -29.99
CA GLY C 102 -14.28 1.58 -30.86
C GLY C 102 -15.06 1.88 -32.12
N ILE C 103 -16.05 1.04 -32.42
CA ILE C 103 -16.86 1.23 -33.61
C ILE C 103 -17.60 2.56 -33.58
N ARG C 104 -18.13 2.92 -32.40
CA ARG C 104 -18.81 4.21 -32.19
C ARG C 104 -19.83 4.48 -33.28
N LYS C 105 -20.68 3.48 -33.52
CA LYS C 105 -21.74 3.62 -34.52
C LYS C 105 -22.73 4.71 -34.11
N VAL C 106 -23.15 5.51 -35.08
CA VAL C 106 -24.10 6.59 -34.86
C VAL C 106 -25.26 6.39 -35.83
N SER C 107 -26.47 6.68 -35.36
CA SER C 107 -27.68 6.46 -36.13
C SER C 107 -28.51 7.73 -36.19
N ILE C 108 -29.10 8.01 -37.35
CA ILE C 108 -29.98 9.14 -37.55
C ILE C 108 -31.34 8.61 -38.02
N TYR C 109 -32.40 9.21 -37.51
CA TYR C 109 -33.76 8.79 -37.79
C TYR C 109 -34.47 9.83 -38.66
N GLN C 110 -35.51 9.37 -39.34
CA GLN C 110 -36.30 10.25 -40.18
C GLN C 110 -37.00 11.30 -39.32
N ILE C 111 -37.49 12.36 -39.97
CA ILE C 111 -38.06 13.48 -39.21
C ILE C 111 -39.33 13.10 -38.45
N PRO C 112 -40.29 12.36 -39.02
CA PRO C 112 -41.51 12.06 -38.25
C PRO C 112 -41.24 11.23 -37.01
N ASP C 113 -40.41 10.19 -37.11
CA ASP C 113 -40.11 9.36 -35.96
C ASP C 113 -39.42 10.16 -34.87
N ALA C 114 -38.47 11.01 -35.26
CA ALA C 114 -37.78 11.84 -34.27
C ALA C 114 -38.75 12.78 -33.58
N ALA C 115 -39.69 13.36 -34.34
CA ALA C 115 -40.67 14.25 -33.75
C ALA C 115 -41.55 13.52 -32.74
N ILE C 116 -41.98 12.30 -33.10
CA ILE C 116 -42.81 11.52 -32.18
C ILE C 116 -42.05 11.19 -30.91
N SER C 117 -40.79 10.77 -31.05
CA SER C 117 -39.98 10.42 -29.89
C SER C 117 -39.80 11.63 -28.99
N LYS C 118 -39.51 12.80 -29.58
CA LYS C 118 -39.32 14.00 -28.78
C LYS C 118 -40.59 14.35 -28.02
N LEU C 119 -41.75 14.27 -28.68
CA LEU C 119 -42.99 14.64 -28.03
C LEU C 119 -43.26 13.72 -26.84
N PHE C 120 -43.14 12.41 -27.05
CA PHE C 120 -43.43 11.47 -25.97
C PHE C 120 -42.43 11.63 -24.83
N PHE C 121 -41.15 11.82 -25.17
CA PHE C 121 -40.14 11.97 -24.13
C PHE C 121 -40.43 13.21 -23.28
N ASN C 122 -40.83 14.30 -23.93
CA ASN C 122 -41.12 15.52 -23.18
C ASN C 122 -42.30 15.29 -22.24
N ARG C 123 -43.35 14.62 -22.72
CA ARG C 123 -44.50 14.41 -21.83
C ARG C 123 -44.13 13.53 -20.64
N LEU C 124 -43.40 12.44 -20.90
CA LEU C 124 -43.03 11.54 -19.81
C LEU C 124 -42.14 12.25 -18.80
N LEU C 125 -41.16 13.03 -19.28
CA LEU C 125 -40.28 13.74 -18.38
C LEU C 125 -41.07 14.73 -17.54
N ALA C 126 -42.04 15.41 -18.15
CA ALA C 126 -42.81 16.40 -17.42
C ALA C 126 -43.60 15.74 -16.30
N LYS C 127 -44.28 14.62 -16.58
CA LYS C 127 -45.06 13.98 -15.54
C LYS C 127 -44.19 13.38 -14.43
N ASN C 128 -43.05 12.77 -14.77
CA ASN C 128 -42.25 12.05 -13.78
C ASN C 128 -40.99 12.80 -13.35
N ARG C 129 -40.93 14.12 -13.56
CA ARG C 129 -39.73 14.87 -13.23
C ARG C 129 -39.41 14.84 -11.73
N HIS C 130 -40.43 14.92 -10.88
CA HIS C 130 -40.19 15.01 -9.44
C HIS C 130 -39.46 13.78 -8.90
N ARG C 131 -39.79 12.57 -9.38
CA ARG C 131 -39.16 11.36 -8.88
C ARG C 131 -37.80 11.10 -9.56
N PHE C 132 -36.88 12.04 -9.37
CA PHE C 132 -35.54 11.88 -9.91
C PHE C 132 -34.53 12.55 -8.98
N SER C 133 -33.34 11.97 -8.91
CA SER C 133 -32.29 12.48 -8.03
C SER C 133 -31.69 13.76 -8.60
N SER C 134 -31.16 14.59 -7.69
CA SER C 134 -30.49 15.85 -8.04
C SER C 134 -29.60 15.74 -9.27
N ARG C 143 -26.02 21.00 -18.15
CA ARG C 143 -25.25 22.23 -17.97
C ARG C 143 -25.21 22.65 -16.51
N ASN C 144 -25.80 21.84 -15.64
CA ASN C 144 -25.80 22.09 -14.21
C ASN C 144 -24.67 21.38 -13.47
N VAL C 145 -23.79 20.68 -14.19
CA VAL C 145 -22.69 19.95 -13.55
C VAL C 145 -21.74 20.90 -12.85
N HIS C 146 -21.75 22.18 -13.22
CA HIS C 146 -20.83 23.14 -12.62
C HIS C 146 -21.05 23.24 -11.11
N PHE C 147 -22.31 23.19 -10.68
CA PHE C 147 -22.60 23.23 -9.25
C PHE C 147 -21.97 22.04 -8.55
N ALA C 148 -22.01 20.87 -9.19
CA ALA C 148 -21.36 19.70 -8.63
C ALA C 148 -19.87 19.91 -8.53
N ILE C 149 -19.28 20.57 -9.54
CA ILE C 149 -17.85 20.84 -9.51
C ILE C 149 -17.52 21.74 -8.32
N GLN C 150 -18.37 22.73 -8.07
CA GLN C 150 -18.14 23.60 -6.91
C GLN C 150 -18.19 22.80 -5.62
N ASP C 151 -19.18 21.91 -5.50
CA ASP C 151 -19.33 21.15 -4.27
C ASP C 151 -18.14 20.24 -4.03
N ILE C 152 -17.69 19.52 -5.06
CA ILE C 152 -16.56 18.63 -4.88
C ILE C 152 -15.31 19.43 -4.53
N SER C 153 -15.12 20.59 -5.18
CA SER C 153 -13.94 21.39 -4.89
C SER C 153 -13.96 21.85 -3.44
N VAL C 154 -15.12 22.30 -2.95
CA VAL C 154 -15.23 22.75 -1.57
C VAL C 154 -14.91 21.61 -0.62
N ASP C 155 -15.46 20.42 -0.88
CA ASP C 155 -15.18 19.29 -0.01
C ASP C 155 -13.71 18.92 -0.02
N LEU C 156 -13.08 18.96 -1.21
CA LEU C 156 -11.66 18.63 -1.31
C LEU C 156 -10.82 19.61 -0.50
N LYS C 157 -11.18 20.89 -0.56
CA LYS C 157 -10.45 21.89 0.22
C LYS C 157 -10.65 21.70 1.71
N LYS C 158 -11.86 21.31 2.12
CA LYS C 158 -12.18 21.22 3.55
C LYS C 158 -11.25 20.27 4.29
N ASN C 159 -11.00 19.08 3.74
CA ASN C 159 -10.06 18.14 4.32
C ASN C 159 -9.07 17.69 3.26
N GLU C 160 -7.78 17.73 3.59
CA GLU C 160 -6.74 17.43 2.61
C GLU C 160 -6.83 16.01 2.08
N ARG C 161 -7.18 15.05 2.95
CA ARG C 161 -7.20 13.64 2.57
C ARG C 161 -8.64 13.21 2.25
N THR C 162 -8.85 12.72 1.03
CA THR C 162 -10.15 12.23 0.60
C THR C 162 -9.97 10.94 -0.18
N PHE C 163 -10.96 10.05 -0.08
CA PHE C 163 -10.95 8.76 -0.76
C PHE C 163 -11.84 8.84 -1.99
N LEU C 164 -11.32 8.41 -3.14
CA LEU C 164 -12.02 8.50 -4.41
C LEU C 164 -12.05 7.16 -5.12
N ALA C 165 -13.16 6.89 -5.80
CA ALA C 165 -13.33 5.72 -6.64
C ALA C 165 -13.94 6.17 -7.96
N GLU C 166 -13.33 5.77 -9.07
CA GLU C 166 -13.77 6.18 -10.40
C GLU C 166 -14.07 4.96 -11.26
N PHE C 167 -15.27 4.94 -11.84
CA PHE C 167 -15.71 3.83 -12.70
C PHE C 167 -16.08 4.39 -14.06
N ASP C 168 -15.59 3.74 -15.12
CA ASP C 168 -15.92 4.09 -16.49
C ASP C 168 -16.78 2.98 -17.09
N PHE C 169 -18.03 3.28 -17.36
CA PHE C 169 -18.90 2.30 -18.01
C PHE C 169 -18.48 2.10 -19.46
N SER C 170 -18.55 0.85 -19.92
CA SER C 170 -18.24 0.51 -21.30
C SER C 170 -19.47 -0.14 -21.94
N ASP C 171 -19.88 0.38 -23.09
CA ASP C 171 -21.01 -0.16 -23.84
C ASP C 171 -22.25 -0.27 -22.95
N PHE C 172 -22.51 0.80 -22.20
CA PHE C 172 -23.65 0.82 -21.30
C PHE C 172 -24.96 0.67 -22.06
N PHE C 173 -25.12 1.44 -23.14
CA PHE C 173 -26.36 1.41 -23.91
C PHE C 173 -26.55 0.07 -24.60
N GLY C 174 -25.47 -0.53 -25.11
CA GLY C 174 -25.57 -1.76 -25.85
C GLY C 174 -26.06 -2.98 -25.08
N SER C 175 -25.67 -3.11 -23.81
CA SER C 175 -25.92 -4.34 -23.07
C SER C 175 -27.13 -4.31 -22.13
N ILE C 176 -27.94 -3.25 -22.14
CA ILE C 176 -29.06 -3.22 -21.20
C ILE C 176 -30.01 -4.37 -21.47
N SER C 177 -30.41 -5.08 -20.41
CA SER C 177 -31.31 -6.22 -20.53
C SER C 177 -32.77 -5.77 -20.52
N HIS C 178 -33.55 -6.21 -21.51
CA HIS C 178 -34.95 -5.82 -21.59
C HIS C 178 -35.76 -6.34 -20.40
N SER C 179 -35.44 -7.56 -19.94
CA SER C 179 -36.18 -8.12 -18.81
C SER C 179 -36.05 -7.23 -17.59
N PHE C 180 -34.84 -6.72 -17.34
CA PHE C 180 -34.63 -5.85 -16.19
C PHE C 180 -35.51 -4.61 -16.30
N LEU C 181 -35.57 -4.02 -17.50
CA LEU C 181 -36.39 -2.83 -17.72
C LEU C 181 -37.86 -3.15 -17.49
N ASN C 182 -38.30 -4.31 -17.96
CA ASN C 182 -39.69 -4.71 -17.77
C ASN C 182 -39.99 -4.79 -16.29
N GLU C 183 -39.06 -5.33 -15.52
CA GLU C 183 -39.25 -5.42 -14.07
C GLU C 183 -39.34 -4.02 -13.46
N GLN C 184 -38.49 -3.09 -13.91
CA GLN C 184 -38.53 -1.74 -13.37
C GLN C 184 -39.85 -1.07 -13.67
N PHE C 185 -40.43 -1.35 -14.84
CA PHE C 185 -41.67 -0.68 -15.23
C PHE C 185 -42.79 -0.93 -14.24
N ASN C 186 -42.96 -2.18 -13.81
CA ASN C 186 -44.04 -2.52 -12.89
C ASN C 186 -43.83 -1.87 -11.53
N GLU C 187 -42.60 -1.90 -11.02
CA GLU C 187 -42.29 -1.36 -9.71
C GLU C 187 -41.97 0.14 -9.81
N ASN C 188 -41.71 0.75 -8.64
CA ASN C 188 -41.29 2.13 -8.42
C ASN C 188 -42.47 3.11 -8.49
N GLY C 189 -43.68 2.64 -8.76
CA GLY C 189 -44.85 3.53 -8.76
C GLY C 189 -44.77 4.70 -9.69
N PHE C 190 -44.21 4.51 -10.89
CA PHE C 190 -44.18 5.56 -11.90
C PHE C 190 -45.51 5.59 -12.64
N TYR C 191 -45.80 6.73 -13.27
CA TYR C 191 -47.02 6.91 -14.05
C TYR C 191 -46.67 6.77 -15.53
N ILE C 192 -47.10 5.66 -16.14
CA ILE C 192 -46.90 5.42 -17.55
C ILE C 192 -48.22 4.93 -18.14
N SER C 193 -48.73 5.64 -19.14
CA SER C 193 -49.99 5.29 -19.77
C SER C 193 -49.79 4.13 -20.74
N PRO C 194 -50.87 3.49 -21.19
CA PRO C 194 -50.70 2.34 -22.11
C PRO C 194 -50.04 2.74 -23.42
N GLU C 195 -50.40 3.91 -23.97
CA GLU C 195 -49.82 4.35 -25.23
C GLU C 195 -48.31 4.52 -25.12
N GLU C 196 -47.85 5.10 -24.01
CA GLU C 196 -46.42 5.30 -23.84
C GLU C 196 -45.68 3.96 -23.83
N LYS C 197 -46.23 2.97 -23.11
CA LYS C 197 -45.61 1.66 -23.07
C LYS C 197 -45.59 1.04 -24.47
N PHE C 198 -46.66 1.23 -25.22
CA PHE C 198 -46.74 0.70 -26.57
C PHE C 198 -45.64 1.31 -27.43
N ILE C 199 -45.46 2.63 -27.34
CA ILE C 199 -44.45 3.31 -28.14
C ILE C 199 -43.05 2.84 -27.76
N ILE C 200 -42.80 2.69 -26.46
CA ILE C 200 -41.48 2.24 -26.02
C ILE C 200 -41.19 0.84 -26.56
N ARG C 201 -42.18 -0.06 -26.47
CA ARG C 201 -41.99 -1.41 -27.01
C ARG C 201 -41.77 -1.34 -28.52
N SER C 202 -42.48 -0.46 -29.21
CA SER C 202 -42.32 -0.33 -30.65
C SER C 202 -40.90 0.10 -30.99
N PHE C 203 -40.36 1.05 -30.23
CA PHE C 203 -39.00 1.53 -30.47
C PHE C 203 -37.98 0.43 -30.21
N LEU C 204 -38.16 -0.38 -29.16
CA LEU C 204 -37.24 -1.48 -28.93
C LEU C 204 -37.23 -2.45 -30.11
N ARG C 205 -38.42 -2.81 -30.58
CA ARG C 205 -38.68 -3.60 -31.80
C ARG C 205 -37.83 -4.88 -31.85
N GLU C 206 -37.13 -5.15 -32.96
CA GLU C 206 -36.41 -6.40 -33.18
C GLU C 206 -35.25 -6.62 -32.21
N ARG C 207 -34.55 -5.55 -31.83
CA ARG C 207 -33.38 -5.65 -30.96
C ARG C 207 -33.57 -6.63 -29.82
N LYS C 208 -32.68 -7.62 -29.74
CA LYS C 208 -32.70 -8.58 -28.64
C LYS C 208 -32.18 -7.95 -27.35
N VAL C 209 -31.11 -7.18 -27.43
CA VAL C 209 -30.50 -6.55 -26.27
C VAL C 209 -30.14 -5.11 -26.63
N GLY C 210 -30.03 -4.27 -25.61
CA GLY C 210 -29.66 -2.88 -25.82
C GLY C 210 -30.84 -1.97 -26.07
N ILE C 211 -30.53 -0.68 -26.14
CA ILE C 211 -31.53 0.35 -26.42
C ILE C 211 -31.00 1.21 -27.55
N PRO C 212 -31.87 1.81 -28.37
CA PRO C 212 -31.39 2.62 -29.49
C PRO C 212 -30.57 3.81 -29.02
N GLN C 213 -29.56 4.17 -29.80
CA GLN C 213 -28.68 5.29 -29.49
C GLN C 213 -29.00 6.44 -30.44
N GLY C 214 -28.95 7.66 -29.91
CA GLY C 214 -29.25 8.83 -30.71
C GLY C 214 -30.71 9.25 -30.73
N THR C 215 -31.54 8.72 -29.84
CA THR C 215 -32.94 9.09 -29.76
C THR C 215 -33.24 9.68 -28.39
N SER C 216 -34.17 10.65 -28.37
CA SER C 216 -34.50 11.34 -27.13
C SER C 216 -35.10 10.41 -26.09
N ILE C 217 -35.92 9.45 -26.54
CA ILE C 217 -36.59 8.54 -25.62
C ILE C 217 -35.58 7.74 -24.80
N SER C 218 -34.41 7.45 -25.38
CA SER C 218 -33.42 6.61 -24.71
C SER C 218 -32.94 7.22 -23.40
N LEU C 219 -32.81 8.55 -23.34
CA LEU C 219 -32.29 9.18 -22.13
C LEU C 219 -33.19 8.90 -20.92
N PHE C 220 -34.51 8.96 -21.12
CA PHE C 220 -35.42 8.67 -20.03
C PHE C 220 -35.24 7.25 -19.52
N LEU C 221 -35.08 6.30 -20.44
CA LEU C 221 -34.87 4.92 -20.03
C LEU C 221 -33.58 4.79 -19.22
N ALA C 222 -32.53 5.49 -19.63
CA ALA C 222 -31.27 5.42 -18.91
C ALA C 222 -31.43 5.95 -17.50
N ASN C 223 -32.14 7.07 -17.33
CA ASN C 223 -32.37 7.57 -15.98
C ASN C 223 -33.20 6.59 -15.17
N LEU C 224 -34.18 5.94 -15.82
CA LEU C 224 -35.04 4.99 -15.13
C LEU C 224 -34.26 3.79 -14.59
N THR C 225 -33.30 3.27 -15.36
CA THR C 225 -32.57 2.08 -14.93
C THR C 225 -31.74 2.32 -13.67
N CYS C 226 -31.18 3.51 -13.51
CA CYS C 226 -30.25 3.79 -12.42
C CYS C 226 -30.91 4.31 -11.14
N TRP C 227 -32.24 4.32 -11.07
CA TRP C 227 -32.91 4.86 -9.89
C TRP C 227 -32.55 4.10 -8.62
N LYS C 228 -32.56 2.76 -8.70
CA LYS C 228 -32.28 1.95 -7.52
C LYS C 228 -30.85 2.15 -7.04
N LEU C 229 -29.90 2.24 -7.97
CA LEU C 229 -28.50 2.43 -7.59
C LEU C 229 -28.33 3.74 -6.84
N ASP C 230 -28.98 4.81 -7.33
CA ASP C 230 -28.87 6.10 -6.68
C ASP C 230 -29.46 6.05 -5.28
N GLN C 231 -30.62 5.39 -5.14
CA GLN C 231 -31.24 5.31 -3.83
C GLN C 231 -30.34 4.55 -2.86
N ASP C 232 -29.74 3.45 -3.31
CA ASP C 232 -28.87 2.68 -2.43
C ASP C 232 -27.64 3.48 -2.02
N LEU C 233 -27.02 4.18 -2.98
CA LEU C 233 -25.84 4.97 -2.65
C LEU C 233 -26.18 6.09 -1.69
N GLU C 234 -27.32 6.74 -1.87
CA GLU C 234 -27.72 7.79 -0.94
C GLU C 234 -27.95 7.22 0.45
N ARG C 235 -28.56 6.04 0.52
CA ARG C 235 -28.80 5.40 1.81
C ARG C 235 -27.48 5.08 2.51
N GLU C 236 -26.47 4.67 1.74
CA GLU C 236 -25.17 4.36 2.33
C GLU C 236 -24.56 5.59 3.01
N GLY C 237 -24.70 6.76 2.41
CA GLY C 237 -24.15 7.97 2.99
C GLY C 237 -22.98 8.57 2.26
N VAL C 238 -22.51 7.96 1.18
CA VAL C 238 -21.45 8.53 0.34
C VAL C 238 -22.03 9.60 -0.57
N LYS C 239 -21.17 10.40 -1.18
CA LYS C 239 -21.59 11.41 -2.14
C LYS C 239 -21.08 11.03 -3.52
N PHE C 240 -21.90 11.27 -4.54
CA PHE C 240 -21.58 10.83 -5.88
C PHE C 240 -22.13 11.81 -6.91
N SER C 241 -21.59 11.74 -8.12
CA SER C 241 -22.10 12.52 -9.24
C SER C 241 -21.97 11.67 -10.50
N ARG C 242 -23.00 11.67 -11.34
CA ARG C 242 -22.98 10.91 -12.59
C ARG C 242 -23.27 11.84 -13.75
N TYR C 243 -22.38 11.88 -14.73
CA TYR C 243 -22.58 12.68 -15.91
C TYR C 243 -22.06 11.89 -17.10
N ALA C 244 -22.79 11.95 -18.22
CA ALA C 244 -22.43 11.25 -19.46
C ALA C 244 -22.25 9.77 -19.14
N ASP C 245 -21.11 9.16 -19.47
CA ASP C 245 -20.84 7.75 -19.19
C ASP C 245 -19.79 7.56 -18.10
N ASP C 246 -19.81 8.40 -17.08
CA ASP C 246 -18.82 8.32 -16.00
C ASP C 246 -19.49 8.61 -14.67
N THR C 247 -18.88 8.08 -13.61
CA THR C 247 -19.36 8.28 -12.24
C THR C 247 -18.16 8.45 -11.31
N ILE C 248 -18.33 9.31 -10.30
CA ILE C 248 -17.32 9.58 -9.28
C ILE C 248 -17.97 9.45 -7.92
N ILE C 249 -17.28 8.80 -6.98
CA ILE C 249 -17.73 8.67 -5.60
C ILE C 249 -16.59 9.08 -4.68
N TRP C 250 -16.90 9.89 -3.67
CA TRP C 250 -15.89 10.36 -2.73
C TRP C 250 -16.43 10.30 -1.31
N SER C 251 -15.54 9.99 -0.38
CA SER C 251 -15.90 9.90 1.04
C SER C 251 -14.63 10.06 1.86
N GLN C 252 -14.81 10.21 3.17
CA GLN C 252 -13.70 10.37 4.09
C GLN C 252 -13.41 9.12 4.91
N GLU C 253 -14.09 8.01 4.65
CA GLU C 253 -13.87 6.76 5.37
C GLU C 253 -13.65 5.62 4.39
N TYR C 254 -12.68 4.76 4.72
CA TYR C 254 -12.34 3.62 3.86
C TYR C 254 -13.50 2.62 3.79
N SER C 255 -14.18 2.38 4.91
CA SER C 255 -15.23 1.37 4.95
C SER C 255 -16.36 1.72 3.99
N LYS C 256 -16.78 2.99 3.97
CA LYS C 256 -17.88 3.38 3.11
C LYS C 256 -17.50 3.23 1.65
N ILE C 257 -16.27 3.60 1.29
CA ILE C 257 -15.86 3.47 -0.11
C ILE C 257 -15.83 2.00 -0.51
N CYS C 258 -15.41 1.12 0.40
CA CYS C 258 -15.42 -0.31 0.08
C CYS C 258 -16.84 -0.82 -0.13
N ASN C 259 -17.77 -0.38 0.73
CA ASN C 259 -19.16 -0.79 0.58
C ASN C 259 -19.73 -0.27 -0.74
N ALA C 260 -19.38 0.97 -1.12
CA ALA C 260 -19.88 1.52 -2.38
C ALA C 260 -19.35 0.71 -3.56
N PHE C 261 -18.08 0.30 -3.49
CA PHE C 261 -17.53 -0.53 -4.55
C PHE C 261 -18.29 -1.85 -4.64
N ASN C 262 -18.62 -2.43 -3.49
CA ASN C 262 -19.37 -3.68 -3.48
C ASN C 262 -20.76 -3.49 -4.11
N ILE C 263 -21.43 -2.40 -3.76
CA ILE C 263 -22.77 -2.15 -4.31
C ILE C 263 -22.71 -1.99 -5.82
N ILE C 264 -21.72 -1.24 -6.32
CA ILE C 264 -21.61 -1.05 -7.77
C ILE C 264 -21.35 -2.38 -8.44
N THR C 265 -20.47 -3.21 -7.86
CA THR C 265 -20.17 -4.49 -8.47
C THR C 265 -21.41 -5.36 -8.52
N ASN C 266 -22.17 -5.40 -7.41
CA ASN C 266 -23.33 -6.28 -7.39
C ASN C 266 -24.36 -5.80 -8.41
N PHE C 267 -24.49 -4.47 -8.56
CA PHE C 267 -25.49 -3.95 -9.51
C PHE C 267 -25.13 -4.33 -10.93
N SER C 268 -23.84 -4.26 -11.28
CA SER C 268 -23.47 -4.54 -12.67
C SER C 268 -23.85 -5.97 -13.04
N LYS C 269 -23.63 -6.91 -12.12
CA LYS C 269 -23.96 -8.30 -12.40
C LYS C 269 -25.46 -8.46 -12.66
N SER C 270 -26.28 -7.80 -11.83
CA SER C 270 -27.73 -7.90 -11.97
C SER C 270 -28.21 -7.34 -13.29
N ALA C 271 -27.60 -6.24 -13.75
CA ALA C 271 -28.08 -5.60 -14.97
C ALA C 271 -27.25 -5.98 -16.20
N GLY C 272 -26.35 -6.95 -16.08
CA GLY C 272 -25.56 -7.41 -17.21
C GLY C 272 -24.73 -6.36 -17.91
N ILE C 273 -24.10 -5.48 -17.14
CA ILE C 273 -23.22 -4.46 -17.70
C ILE C 273 -21.81 -4.71 -17.17
N LYS C 274 -20.82 -4.35 -17.98
CA LYS C 274 -19.43 -4.59 -17.62
C LYS C 274 -18.69 -3.26 -17.50
N ILE C 275 -17.73 -3.23 -16.58
CA ILE C 275 -16.88 -2.06 -16.35
C ILE C 275 -15.53 -2.31 -16.99
N ASN C 276 -15.09 -1.38 -17.84
CA ASN C 276 -13.84 -1.56 -18.55
C ASN C 276 -12.68 -1.59 -17.55
N PRO C 277 -11.83 -2.63 -17.57
CA PRO C 277 -10.73 -2.66 -16.61
C PRO C 277 -9.70 -1.56 -16.83
N LYS C 278 -9.32 -1.31 -18.08
CA LYS C 278 -8.26 -0.33 -18.35
C LYS C 278 -8.69 1.08 -17.96
N LYS C 279 -9.91 1.47 -18.35
CA LYS C 279 -10.37 2.83 -18.05
C LYS C 279 -10.56 3.04 -16.55
N SER C 280 -11.11 2.05 -15.86
CA SER C 280 -11.30 2.17 -14.41
C SER C 280 -9.96 2.27 -13.70
N GLU C 281 -9.89 3.17 -12.72
CA GLU C 281 -8.65 3.40 -11.98
C GLU C 281 -8.64 2.84 -10.57
N GLY C 282 -9.80 2.63 -9.97
CA GLY C 282 -9.85 2.05 -8.64
C GLY C 282 -9.78 3.08 -7.52
N ILE C 283 -9.71 2.56 -6.30
CA ILE C 283 -9.68 3.41 -5.12
C ILE C 283 -8.33 4.10 -5.01
N SER C 284 -8.36 5.37 -4.60
CA SER C 284 -7.13 6.16 -4.45
C SER C 284 -7.38 7.24 -3.41
N LEU C 285 -6.28 7.81 -2.92
CA LEU C 285 -6.33 8.89 -1.94
C LEU C 285 -5.75 10.15 -2.54
N LEU C 286 -6.51 11.24 -2.47
CA LEU C 286 -6.08 12.53 -2.99
C LEU C 286 -5.54 13.36 -1.83
N THR C 287 -4.28 13.74 -1.90
CA THR C 287 -3.61 14.47 -0.84
C THR C 287 -2.82 15.63 -1.43
N LYS C 288 -2.54 16.61 -0.59
CA LYS C 288 -1.77 17.77 -1.02
C LYS C 288 -0.36 17.35 -1.42
N LYS C 289 0.21 18.06 -2.39
CA LYS C 289 1.53 17.71 -2.90
C LYS C 289 2.57 17.84 -1.79
N GLY C 290 3.52 16.91 -1.79
CA GLY C 290 4.59 16.91 -0.81
C GLY C 290 4.29 16.18 0.49
N LEU C 291 3.11 15.56 0.60
CA LEU C 291 2.79 14.78 1.79
C LEU C 291 2.71 13.31 1.46
N PRO C 292 3.34 12.44 2.24
CA PRO C 292 3.35 11.00 1.92
C PRO C 292 2.00 10.36 2.16
N SER C 293 1.77 9.24 1.46
CA SER C 293 0.56 8.46 1.59
C SER C 293 0.92 7.00 1.80
N GLU C 294 0.09 6.32 2.59
CA GLU C 294 0.28 4.91 2.91
C GLU C 294 -0.30 3.97 1.86
N ILE C 295 -1.07 4.49 0.92
CA ILE C 295 -1.70 3.73 -0.16
C ILE C 295 -1.57 4.55 -1.44
N THR C 296 -1.98 3.97 -2.55
CA THR C 296 -1.85 4.65 -3.84
C THR C 296 -2.49 6.03 -3.75
N SER C 297 -1.77 7.03 -4.26
CA SER C 297 -2.23 8.41 -4.14
C SER C 297 -2.04 9.16 -5.45
N LYS C 298 -2.81 10.23 -5.60
CA LYS C 298 -2.73 11.12 -6.75
C LYS C 298 -2.96 12.53 -6.25
N ASN C 299 -2.44 13.51 -7.00
CA ASN C 299 -2.54 14.91 -6.62
C ASN C 299 -3.50 15.70 -7.49
N ASN C 300 -4.07 15.12 -8.53
CA ASN C 300 -4.98 15.84 -9.41
C ASN C 300 -6.02 14.88 -9.97
N LEU C 301 -7.21 15.40 -10.20
CA LEU C 301 -8.33 14.63 -10.74
C LEU C 301 -8.98 15.42 -11.86
N ASP C 302 -9.33 14.73 -12.94
CA ASP C 302 -9.91 15.37 -14.12
C ASP C 302 -11.41 15.15 -14.17
N PHE C 303 -12.14 16.21 -14.52
CA PHE C 303 -13.60 16.12 -14.67
C PHE C 303 -14.02 17.08 -15.77
N LEU C 304 -14.54 16.53 -16.87
CA LEU C 304 -15.11 17.30 -17.98
C LEU C 304 -14.19 18.45 -18.43
N GLY C 305 -12.92 18.15 -18.65
CA GLY C 305 -12.01 19.17 -19.12
C GLY C 305 -11.43 20.05 -18.03
N TYR C 306 -11.79 19.82 -16.78
CA TYR C 306 -11.31 20.56 -15.63
C TYR C 306 -10.37 19.68 -14.82
N THR C 307 -9.26 20.24 -14.37
CA THR C 307 -8.35 19.54 -13.49
C THR C 307 -8.48 20.14 -12.10
N LEU C 308 -8.84 19.31 -11.13
CA LEU C 308 -9.10 19.76 -9.77
C LEU C 308 -8.05 19.21 -8.82
N SER C 309 -7.56 20.09 -7.95
CA SER C 309 -6.57 19.72 -6.94
C SER C 309 -6.92 20.48 -5.67
N VAL C 310 -6.21 20.15 -4.59
CA VAL C 310 -6.50 20.76 -3.30
C VAL C 310 -6.26 22.26 -3.37
N GLU C 311 -5.15 22.68 -3.98
CA GLU C 311 -4.82 24.10 -4.04
C GLU C 311 -5.74 24.88 -4.99
N ASN C 312 -5.95 24.38 -6.21
CA ASN C 312 -6.70 25.17 -7.17
C ASN C 312 -7.22 24.30 -8.32
N VAL C 313 -8.11 24.90 -9.11
CA VAL C 313 -8.68 24.29 -10.31
C VAL C 313 -8.03 24.89 -11.55
N SER C 314 -7.60 24.04 -12.47
CA SER C 314 -6.90 24.49 -13.67
C SER C 314 -7.44 23.76 -14.90
N ILE C 315 -7.17 24.33 -16.07
CA ILE C 315 -7.62 23.74 -17.33
C ILE C 315 -6.83 22.46 -17.64
N LYS C 316 -7.52 21.50 -18.26
CA LYS C 316 -6.88 20.23 -18.61
C LYS C 316 -5.90 20.43 -19.76
N GLU C 317 -4.91 19.52 -19.84
CA GLU C 317 -3.86 19.64 -20.83
C GLU C 317 -4.40 19.57 -22.27
N LYS C 318 -5.36 18.67 -22.52
CA LYS C 318 -5.86 18.51 -23.89
C LYS C 318 -6.49 19.79 -24.41
N SER C 319 -7.25 20.49 -23.58
CA SER C 319 -7.88 21.73 -24.01
C SER C 319 -6.82 22.76 -24.36
N VAL C 320 -5.75 22.82 -23.57
CA VAL C 320 -4.65 23.73 -23.84
C VAL C 320 -4.02 23.39 -25.18
N LYS C 321 -3.86 22.10 -25.46
CA LYS C 321 -3.28 21.69 -26.73
C LYS C 321 -4.15 22.14 -27.90
N LYS C 322 -5.47 22.02 -27.74
CA LYS C 322 -6.38 22.46 -28.81
C LYS C 322 -6.29 23.97 -29.03
N ILE C 323 -6.20 24.74 -27.94
CA ILE C 323 -6.09 26.20 -28.08
C ILE C 323 -4.79 26.56 -28.78
N LYS C 324 -3.69 25.90 -28.41
CA LYS C 324 -2.42 26.17 -29.06
C LYS C 324 -2.48 25.83 -30.54
N LYS C 325 -3.13 24.72 -30.87
CA LYS C 325 -3.27 24.30 -32.26
C LYS C 325 -4.03 25.33 -33.07
N GLN C 326 -5.14 25.84 -32.52
CA GLN C 326 -5.94 26.80 -33.27
C GLN C 326 -5.20 28.11 -33.49
N ILE C 327 -4.54 28.64 -32.45
CA ILE C 327 -3.83 29.90 -32.61
C ILE C 327 -2.68 29.74 -33.61
N SER C 328 -1.95 28.62 -33.52
CA SER C 328 -0.86 28.39 -34.45
C SER C 328 -1.37 28.29 -35.88
N TYR C 329 -2.49 27.59 -36.08
CA TYR C 329 -3.01 27.46 -37.44
C TYR C 329 -3.42 28.81 -38.00
N ILE C 330 -4.05 29.65 -37.17
CA ILE C 330 -4.49 30.95 -37.70
C ILE C 330 -3.29 31.76 -38.16
N LEU C 331 -2.22 31.78 -37.33
CA LEU C 331 -1.04 32.54 -37.72
C LEU C 331 -0.40 31.97 -38.98
N TYR C 332 -0.29 30.65 -39.07
CA TYR C 332 0.29 30.03 -40.26
C TYR C 332 -0.53 30.33 -41.51
N ARG C 333 -1.86 30.23 -41.41
CA ARG C 333 -2.73 30.43 -42.56
C ARG C 333 -2.64 31.84 -43.09
N ASN C 334 -2.55 32.83 -42.20
CA ASN C 334 -2.55 34.19 -42.71
C ASN C 334 -1.16 34.70 -43.06
N LEU C 335 -0.09 34.16 -42.46
CA LEU C 335 1.24 34.70 -42.70
C LEU C 335 2.12 33.87 -43.62
N ILE C 336 2.18 32.55 -43.47
CA ILE C 336 3.15 31.75 -44.21
C ILE C 336 2.55 31.02 -45.40
N GLN C 337 1.34 30.47 -45.27
CA GLN C 337 0.80 29.64 -46.34
C GLN C 337 0.68 30.33 -47.70
N PRO C 338 0.27 31.60 -47.82
CA PRO C 338 0.13 32.20 -49.16
C PRO C 338 1.42 32.34 -49.93
N LEU C 339 2.58 32.41 -49.27
CA LEU C 339 3.84 32.67 -49.97
C LEU C 339 4.56 31.42 -50.45
N LYS C 340 4.03 30.24 -50.19
CA LYS C 340 4.68 28.99 -50.63
C LYS C 340 4.11 28.46 -51.95
N LYS C 341 3.22 29.21 -52.59
CA LYS C 341 2.66 28.79 -53.87
C LYS C 341 3.65 29.10 -55.00
N THR C 342 3.39 28.49 -56.16
CA THR C 342 4.30 28.61 -57.29
C THR C 342 4.41 30.03 -57.80
N SER C 343 3.29 30.75 -57.92
CA SER C 343 3.30 32.10 -58.46
C SER C 343 2.54 33.06 -57.55
N LEU C 344 3.19 34.18 -57.20
CA LEU C 344 2.59 35.22 -56.37
C LEU C 344 1.83 36.20 -57.25
N ALA C 345 0.73 35.73 -57.82
CA ALA C 345 -0.08 36.52 -58.73
C ALA C 345 -1.43 36.84 -58.10
N GLY C 346 -1.79 38.12 -58.07
CA GLY C 346 -3.01 38.56 -57.46
C GLY C 346 -2.91 38.91 -55.99
N GLN C 347 -1.79 38.59 -55.35
CA GLN C 347 -1.57 38.92 -53.94
C GLN C 347 -1.02 40.33 -53.81
N THR C 348 -1.10 40.85 -52.58
CA THR C 348 -0.61 42.19 -52.27
C THR C 348 0.65 42.08 -51.42
N ILE C 349 1.70 42.78 -51.83
CA ILE C 349 2.98 42.73 -51.14
C ILE C 349 3.05 43.84 -50.11
N PRO C 350 3.49 43.57 -48.88
CA PRO C 350 3.51 44.62 -47.85
C PRO C 350 4.44 45.75 -48.26
N ALA C 351 4.01 46.98 -48.02
CA ALA C 351 4.79 48.14 -48.41
C ALA C 351 4.38 49.34 -47.58
N ASN C 352 5.30 50.30 -47.51
CA ASN C 352 5.08 51.57 -46.81
C ASN C 352 4.64 51.37 -45.36
N ASP C 353 5.29 50.41 -44.69
CA ASP C 353 5.06 50.14 -43.27
C ASP C 353 3.61 49.75 -42.97
N ARG C 354 2.95 49.03 -43.88
CA ARG C 354 1.59 48.57 -43.65
C ARG C 354 1.45 47.12 -44.12
N ASP C 355 0.87 46.27 -43.27
CA ASP C 355 0.59 44.88 -43.60
C ASP C 355 -0.84 44.56 -43.21
N LYS C 356 -1.69 44.30 -44.21
CA LYS C 356 -3.08 43.95 -43.94
C LYS C 356 -3.22 42.58 -43.30
N ASN C 357 -2.39 41.62 -43.73
CA ASN C 357 -2.51 40.25 -43.24
C ASN C 357 -2.27 40.17 -41.74
N PHE C 358 -1.35 40.99 -41.22
CA PHE C 358 -1.14 41.02 -39.77
C PHE C 358 -2.39 41.50 -39.05
N LEU C 359 -3.06 42.51 -39.60
CA LEU C 359 -4.30 43.00 -39.00
C LEU C 359 -5.37 41.91 -39.01
N ILE C 360 -5.52 41.22 -40.14
CA ILE C 360 -6.54 40.18 -40.22
C ILE C 360 -6.26 39.07 -39.22
N ALA C 361 -4.99 38.68 -39.09
CA ALA C 361 -4.64 37.62 -38.16
C ALA C 361 -4.96 38.03 -36.72
N ILE C 362 -4.59 39.27 -36.36
CA ILE C 362 -4.83 39.72 -34.99
C ILE C 362 -6.32 39.78 -34.70
N CYS C 363 -7.11 40.27 -35.66
CA CYS C 363 -8.55 40.34 -35.46
C CYS C 363 -9.17 38.96 -35.30
N GLU C 364 -8.72 37.98 -36.10
CA GLU C 364 -9.25 36.63 -35.95
C GLU C 364 -8.88 36.03 -34.60
N ILE C 365 -7.65 36.27 -34.13
CA ILE C 365 -7.27 35.76 -32.82
C ILE C 365 -8.12 36.40 -31.73
N ARG C 366 -8.37 37.71 -31.84
CA ARG C 366 -9.20 38.39 -30.85
C ARG C 366 -10.62 37.83 -30.86
N ARG C 367 -11.18 37.58 -32.04
CA ARG C 367 -12.52 37.01 -32.12
C ARG C 367 -12.56 35.63 -31.48
N TYR C 368 -11.53 34.82 -31.73
CA TYR C 368 -11.49 33.48 -31.14
C TYR C 368 -11.40 33.53 -29.62
N MET C 369 -10.60 34.46 -29.08
CA MET C 369 -10.38 34.46 -27.63
C MET C 369 -11.46 35.22 -26.85
N TYR C 370 -11.77 36.46 -27.23
CA TYR C 370 -12.74 37.24 -26.48
C TYR C 370 -14.13 37.23 -27.09
N GLY C 371 -14.22 37.45 -28.40
CA GLY C 371 -15.50 37.62 -29.06
C GLY C 371 -15.58 38.99 -29.68
N GLY C 372 -14.49 39.74 -29.62
CA GLY C 372 -14.41 41.06 -30.21
C GLY C 372 -14.36 42.22 -29.23
N LEU C 373 -14.37 41.95 -27.92
CA LEU C 373 -14.37 43.04 -26.95
C LEU C 373 -13.02 43.75 -26.92
N SER C 374 -13.06 45.06 -26.77
CA SER C 374 -11.86 45.88 -26.63
C SER C 374 -11.38 45.87 -25.18
N LYS C 375 -10.13 46.26 -24.98
CA LYS C 375 -9.58 46.36 -23.64
C LYS C 375 -10.28 47.46 -22.84
N SER C 376 -10.65 48.56 -23.50
CA SER C 376 -11.29 49.67 -22.80
C SER C 376 -12.60 49.24 -22.17
N GLN C 377 -13.42 48.46 -22.89
CA GLN C 377 -14.70 48.03 -22.35
C GLN C 377 -14.52 47.19 -21.09
N ILE C 378 -13.54 46.28 -21.11
CA ILE C 378 -13.27 45.46 -19.94
C ILE C 378 -12.81 46.33 -18.78
N LYS C 379 -11.93 47.30 -19.05
CA LYS C 379 -11.44 48.16 -17.99
C LYS C 379 -12.58 48.97 -17.38
N ASP C 380 -13.46 49.51 -18.24
CA ASP C 380 -14.59 50.29 -17.74
C ASP C 380 -15.51 49.44 -16.88
N TYR C 381 -15.80 48.22 -17.32
CA TYR C 381 -16.65 47.35 -16.53
C TYR C 381 -16.01 47.02 -15.18
N LEU C 382 -14.70 46.77 -15.19
CA LEU C 382 -14.02 46.47 -13.93
C LEU C 382 -14.04 47.65 -12.97
N SER C 383 -13.79 48.86 -13.48
CA SER C 383 -13.79 50.04 -12.62
C SER C 383 -15.18 50.33 -12.07
N GLY C 384 -16.22 50.11 -12.88
CA GLY C 384 -17.58 50.39 -12.51
C GLY C 384 -18.24 51.47 -13.34
N ARG C 385 -17.55 52.03 -14.33
CA ARG C 385 -18.17 53.02 -15.20
C ARG C 385 -19.35 52.45 -15.96
N SER C 386 -19.30 51.17 -16.34
CA SER C 386 -20.38 50.51 -17.04
C SER C 386 -20.86 49.33 -16.21
N ASN C 387 -22.12 48.95 -16.43
CA ASN C 387 -22.77 47.93 -15.62
C ASN C 387 -22.92 46.58 -16.31
N ARG C 388 -22.60 46.44 -17.59
CA ARG C 388 -22.87 45.18 -18.27
C ARG C 388 -21.76 44.82 -19.25
N LEU C 389 -21.56 43.51 -19.42
CA LEU C 389 -20.62 42.94 -20.38
C LEU C 389 -21.20 41.64 -20.90
N TYR C 390 -20.81 41.27 -22.12
CA TYR C 390 -21.25 40.02 -22.73
C TYR C 390 -20.05 39.10 -22.93
N PHE C 391 -20.19 37.83 -22.55
CA PHE C 391 -19.13 36.85 -22.68
C PHE C 391 -19.48 35.91 -23.82
N LYS C 392 -18.70 35.96 -24.91
CA LYS C 392 -18.95 35.12 -26.10
C LYS C 392 -17.61 34.70 -26.70
N GLY C 393 -16.95 33.74 -26.08
CA GLY C 393 -15.67 33.29 -26.59
C GLY C 393 -15.30 31.93 -26.01
N ILE C 394 -14.08 31.51 -26.33
CA ILE C 394 -13.59 30.23 -25.81
C ILE C 394 -13.55 30.25 -24.30
N MET C 395 -13.21 31.40 -23.71
CA MET C 395 -13.08 31.50 -22.26
C MET C 395 -14.42 31.23 -21.55
N SER C 396 -15.54 31.54 -22.20
CA SER C 396 -16.84 31.35 -21.58
C SER C 396 -17.06 29.91 -21.15
N PHE C 397 -16.49 28.95 -21.89
CA PHE C 397 -16.67 27.53 -21.56
C PHE C 397 -15.93 27.12 -20.30
N TYR C 398 -15.03 27.96 -19.78
CA TYR C 398 -14.30 27.67 -18.55
C TYR C 398 -14.46 28.84 -17.59
N PRO C 399 -15.65 29.01 -17.01
CA PRO C 399 -15.90 30.19 -16.17
C PRO C 399 -15.36 30.11 -14.75
N LEU C 400 -14.92 28.95 -14.26
CA LEU C 400 -14.51 28.82 -12.87
C LEU C 400 -13.00 28.72 -12.66
N VAL C 401 -12.19 28.90 -13.71
CA VAL C 401 -10.76 28.75 -13.54
C VAL C 401 -10.24 29.82 -12.59
N ASN C 402 -9.35 29.43 -11.67
CA ASN C 402 -8.76 30.36 -10.72
C ASN C 402 -7.23 30.34 -10.71
N ASP C 403 -6.59 29.65 -11.65
CA ASP C 403 -5.13 29.52 -11.68
C ASP C 403 -4.56 30.67 -12.50
N VAL C 404 -3.58 31.38 -11.93
CA VAL C 404 -2.98 32.54 -12.57
C VAL C 404 -1.69 32.20 -13.31
N GLU C 405 -0.87 31.29 -12.79
CA GLU C 405 0.41 30.99 -13.41
C GLU C 405 0.25 30.45 -14.84
N GLN C 406 -0.72 29.57 -15.03
CA GLN C 406 -0.94 28.97 -16.34
C GLN C 406 -1.28 30.03 -17.39
N LEU C 407 -2.11 30.99 -17.02
CA LEU C 407 -2.50 32.05 -17.96
C LEU C 407 -1.28 32.87 -18.37
N LYS C 408 -0.39 33.18 -17.43
CA LYS C 408 0.82 33.92 -17.75
C LYS C 408 1.70 33.13 -18.70
N GLN C 409 1.83 31.82 -18.47
CA GLN C 409 2.64 31.00 -19.37
C GLN C 409 2.05 31.01 -20.78
N LEU C 410 0.72 30.95 -20.88
CA LEU C 410 0.07 30.98 -22.18
C LEU C 410 0.33 32.30 -22.89
N ASP C 411 0.27 33.42 -22.15
CA ASP C 411 0.49 34.72 -22.77
C ASP C 411 1.92 34.84 -23.30
N GLY C 412 2.89 34.33 -22.54
CA GLY C 412 4.26 34.34 -23.02
C GLY C 412 4.41 33.51 -24.28
N TRP C 413 3.74 32.36 -24.32
CA TRP C 413 3.80 31.50 -25.49
C TRP C 413 3.25 32.22 -26.72
N ILE C 414 2.15 32.96 -26.55
CA ILE C 414 1.55 33.66 -27.68
C ILE C 414 2.51 34.71 -28.23
N VAL C 415 3.14 35.49 -27.34
CA VAL C 415 4.03 36.53 -27.83
C VAL C 415 5.22 35.94 -28.58
N SER C 416 5.81 34.87 -28.04
CA SER C 416 6.97 34.27 -28.70
C SER C 416 6.59 33.71 -30.07
N VAL C 417 5.45 33.01 -30.15
CA VAL C 417 5.04 32.43 -31.42
C VAL C 417 4.79 33.52 -32.46
N ILE C 418 4.19 34.64 -32.06
CA ILE C 418 3.97 35.72 -33.00
C ILE C 418 5.29 36.25 -33.54
N TYR C 419 6.27 36.43 -32.65
CA TYR C 419 7.57 36.95 -33.09
C TYR C 419 8.24 36.00 -34.09
N ARG C 420 8.25 34.71 -33.78
CA ARG C 420 8.90 33.74 -34.66
C ARG C 420 8.21 33.66 -36.02
N ALA C 421 6.87 33.71 -36.03
CA ALA C 421 6.14 33.67 -37.29
C ALA C 421 6.46 34.88 -38.16
N LEU C 422 6.54 36.06 -37.54
CA LEU C 422 6.87 37.26 -38.32
C LEU C 422 8.28 37.17 -38.89
N LYS C 423 9.22 36.61 -38.13
CA LYS C 423 10.58 36.45 -38.65
C LYS C 423 10.60 35.52 -39.86
N LEU C 424 9.89 34.39 -39.78
CA LEU C 424 9.86 33.48 -40.93
C LEU C 424 9.23 34.17 -42.15
N ARG C 425 8.19 34.97 -41.93
CA ARG C 425 7.56 35.68 -43.03
C ARG C 425 8.56 36.61 -43.69
N CYS C 426 9.36 37.31 -42.88
CA CYS C 426 10.35 38.24 -43.43
C CYS C 426 11.38 37.47 -44.27
N GLN C 427 11.82 36.31 -43.79
CA GLN C 427 12.80 35.55 -44.57
C GLN C 427 12.22 35.13 -45.91
N LEU C 428 10.97 34.63 -45.93
CA LEU C 428 10.38 34.22 -47.20
C LEU C 428 10.25 35.39 -48.16
N LEU C 429 9.83 36.56 -47.63
CA LEU C 429 9.69 37.73 -48.49
C LEU C 429 11.03 38.12 -49.08
N SER C 430 12.09 38.06 -48.28
CA SER C 430 13.42 38.37 -48.81
C SER C 430 13.81 37.37 -49.90
N LYS C 431 13.48 36.10 -49.70
CA LYS C 431 13.80 35.08 -50.69
C LYS C 431 13.12 35.37 -52.02
N TRP C 432 11.87 35.87 -51.98
CA TRP C 432 11.20 36.21 -53.24
C TRP C 432 11.77 37.44 -53.92
N GLY C 433 12.60 38.23 -53.24
CA GLY C 433 13.25 39.38 -53.86
C GLY C 433 12.84 40.74 -53.36
N TYR C 434 12.08 40.83 -52.26
CA TYR C 434 11.71 42.10 -51.65
C TYR C 434 12.32 42.16 -50.26
N ASN C 435 13.00 43.25 -49.96
CA ASN C 435 13.63 43.45 -48.66
C ASN C 435 12.81 44.48 -47.88
N ARG C 436 12.22 44.04 -46.77
CA ARG C 436 11.36 44.88 -45.95
C ARG C 436 11.76 44.80 -44.48
N SER C 437 13.04 44.53 -44.20
CA SER C 437 13.47 44.37 -42.81
C SER C 437 13.30 45.66 -42.03
N HIS C 438 13.63 46.80 -42.64
CA HIS C 438 13.53 48.08 -41.94
C HIS C 438 12.09 48.42 -41.58
N ASN C 439 11.14 48.17 -42.49
CA ASN C 439 9.77 48.57 -42.26
C ASN C 439 9.11 47.74 -41.16
N PHE C 440 8.12 48.34 -40.49
CA PHE C 440 7.33 47.72 -39.45
C PHE C 440 6.32 46.75 -40.10
N PRO C 441 6.08 45.59 -39.49
CA PRO C 441 6.34 45.19 -38.10
C PRO C 441 7.59 44.32 -37.95
N PHE C 442 8.44 44.29 -38.96
CA PHE C 442 9.61 43.40 -38.97
C PHE C 442 10.81 44.00 -38.27
N ILE C 443 10.71 45.24 -37.79
CA ILE C 443 11.83 45.92 -37.15
C ILE C 443 11.74 45.86 -35.62
N LEU C 444 10.77 45.14 -35.08
CA LEU C 444 10.54 45.15 -33.64
C LEU C 444 11.07 43.89 -32.97
N ASP C 445 11.75 44.08 -31.85
CA ASP C 445 12.24 42.99 -31.03
C ASP C 445 11.11 42.43 -30.17
N ARG C 446 11.33 41.24 -29.62
CA ARG C 446 10.27 40.57 -28.86
C ARG C 446 9.80 41.41 -27.67
N GLU C 447 10.74 42.04 -26.96
CA GLU C 447 10.38 42.80 -25.77
C GLU C 447 9.48 44.00 -26.10
N ASP C 448 9.71 44.64 -27.25
CA ASP C 448 9.00 45.86 -27.62
C ASP C 448 7.70 45.63 -28.38
N ILE C 449 7.34 44.38 -28.68
CA ILE C 449 6.17 44.11 -29.51
C ILE C 449 4.89 44.64 -28.87
N VAL C 450 4.68 44.34 -27.58
CA VAL C 450 3.42 44.69 -26.94
C VAL C 450 3.20 46.19 -26.89
N ASP C 451 4.22 46.95 -26.45
CA ASP C 451 4.04 48.39 -26.29
C ASP C 451 3.83 49.09 -27.64
N LYS C 452 4.65 48.74 -28.64
CA LYS C 452 4.55 49.41 -29.93
C LYS C 452 3.21 49.12 -30.59
N CYS C 453 2.75 47.87 -30.53
CA CYS C 453 1.45 47.55 -31.12
C CYS C 453 0.34 48.23 -30.35
N SER C 454 0.47 48.30 -29.02
CA SER C 454 -0.58 48.89 -28.19
C SER C 454 -0.77 50.36 -28.54
N LYS C 455 0.33 51.10 -28.68
CA LYS C 455 0.22 52.54 -28.93
C LYS C 455 -0.43 52.84 -30.27
N LYS C 456 -0.08 52.08 -31.32
CA LYS C 456 -0.58 52.33 -32.66
C LYS C 456 -2.10 52.28 -32.73
N THR C 457 -2.69 53.24 -33.45
CA THR C 457 -4.14 53.36 -33.61
C THR C 457 -4.47 53.55 -35.08
N ILE C 458 -5.54 52.89 -35.53
CA ILE C 458 -6.04 53.03 -36.89
C ILE C 458 -7.51 53.42 -36.86
N ALA C 459 -7.85 54.51 -37.56
CA ALA C 459 -9.23 54.99 -37.67
C ALA C 459 -9.82 55.34 -36.30
N GLY C 460 -8.97 55.74 -35.36
CA GLY C 460 -9.43 56.08 -34.04
C GLY C 460 -9.74 54.91 -33.14
N ARG C 461 -9.42 53.69 -33.56
CA ARG C 461 -9.63 52.49 -32.77
C ARG C 461 -8.33 51.71 -32.69
N LYS C 462 -8.04 51.17 -31.51
CA LYS C 462 -6.80 50.41 -31.30
C LYS C 462 -7.07 48.97 -31.73
N LEU C 463 -6.60 48.61 -32.92
CA LEU C 463 -6.86 47.29 -33.48
C LEU C 463 -5.64 46.39 -33.47
N PHE C 464 -4.50 46.85 -32.96
CA PHE C 464 -3.29 46.05 -32.96
C PHE C 464 -2.94 45.52 -31.57
N GLU C 465 -3.81 45.72 -30.58
CA GLU C 465 -3.54 45.28 -29.22
C GLU C 465 -3.51 43.76 -29.13
N ILE C 466 -2.55 43.23 -28.39
CA ILE C 466 -2.40 41.78 -28.23
C ILE C 466 -3.30 41.31 -27.09
N PRO C 467 -4.15 40.32 -27.32
CA PRO C 467 -5.07 39.87 -26.27
C PRO C 467 -4.34 39.21 -25.11
N SER C 468 -4.92 39.37 -23.92
CA SER C 468 -4.36 38.83 -22.68
C SER C 468 -5.43 38.03 -21.94
N PHE C 469 -5.05 36.83 -21.49
CA PHE C 469 -5.97 35.97 -20.74
C PHE C 469 -6.29 36.54 -19.36
N LEU C 470 -5.30 37.15 -18.70
CA LEU C 470 -5.52 37.60 -17.32
C LEU C 470 -6.64 38.63 -17.21
N LEU C 471 -6.71 39.58 -18.15
CA LEU C 471 -7.74 40.62 -18.06
C LEU C 471 -9.14 40.02 -18.15
N ILE C 472 -9.36 39.09 -19.09
CA ILE C 472 -10.65 38.44 -19.18
C ILE C 472 -10.90 37.60 -17.93
N HIS C 473 -9.86 36.98 -17.39
CA HIS C 473 -10.03 36.19 -16.18
C HIS C 473 -10.52 37.06 -15.03
N LYS C 474 -9.95 38.25 -14.89
CA LYS C 474 -10.38 39.17 -13.84
C LYS C 474 -11.83 39.56 -14.04
N ALA C 475 -12.21 39.85 -15.29
CA ALA C 475 -13.60 40.22 -15.55
C ALA C 475 -14.54 39.09 -15.20
N LEU C 476 -14.16 37.85 -15.55
CA LEU C 476 -14.98 36.69 -15.24
C LEU C 476 -15.13 36.50 -13.74
N GLN C 477 -14.03 36.64 -12.99
CA GLN C 477 -14.10 36.46 -11.55
C GLN C 477 -15.01 37.52 -10.92
N LYS C 478 -14.89 38.77 -11.37
CA LYS C 478 -15.75 39.81 -10.81
C LYS C 478 -17.21 39.52 -11.13
N GLY C 479 -17.49 39.09 -12.36
CA GLY C 479 -18.86 38.79 -12.73
C GLY C 479 -19.43 37.65 -11.90
N LEU C 480 -18.62 36.62 -11.65
CA LEU C 480 -19.08 35.49 -10.85
C LEU C 480 -19.35 35.91 -9.42
N GLN C 481 -18.48 36.73 -8.84
CA GLN C 481 -18.67 37.15 -7.46
C GLN C 481 -19.95 37.97 -7.28
N GLU C 482 -20.23 38.88 -8.23
CA GLU C 482 -21.38 39.77 -8.15
C GLU C 482 -22.64 39.19 -8.78
N SER C 483 -22.60 37.95 -9.25
CA SER C 483 -23.75 37.34 -9.90
C SER C 483 -23.69 35.83 -9.68
N GLY C 484 -24.33 35.07 -10.56
CA GLY C 484 -24.36 33.63 -10.43
C GLY C 484 -23.90 32.95 -11.71
N ILE C 485 -23.53 31.67 -11.55
CA ILE C 485 -23.06 30.89 -12.69
C ILE C 485 -24.13 30.82 -13.77
N GLU C 486 -25.39 30.68 -13.37
CA GLU C 486 -26.48 30.63 -14.36
C GLU C 486 -26.56 31.93 -15.15
N LYS C 487 -26.40 33.07 -14.45
CA LYS C 487 -26.46 34.36 -15.14
C LYS C 487 -25.32 34.51 -16.15
N ILE C 488 -24.11 34.13 -15.76
CA ILE C 488 -22.96 34.24 -16.67
C ILE C 488 -23.14 33.30 -17.86
N MET C 489 -23.63 32.09 -17.61
CA MET C 489 -23.84 31.13 -18.68
C MET C 489 -25.21 31.30 -19.32
N MET D 1 2.73 39.15 51.44
CA MET D 1 3.86 40.08 51.47
C MET D 1 3.78 41.08 50.32
N LYS D 2 4.40 42.23 50.51
CA LYS D 2 4.37 43.27 49.50
C LYS D 2 5.15 42.85 48.25
N LEU D 3 4.81 43.49 47.13
CA LEU D 3 5.45 43.19 45.85
C LEU D 3 6.95 43.46 45.90
N GLU D 4 7.36 44.54 46.58
CA GLU D 4 8.76 44.94 46.61
C GLU D 4 9.65 43.84 47.20
N GLN D 5 9.21 43.22 48.30
CA GLN D 5 10.03 42.19 48.92
C GLN D 5 10.27 41.02 47.98
N GLN D 6 9.22 40.57 47.29
CA GLN D 6 9.35 39.45 46.36
C GLN D 6 10.29 39.81 45.22
N ILE D 7 10.14 41.02 44.67
CA ILE D 7 10.98 41.42 43.55
C ILE D 7 12.44 41.46 44.00
N GLN D 8 12.68 41.98 45.20
CA GLN D 8 14.04 42.07 45.71
C GLN D 8 14.66 40.69 45.86
N ARG D 9 13.89 39.74 46.41
CA ARG D 9 14.42 38.40 46.62
C ARG D 9 14.79 37.74 45.29
N VAL D 10 13.91 37.86 44.29
CA VAL D 10 14.20 37.21 43.01
C VAL D 10 15.44 37.82 42.36
N ILE D 11 15.55 39.16 42.37
CA ILE D 11 16.69 39.80 41.72
C ILE D 11 17.98 39.39 42.41
N LEU D 12 17.97 39.36 43.75
CA LEU D 12 19.17 38.99 44.49
C LEU D 12 19.59 37.57 44.15
N GLU D 13 18.63 36.64 44.10
CA GLU D 13 18.98 35.25 43.83
C GLU D 13 19.60 35.12 42.44
N GLU D 14 19.03 35.81 41.44
CA GLU D 14 19.56 35.71 40.09
C GLU D 14 20.99 36.24 40.02
N ALA D 15 21.24 37.40 40.65
CA ALA D 15 22.58 37.98 40.59
C ALA D 15 23.60 37.06 41.27
N LYS D 16 23.23 36.49 42.42
CA LYS D 16 24.17 35.62 43.13
C LYS D 16 24.50 34.39 42.31
N ALA D 17 23.51 33.83 41.62
CA ALA D 17 23.75 32.66 40.78
C ALA D 17 24.75 32.99 39.67
N LEU D 18 24.51 34.08 38.95
CA LEU D 18 25.40 34.42 37.83
C LEU D 18 26.82 34.66 38.31
N ILE D 19 26.98 35.43 39.40
CA ILE D 19 28.31 35.67 39.95
C ILE D 19 29.01 34.34 40.23
N LYS D 20 28.34 33.46 40.97
CA LYS D 20 28.90 32.16 41.30
C LYS D 20 29.46 31.49 40.06
N ASP D 21 28.63 31.40 39.02
CA ASP D 21 29.06 30.77 37.78
C ASP D 21 30.38 31.37 37.29
N TYR D 22 30.38 32.68 37.05
CA TYR D 22 31.59 33.35 36.56
C TYR D 22 32.84 32.94 37.33
N HIS D 23 32.71 32.89 38.66
CA HIS D 23 33.87 32.60 39.49
C HIS D 23 34.38 31.19 39.26
N GLU D 24 33.45 30.24 39.11
CA GLU D 24 33.86 28.87 38.83
C GLU D 24 34.54 28.80 37.47
N TYR D 25 34.05 29.58 36.51
CA TYR D 25 34.61 29.56 35.17
C TYR D 25 36.09 29.94 35.21
N HIS D 26 36.40 31.12 35.77
CA HIS D 26 37.78 31.57 35.71
C HIS D 26 38.70 30.62 36.50
N ASN D 27 38.22 30.09 37.64
CA ASN D 27 39.09 29.19 38.40
C ASN D 27 39.41 27.92 37.60
N ARG D 28 38.42 27.37 36.90
CA ARG D 28 38.66 26.19 36.09
C ARG D 28 39.64 26.49 34.96
N VAL D 29 39.51 27.67 34.35
CA VAL D 29 40.41 28.03 33.26
C VAL D 29 41.84 28.08 33.76
N HIS D 30 42.04 28.58 34.98
CA HIS D 30 43.41 28.61 35.54
C HIS D 30 43.96 27.20 35.69
N LEU D 31 43.15 26.29 36.24
CA LEU D 31 43.66 24.93 36.45
C LEU D 31 44.00 24.26 35.11
N GLU D 32 43.14 24.44 34.11
CA GLU D 32 43.38 23.84 32.81
C GLU D 32 44.65 24.40 32.18
N SER D 33 44.88 25.70 32.33
CA SER D 33 46.09 26.31 31.77
C SER D 33 47.33 25.71 32.42
N VAL D 34 47.27 25.50 33.74
CA VAL D 34 48.42 24.92 34.45
C VAL D 34 48.72 23.53 33.91
N ARG D 35 47.68 22.71 33.72
CA ARG D 35 47.92 21.36 33.18
C ARG D 35 48.46 21.42 31.74
N ASN D 36 47.93 22.34 30.93
CA ASN D 36 48.37 22.45 29.54
C ASN D 36 49.85 22.80 29.45
N LYS D 37 50.33 23.64 30.37
CA LYS D 37 51.74 24.04 30.32
C LYS D 37 52.65 22.83 30.45
N LYS D 38 52.32 21.92 31.37
CA LYS D 38 53.09 20.68 31.49
C LYS D 38 52.93 19.79 30.26
N ARG D 39 51.71 19.68 29.73
CA ARG D 39 51.51 18.76 28.62
C ARG D 39 52.25 19.19 27.36
N LEU D 40 52.20 20.48 27.01
CA LEU D 40 52.79 20.94 25.76
C LEU D 40 54.16 21.58 25.92
N GLY D 41 54.77 21.48 27.10
CA GLY D 41 56.11 22.01 27.27
C GLY D 41 56.18 23.50 27.01
N ASP D 42 57.16 23.90 26.19
CA ASP D 42 57.39 25.32 25.92
C ASP D 42 56.59 25.86 24.73
N SER D 43 55.80 25.03 24.06
CA SER D 43 54.97 25.49 22.97
C SER D 43 53.58 25.90 23.42
N ALA D 44 53.30 25.83 24.73
CA ALA D 44 51.96 26.12 25.23
C ALA D 44 51.60 27.59 25.01
N PRO D 45 50.37 27.87 24.59
CA PRO D 45 49.91 29.25 24.46
C PRO D 45 49.60 29.86 25.82
N ASP D 46 49.60 31.19 25.87
CA ASP D 46 49.34 31.90 27.11
C ASP D 46 47.85 31.96 27.41
N LYS D 47 47.54 32.08 28.69
CA LYS D 47 46.15 32.10 29.16
C LYS D 47 45.45 33.39 28.78
N LYS D 48 44.19 33.28 28.38
CA LYS D 48 43.34 34.42 28.04
C LYS D 48 42.00 34.29 28.75
N ILE D 49 41.57 35.36 29.42
CA ILE D 49 40.30 35.40 30.14
C ILE D 49 39.38 36.39 29.46
N HIS D 50 38.12 36.01 29.28
CA HIS D 50 37.15 36.84 28.57
C HIS D 50 35.88 37.02 29.41
N ARG D 51 35.17 38.10 29.11
CA ARG D 51 33.89 38.47 29.68
C ARG D 51 32.84 38.56 28.58
N PRO D 52 31.59 38.19 28.86
CA PRO D 52 30.57 38.17 27.79
C PRO D 52 30.43 39.53 27.13
N ASN D 53 30.33 39.52 25.80
CA ASN D 53 30.29 40.77 25.04
C ASN D 53 29.03 41.58 25.35
N TYR D 54 27.88 40.93 25.48
CA TYR D 54 26.63 41.65 25.68
C TYR D 54 26.60 42.43 26.99
N TRP D 55 27.47 42.09 27.94
CA TRP D 55 27.51 42.83 29.21
C TRP D 55 27.82 44.30 28.97
N SER D 56 28.67 44.60 27.98
CA SER D 56 29.08 45.98 27.71
C SER D 56 27.93 46.85 27.24
N PHE D 57 27.00 46.30 26.46
CA PHE D 57 25.96 47.14 25.85
C PHE D 57 25.12 47.87 26.88
N ASP D 58 24.73 47.20 27.96
CA ASP D 58 23.96 47.88 28.99
C ASP D 58 24.43 47.43 30.36
N LYS D 59 24.37 48.35 31.32
CA LYS D 59 24.79 48.05 32.69
C LYS D 59 23.90 47.00 33.35
N LYS D 60 22.62 46.93 32.97
CA LYS D 60 21.71 45.97 33.58
C LYS D 60 22.14 44.53 33.31
N PHE D 61 22.71 44.26 32.14
CA PHE D 61 23.16 42.91 31.81
C PHE D 61 24.23 42.42 32.78
N ASP D 62 25.14 43.31 33.17
CA ASP D 62 26.23 42.92 34.06
C ASP D 62 25.69 42.57 35.45
N PRO D 63 26.02 41.40 36.00
CA PRO D 63 25.46 40.99 37.30
C PRO D 63 25.91 41.87 38.46
N PHE D 64 27.18 42.24 38.49
CA PHE D 64 27.74 42.95 39.64
C PHE D 64 27.04 44.29 39.85
N TYR D 65 26.81 45.04 38.78
CA TYR D 65 26.15 46.34 38.92
C TYR D 65 24.75 46.17 39.50
N VAL D 66 24.01 45.18 39.00
CA VAL D 66 22.66 44.95 39.51
C VAL D 66 22.72 44.56 40.98
N LYS D 67 23.73 43.78 41.36
CA LYS D 67 23.91 43.43 42.77
C LYS D 67 24.18 44.67 43.60
N SER D 68 24.92 45.64 43.05
CA SER D 68 25.22 46.86 43.80
C SER D 68 23.96 47.64 44.12
N ASN D 69 23.01 47.72 43.18
CA ASN D 69 21.79 48.51 43.36
C ASN D 69 20.57 47.64 43.09
N TYR D 70 20.26 46.75 44.03
CA TYR D 70 19.13 45.84 43.91
C TYR D 70 17.88 46.35 44.62
N LYS D 71 17.98 47.49 45.31
CA LYS D 71 16.85 48.05 46.03
C LYS D 71 16.09 49.12 45.22
N SER D 72 16.82 50.01 44.56
CA SER D 72 16.17 51.08 43.80
C SER D 72 15.33 50.51 42.67
N ILE D 73 15.86 49.51 41.96
CA ILE D 73 15.16 48.94 40.82
C ILE D 73 13.85 48.31 41.27
N ALA D 74 13.85 47.62 42.41
CA ALA D 74 12.63 46.97 42.88
C ALA D 74 11.55 48.00 43.17
N ARG D 75 11.92 49.10 43.85
CA ARG D 75 10.93 50.12 44.19
C ARG D 75 10.39 50.77 42.92
N SER D 76 11.27 51.09 41.97
CA SER D 76 10.82 51.73 40.74
C SER D 76 9.89 50.81 39.97
N ILE D 77 10.24 49.52 39.88
CA ILE D 77 9.42 48.57 39.15
C ILE D 77 8.06 48.44 39.80
N ALA D 78 8.03 48.35 41.13
CA ALA D 78 6.75 48.21 41.82
C ALA D 78 5.87 49.42 41.57
N ASN D 79 6.45 50.63 41.64
CA ASN D 79 5.66 51.84 41.40
C ASN D 79 5.15 51.87 39.97
N LYS D 80 6.00 51.52 39.00
CA LYS D 80 5.58 51.54 37.60
C LYS D 80 4.46 50.52 37.35
N ILE D 81 4.55 49.36 38.01
CA ILE D 81 3.53 48.33 37.87
C ILE D 81 2.20 48.84 38.43
N GLU D 82 2.24 49.47 39.61
CA GLU D 82 1.00 49.97 40.19
C GLU D 82 0.36 51.03 39.32
N ASN D 83 1.18 51.90 38.73
CA ASN D 83 0.70 52.93 37.81
C ASN D 83 0.26 52.37 36.46
N ARG D 84 0.51 51.09 36.20
CA ARG D 84 0.16 50.45 34.93
C ARG D 84 0.91 51.06 33.75
N THR D 85 2.14 51.51 33.99
CA THR D 85 3.00 52.04 32.93
C THR D 85 4.21 51.17 32.64
N TYR D 86 4.30 50.00 33.27
CA TYR D 86 5.48 49.15 33.12
C TYR D 86 5.56 48.58 31.70
N LEU D 87 6.77 48.51 31.16
CA LEU D 87 6.98 47.89 29.87
C LEU D 87 8.38 47.26 29.88
N PRO D 88 8.51 46.03 29.38
CA PRO D 88 9.84 45.38 29.36
C PRO D 88 10.77 46.01 28.34
N ASN D 89 12.04 46.10 28.70
CA ASN D 89 13.04 46.67 27.80
C ASN D 89 13.35 45.68 26.68
N GLU D 90 13.91 46.22 25.60
CA GLU D 90 14.18 45.42 24.42
C GLU D 90 15.23 44.34 24.72
N PRO D 91 15.04 43.12 24.23
CA PRO D 91 16.01 42.05 24.45
C PRO D 91 17.13 42.08 23.42
N PHE D 92 18.21 41.37 23.74
CA PHE D 92 19.34 41.21 22.84
C PHE D 92 19.19 39.89 22.09
N THR D 93 19.16 39.96 20.77
CA THR D 93 18.90 38.80 19.93
C THR D 93 20.08 38.54 18.99
N LYS D 94 20.52 37.29 18.93
CA LYS D 94 21.58 36.87 18.02
C LYS D 94 21.11 35.66 17.25
N ASP D 95 21.17 35.75 15.92
CA ASP D 95 20.77 34.64 15.06
C ASP D 95 21.81 33.54 15.06
N VAL D 96 21.35 32.31 14.81
CA VAL D 96 22.24 31.15 14.70
C VAL D 96 21.93 30.41 13.41
N PRO D 97 22.26 30.96 12.25
CA PRO D 97 21.91 30.31 10.97
C PRO D 97 22.53 28.93 10.86
N LYS D 98 21.72 27.95 10.46
CA LYS D 98 22.17 26.58 10.32
C LYS D 98 21.20 25.85 9.40
N PRO D 99 21.61 24.72 8.81
CA PRO D 99 20.67 23.93 8.00
C PRO D 99 19.49 23.43 8.80
N ASP D 100 19.73 23.01 10.05
CA ASP D 100 18.68 22.54 10.95
C ASP D 100 18.29 23.70 11.87
N GLY D 101 16.99 24.01 11.90
CA GLY D 101 16.51 25.11 12.69
C GLY D 101 16.53 26.45 11.98
N GLY D 102 17.02 26.50 10.74
CA GLY D 102 17.04 27.74 9.98
C GLY D 102 17.75 28.85 10.71
N ILE D 103 17.10 30.02 10.78
CA ILE D 103 17.71 31.18 11.43
C ILE D 103 17.97 30.89 12.90
N ARG D 104 17.03 30.22 13.57
CA ARG D 104 17.18 29.80 14.97
C ARG D 104 17.64 30.96 15.84
N LYS D 105 16.95 32.10 15.71
CA LYS D 105 17.26 33.26 16.51
C LYS D 105 17.02 33.00 17.99
N VAL D 106 17.93 33.48 18.82
CA VAL D 106 17.86 33.32 20.26
C VAL D 106 17.94 34.71 20.91
N SER D 107 17.16 34.91 21.97
CA SER D 107 17.07 36.20 22.62
C SER D 107 17.34 36.06 24.12
N ILE D 108 18.06 37.03 24.67
CA ILE D 108 18.35 37.09 26.09
C ILE D 108 17.82 38.41 26.64
N TYR D 109 17.23 38.35 27.82
CA TYR D 109 16.61 39.50 28.46
C TYR D 109 17.42 39.95 29.67
N GLN D 110 17.23 41.22 30.04
CA GLN D 110 17.91 41.77 31.19
C GLN D 110 17.44 41.05 32.46
N ILE D 111 18.21 41.22 33.54
CA ILE D 111 17.93 40.47 34.77
C ILE D 111 16.59 40.85 35.39
N PRO D 112 16.21 42.13 35.51
CA PRO D 112 14.92 42.44 36.17
C PRO D 112 13.73 41.87 35.42
N ASP D 113 13.70 42.00 34.09
CA ASP D 113 12.57 41.48 33.33
C ASP D 113 12.47 39.97 33.47
N ALA D 114 13.61 39.29 33.41
CA ALA D 114 13.60 37.83 33.56
C ALA D 114 13.10 37.43 34.93
N ALA D 115 13.51 38.17 35.97
CA ALA D 115 13.04 37.86 37.31
C ALA D 115 11.52 38.04 37.43
N ILE D 116 11.00 39.12 36.84
CA ILE D 116 9.56 39.36 36.89
C ILE D 116 8.81 38.24 36.17
N SER D 117 9.31 37.86 34.98
CA SER D 117 8.64 36.82 34.21
C SER D 117 8.65 35.50 34.98
N LYS D 118 9.78 35.17 35.61
CA LYS D 118 9.85 33.92 36.37
C LYS D 118 8.87 33.93 37.53
N LEU D 119 8.79 35.06 38.24
CA LEU D 119 7.90 35.13 39.40
C LEU D 119 6.44 34.93 38.96
N PHE D 120 6.03 35.66 37.93
CA PHE D 120 4.63 35.57 37.49
C PHE D 120 4.34 34.17 36.96
N PHE D 121 5.27 33.59 36.19
CA PHE D 121 5.04 32.27 35.63
C PHE D 121 4.88 31.26 36.75
N ASN D 122 5.70 31.36 37.80
CA ASN D 122 5.59 30.42 38.90
C ASN D 122 4.25 30.53 39.58
N ARG D 123 3.78 31.77 39.82
CA ARG D 123 2.49 31.92 40.49
C ARG D 123 1.37 31.35 39.64
N LEU D 124 1.35 31.67 38.34
CA LEU D 124 0.29 31.18 37.47
C LEU D 124 0.29 29.66 37.41
N LEU D 125 1.48 29.07 37.28
CA LEU D 125 1.56 27.62 37.20
C LEU D 125 1.06 27.00 38.49
N ALA D 126 1.39 27.60 39.63
CA ALA D 126 0.96 27.04 40.91
C ALA D 126 -0.56 27.05 41.02
N LYS D 127 -1.20 28.17 40.67
CA LYS D 127 -2.65 28.22 40.79
C LYS D 127 -3.36 27.30 39.79
N ASN D 128 -2.87 27.21 38.56
CA ASN D 128 -3.57 26.47 37.51
C ASN D 128 -2.95 25.10 37.20
N ARG D 129 -2.13 24.56 38.09
CA ARG D 129 -1.45 23.30 37.81
C ARG D 129 -2.43 22.14 37.61
N HIS D 130 -3.50 22.09 38.41
CA HIS D 130 -4.42 20.94 38.36
C HIS D 130 -5.07 20.80 36.98
N ARG D 131 -5.45 21.90 36.33
CA ARG D 131 -6.11 21.83 35.02
C ARG D 131 -5.10 21.66 33.89
N PHE D 132 -4.35 20.56 33.92
CA PHE D 132 -3.41 20.26 32.86
C PHE D 132 -3.31 18.76 32.68
N SER D 133 -3.09 18.34 31.43
CA SER D 133 -3.01 16.92 31.11
C SER D 133 -1.69 16.33 31.59
N SER D 134 -1.72 15.02 31.85
CA SER D 134 -0.55 14.26 32.27
C SER D 134 0.73 14.64 31.55
N ARG D 143 11.53 15.98 32.54
CA ARG D 143 12.36 14.84 32.90
C ARG D 143 11.49 13.62 33.22
N ASN D 144 10.18 13.78 33.07
CA ASN D 144 9.23 12.70 33.31
C ASN D 144 8.87 11.93 32.04
N VAL D 145 9.47 12.27 30.90
CA VAL D 145 9.17 11.61 29.63
C VAL D 145 9.54 10.13 29.67
N HIS D 146 10.43 9.76 30.59
CA HIS D 146 10.88 8.37 30.66
C HIS D 146 9.70 7.44 30.93
N PHE D 147 8.76 7.86 31.79
CA PHE D 147 7.59 7.04 32.07
C PHE D 147 6.79 6.82 30.80
N ALA D 148 6.68 7.85 29.97
CA ALA D 148 6.00 7.72 28.69
C ALA D 148 6.73 6.71 27.81
N ILE D 149 8.07 6.74 27.84
CA ILE D 149 8.84 5.80 27.05
C ILE D 149 8.54 4.37 27.50
N GLN D 150 8.44 4.17 28.82
CA GLN D 150 8.11 2.84 29.33
C GLN D 150 6.75 2.40 28.82
N ASP D 151 5.76 3.30 28.88
CA ASP D 151 4.41 2.94 28.49
C ASP D 151 4.35 2.57 27.00
N ILE D 152 4.98 3.39 26.15
CA ILE D 152 4.94 3.09 24.71
C ILE D 152 5.64 1.78 24.43
N SER D 153 6.77 1.52 25.12
CA SER D 153 7.49 0.28 24.89
C SER D 153 6.63 -0.92 25.28
N VAL D 154 5.95 -0.82 26.42
CA VAL D 154 5.10 -1.92 26.87
C VAL D 154 3.98 -2.16 25.86
N ASP D 155 3.35 -1.09 25.37
CA ASP D 155 2.27 -1.26 24.40
C ASP D 155 2.80 -1.87 23.12
N LEU D 156 3.99 -1.45 22.68
CA LEU D 156 4.56 -1.99 21.44
C LEU D 156 4.83 -3.48 21.59
N LYS D 157 5.31 -3.90 22.76
CA LYS D 157 5.58 -5.32 23.00
C LYS D 157 4.27 -6.11 23.06
N LYS D 158 3.22 -5.52 23.62
CA LYS D 158 1.96 -6.25 23.83
C LYS D 158 1.39 -6.79 22.53
N ASN D 159 1.34 -5.96 21.48
CA ASN D 159 0.89 -6.41 20.17
C ASN D 159 1.92 -6.01 19.12
N GLU D 160 2.30 -6.97 18.27
CA GLU D 160 3.36 -6.73 17.30
C GLU D 160 3.02 -5.62 16.32
N ARG D 161 1.76 -5.53 15.90
CA ARG D 161 1.34 -4.55 14.89
C ARG D 161 0.72 -3.35 15.57
N THR D 162 1.28 -2.16 15.32
CA THR D 162 0.75 -0.92 15.86
C THR D 162 0.79 0.15 14.77
N PHE D 163 -0.17 1.07 14.82
CA PHE D 163 -0.28 2.17 13.87
C PHE D 163 0.25 3.44 14.50
N LEU D 164 1.13 4.14 13.78
CA LEU D 164 1.79 5.32 14.30
C LEU D 164 1.67 6.48 13.33
N ALA D 165 1.53 7.69 13.88
CA ALA D 165 1.51 8.94 13.13
C ALA D 165 2.43 9.92 13.83
N GLU D 166 3.34 10.53 13.08
CA GLU D 166 4.32 11.46 13.63
C GLU D 166 4.22 12.81 12.95
N PHE D 167 4.09 13.87 13.74
CA PHE D 167 3.98 15.23 13.21
C PHE D 167 5.09 16.08 13.82
N ASP D 168 5.78 16.84 12.99
CA ASP D 168 6.82 17.76 13.42
C ASP D 168 6.33 19.19 13.19
N PHE D 169 6.09 19.91 14.27
CA PHE D 169 5.70 21.32 14.15
C PHE D 169 6.87 22.15 13.67
N SER D 170 6.58 23.13 12.80
CA SER D 170 7.58 24.05 12.29
C SER D 170 7.16 25.47 12.65
N ASP D 171 8.09 26.21 13.27
CA ASP D 171 7.85 27.61 13.65
C ASP D 171 6.56 27.74 14.45
N PHE D 172 6.41 26.85 15.43
CA PHE D 172 5.21 26.86 16.27
C PHE D 172 5.09 28.18 17.04
N PHE D 173 6.19 28.60 17.67
CA PHE D 173 6.19 29.82 18.48
C PHE D 173 5.96 31.05 17.63
N GLY D 174 6.54 31.09 16.44
CA GLY D 174 6.45 32.27 15.58
C GLY D 174 5.06 32.62 15.08
N SER D 175 4.24 31.62 14.76
CA SER D 175 2.99 31.88 14.07
C SER D 175 1.74 31.91 14.96
N ILE D 176 1.88 31.82 16.28
CA ILE D 176 0.68 31.79 17.12
C ILE D 176 -0.12 33.08 16.94
N SER D 177 -1.43 32.93 16.74
CA SER D 177 -2.31 34.08 16.55
C SER D 177 -2.79 34.66 17.89
N HIS D 178 -2.63 35.96 18.08
CA HIS D 178 -3.03 36.59 19.33
C HIS D 178 -4.54 36.51 19.54
N SER D 179 -5.33 36.63 18.48
CA SER D 179 -6.78 36.56 18.62
C SER D 179 -7.20 35.23 19.21
N PHE D 180 -6.57 34.14 18.75
CA PHE D 180 -6.90 32.82 19.26
C PHE D 180 -6.62 32.76 20.76
N LEU D 181 -5.47 33.30 21.18
CA LEU D 181 -5.12 33.31 22.60
C LEU D 181 -6.13 34.11 23.40
N ASN D 182 -6.54 35.26 22.85
CA ASN D 182 -7.52 36.09 23.55
C ASN D 182 -8.81 35.30 23.75
N GLU D 183 -9.20 34.54 22.73
CA GLU D 183 -10.42 33.72 22.85
C GLU D 183 -10.23 32.67 23.94
N GLN D 184 -9.06 32.04 24.00
CA GLN D 184 -8.82 31.02 25.01
C GLN D 184 -8.89 31.61 26.42
N PHE D 185 -8.42 32.86 26.57
CA PHE D 185 -8.38 33.47 27.90
C PHE D 185 -9.76 33.54 28.53
N ASN D 186 -10.76 33.98 27.76
CA ASN D 186 -12.11 34.12 28.30
C ASN D 186 -12.71 32.77 28.67
N GLU D 187 -12.53 31.77 27.81
CA GLU D 187 -13.10 30.45 28.03
C GLU D 187 -12.15 29.59 28.88
N ASN D 188 -12.60 28.37 29.18
CA ASN D 188 -11.89 27.30 29.89
C ASN D 188 -11.92 27.50 31.40
N GLY D 189 -12.52 28.58 31.91
CA GLY D 189 -12.63 28.78 33.35
C GLY D 189 -11.32 28.78 34.11
N PHE D 190 -10.27 29.36 33.54
CA PHE D 190 -9.01 29.50 34.24
C PHE D 190 -9.05 30.72 35.16
N TYR D 191 -8.18 30.72 36.16
CA TYR D 191 -8.08 31.83 37.11
C TYR D 191 -6.89 32.70 36.72
N ILE D 192 -7.16 33.89 36.19
CA ILE D 192 -6.14 34.87 35.84
C ILE D 192 -6.56 36.22 36.39
N SER D 193 -5.72 36.81 37.21
CA SER D 193 -6.00 38.10 37.81
C SER D 193 -5.75 39.22 36.79
N PRO D 194 -6.23 40.44 37.07
CA PRO D 194 -6.01 41.53 36.11
C PRO D 194 -4.54 41.85 35.89
N GLU D 195 -3.74 41.83 36.96
CA GLU D 195 -2.33 42.15 36.83
C GLU D 195 -1.62 41.15 35.91
N GLU D 196 -1.95 39.86 36.05
CA GLU D 196 -1.31 38.86 35.19
C GLU D 196 -1.63 39.11 33.73
N LYS D 197 -2.89 39.44 33.43
CA LYS D 197 -3.26 39.73 32.05
C LYS D 197 -2.52 40.95 31.55
N PHE D 198 -2.37 41.95 32.40
CA PHE D 198 -1.66 43.17 32.02
C PHE D 198 -0.21 42.83 31.67
N ILE D 199 0.43 42.01 32.50
CA ILE D 199 1.84 41.66 32.26
C ILE D 199 1.97 40.86 30.96
N ILE D 200 1.04 39.93 30.72
CA ILE D 200 1.13 39.13 29.49
C ILE D 200 0.97 40.04 28.28
N ARG D 201 0.03 40.97 28.32
CA ARG D 201 -0.14 41.90 27.21
C ARG D 201 1.11 42.75 27.04
N SER D 202 1.71 43.17 28.15
CA SER D 202 2.93 43.98 28.08
C SER D 202 4.04 43.20 27.39
N PHE D 203 4.18 41.92 27.73
CA PHE D 203 5.22 41.10 27.12
C PHE D 203 4.98 40.92 25.63
N LEU D 204 3.73 40.72 25.21
CA LEU D 204 3.46 40.60 23.78
C LEU D 204 3.86 41.87 23.04
N ARG D 205 3.47 43.03 23.58
CA ARG D 205 3.89 44.37 23.15
C ARG D 205 3.70 44.58 21.64
N GLU D 206 4.72 45.08 20.93
CA GLU D 206 4.61 45.45 19.52
C GLU D 206 4.32 44.27 18.60
N ARG D 207 4.88 43.10 18.89
CA ARG D 207 4.74 41.92 18.04
C ARG D 207 3.32 41.75 17.51
N LYS D 208 3.20 41.70 16.18
CA LYS D 208 1.91 41.45 15.54
C LYS D 208 1.50 40.00 15.68
N VAL D 209 2.44 39.07 15.48
CA VAL D 209 2.16 37.64 15.55
C VAL D 209 3.29 36.97 16.32
N GLY D 210 2.99 35.81 16.89
CA GLY D 210 3.98 35.05 17.62
C GLY D 210 4.06 35.41 19.09
N ILE D 211 4.89 34.65 19.80
CA ILE D 211 5.12 34.87 21.22
C ILE D 211 6.63 34.91 21.44
N PRO D 212 7.12 35.63 22.45
CA PRO D 212 8.57 35.72 22.65
C PRO D 212 9.17 34.36 22.97
N GLN D 213 10.39 34.14 22.48
CA GLN D 213 11.12 32.90 22.70
C GLN D 213 12.23 33.12 23.71
N GLY D 214 12.45 32.14 24.57
CA GLY D 214 13.46 32.25 25.60
C GLY D 214 13.01 32.85 26.92
N THR D 215 11.70 32.98 27.13
CA THR D 215 11.17 33.52 28.37
C THR D 215 10.30 32.47 29.06
N SER D 216 10.32 32.49 30.40
CA SER D 216 9.59 31.49 31.17
C SER D 216 8.09 31.60 30.95
N ILE D 217 7.58 32.82 30.81
CA ILE D 217 6.14 33.03 30.65
C ILE D 217 5.61 32.33 29.40
N SER D 218 6.45 32.22 28.37
CA SER D 218 6.01 31.64 27.10
C SER D 218 5.54 30.20 27.25
N LEU D 219 6.21 29.42 28.11
CA LEU D 219 5.85 28.01 28.25
C LEU D 219 4.42 27.84 28.71
N PHE D 220 3.97 28.67 29.66
CA PHE D 220 2.60 28.58 30.14
C PHE D 220 1.62 28.84 29.00
N LEU D 221 1.92 29.85 28.16
CA LEU D 221 1.04 30.15 27.04
C LEU D 221 0.97 28.96 26.08
N ALA D 222 2.11 28.31 25.84
CA ALA D 222 2.13 27.17 24.95
C ALA D 222 1.26 26.04 25.48
N ASN D 223 1.35 25.76 26.78
CA ASN D 223 0.48 24.74 27.35
C ASN D 223 -0.98 25.15 27.25
N LEU D 224 -1.27 26.43 27.44
CA LEU D 224 -2.64 26.93 27.38
C LEU D 224 -3.26 26.73 25.99
N THR D 225 -2.49 26.99 24.93
CA THR D 225 -3.04 26.88 23.57
C THR D 225 -3.49 25.47 23.22
N CYS D 226 -2.76 24.45 23.68
CA CYS D 226 -3.00 23.08 23.28
C CYS D 226 -4.00 22.33 24.16
N TRP D 227 -4.68 23.00 25.09
CA TRP D 227 -5.60 22.31 26.00
C TRP D 227 -6.75 21.65 25.23
N LYS D 228 -7.34 22.37 24.27
CA LYS D 228 -8.47 21.83 23.54
C LYS D 228 -8.06 20.61 22.71
N LEU D 229 -6.89 20.67 22.08
CA LEU D 229 -6.44 19.56 21.26
C LEU D 229 -6.29 18.30 22.11
N ASP D 230 -5.69 18.46 23.30
CA ASP D 230 -5.50 17.32 24.19
C ASP D 230 -6.84 16.73 24.61
N GLN D 231 -7.80 17.60 24.94
CA GLN D 231 -9.11 17.12 25.36
C GLN D 231 -9.78 16.34 24.22
N ASP D 232 -9.69 16.87 23.00
CA ASP D 232 -10.31 16.18 21.86
C ASP D 232 -9.66 14.83 21.61
N LEU D 233 -8.32 14.78 21.65
CA LEU D 233 -7.63 13.52 21.40
C LEU D 233 -7.97 12.50 22.48
N GLU D 234 -8.04 12.93 23.74
CA GLU D 234 -8.41 12.00 24.80
C GLU D 234 -9.82 11.48 24.60
N ARG D 235 -10.73 12.37 24.18
CA ARG D 235 -12.11 11.95 23.92
C ARG D 235 -12.17 10.91 22.81
N GLU D 236 -11.32 11.07 21.78
CA GLU D 236 -11.32 10.11 20.67
C GLU D 236 -10.93 8.71 21.16
N GLY D 237 -9.98 8.61 22.09
CA GLY D 237 -9.59 7.32 22.59
C GLY D 237 -8.20 6.85 22.18
N VAL D 238 -7.49 7.63 21.38
CA VAL D 238 -6.11 7.32 21.02
C VAL D 238 -5.18 7.72 22.17
N LYS D 239 -3.94 7.25 22.13
CA LYS D 239 -2.92 7.62 23.11
C LYS D 239 -1.85 8.46 22.44
N PHE D 240 -1.36 9.47 23.14
CA PHE D 240 -0.42 10.41 22.55
C PHE D 240 0.55 10.91 23.62
N SER D 241 1.68 11.46 23.15
CA SER D 241 2.64 12.11 24.01
C SER D 241 3.23 13.30 23.27
N ARG D 242 3.37 14.42 23.96
CA ARG D 242 3.94 15.63 23.36
C ARG D 242 5.11 16.11 24.19
N TYR D 243 6.28 16.25 23.55
CA TYR D 243 7.45 16.75 24.24
C TYR D 243 8.18 17.66 23.27
N ALA D 244 8.71 18.77 23.79
CA ALA D 244 9.46 19.76 22.99
C ALA D 244 8.59 20.19 21.80
N ASP D 245 9.07 20.09 20.56
CA ASP D 245 8.31 20.46 19.37
C ASP D 245 7.89 19.25 18.54
N ASP D 246 7.53 18.13 19.20
CA ASP D 246 7.16 16.92 18.49
C ASP D 246 6.00 16.25 19.21
N THR D 247 5.23 15.47 18.45
CA THR D 247 4.10 14.72 18.97
C THR D 247 4.04 13.35 18.29
N ILE D 248 3.63 12.34 19.05
CA ILE D 248 3.48 10.97 18.58
C ILE D 248 2.10 10.48 19.00
N ILE D 249 1.41 9.79 18.07
CA ILE D 249 0.11 9.19 18.35
C ILE D 249 0.16 7.74 17.89
N TRP D 250 -0.34 6.83 18.71
CA TRP D 250 -0.34 5.41 18.38
C TRP D 250 -1.67 4.78 18.76
N SER D 251 -2.12 3.82 17.95
CA SER D 251 -3.37 3.12 18.17
C SER D 251 -3.32 1.79 17.44
N GLN D 252 -4.30 0.93 17.73
CA GLN D 252 -4.38 -0.37 17.09
C GLN D 252 -5.47 -0.45 16.03
N GLU D 253 -6.11 0.65 15.69
CA GLU D 253 -7.15 0.67 14.66
C GLU D 253 -6.89 1.78 13.66
N TYR D 254 -7.08 1.45 12.37
CA TYR D 254 -6.85 2.40 11.30
C TYR D 254 -7.81 3.59 11.37
N SER D 255 -9.07 3.33 11.71
CA SER D 255 -10.09 4.38 11.72
C SER D 255 -9.72 5.48 12.72
N LYS D 256 -9.31 5.10 13.92
CA LYS D 256 -8.98 6.08 14.94
C LYS D 256 -7.79 6.92 14.52
N ILE D 257 -6.76 6.30 13.92
CA ILE D 257 -5.60 7.07 13.50
C ILE D 257 -6.00 8.06 12.40
N CYS D 258 -6.91 7.66 11.50
CA CYS D 258 -7.37 8.58 10.47
C CYS D 258 -8.12 9.76 11.08
N ASN D 259 -8.98 9.48 12.07
CA ASN D 259 -9.71 10.55 12.75
C ASN D 259 -8.75 11.49 13.47
N ALA D 260 -7.71 10.94 14.10
CA ALA D 260 -6.73 11.78 14.80
C ALA D 260 -6.01 12.69 13.81
N PHE D 261 -5.67 12.14 12.64
CA PHE D 261 -5.02 12.96 11.61
C PHE D 261 -5.95 14.10 11.20
N ASN D 262 -7.23 13.80 11.04
CA ASN D 262 -8.19 14.83 10.67
C ASN D 262 -8.28 15.91 11.74
N ILE D 263 -8.31 15.52 13.01
CA ILE D 263 -8.42 16.49 14.10
C ILE D 263 -7.19 17.39 14.12
N ILE D 264 -6.00 16.81 13.97
CA ILE D 264 -4.79 17.62 13.97
C ILE D 264 -4.80 18.60 12.81
N THR D 265 -5.23 18.13 11.63
CA THR D 265 -5.25 19.01 10.47
C THR D 265 -6.22 20.16 10.70
N ASN D 266 -7.41 19.86 11.23
CA ASN D 266 -8.39 20.92 11.42
C ASN D 266 -7.87 21.93 12.44
N PHE D 267 -7.18 21.46 13.48
CA PHE D 267 -6.70 22.36 14.51
C PHE D 267 -5.66 23.32 13.95
N SER D 268 -4.76 22.80 13.10
CA SER D 268 -3.70 23.66 12.59
C SER D 268 -4.29 24.84 11.81
N LYS D 269 -5.33 24.58 11.01
CA LYS D 269 -5.93 25.64 10.23
C LYS D 269 -6.52 26.71 11.13
N SER D 270 -7.20 26.29 12.21
CA SER D 270 -7.83 27.21 13.14
C SER D 270 -6.79 28.09 13.84
N ALA D 271 -5.64 27.52 14.19
CA ALA D 271 -4.64 28.28 14.93
C ALA D 271 -3.53 28.83 14.05
N GLY D 272 -3.67 28.74 12.73
CA GLY D 272 -2.68 29.30 11.81
C GLY D 272 -1.27 28.77 11.97
N ILE D 273 -1.12 27.48 12.19
CA ILE D 273 0.19 26.85 12.30
C ILE D 273 0.34 25.85 11.16
N LYS D 274 1.57 25.67 10.70
CA LYS D 274 1.84 24.78 9.57
C LYS D 274 2.73 23.63 10.02
N ILE D 275 2.50 22.46 9.41
CA ILE D 275 3.30 21.27 9.67
C ILE D 275 4.29 21.08 8.52
N ASN D 276 5.56 20.94 8.87
CA ASN D 276 6.58 20.82 7.84
C ASN D 276 6.35 19.53 7.05
N PRO D 277 6.27 19.59 5.72
CA PRO D 277 6.06 18.35 4.95
C PRO D 277 7.23 17.38 5.03
N LYS D 278 8.46 17.89 4.90
CA LYS D 278 9.62 17.00 4.86
C LYS D 278 9.81 16.28 6.18
N LYS D 279 9.72 17.00 7.31
CA LYS D 279 9.94 16.39 8.62
C LYS D 279 8.85 15.38 8.94
N SER D 280 7.59 15.71 8.64
CA SER D 280 6.49 14.80 8.91
C SER D 280 6.65 13.53 8.08
N GLU D 281 6.37 12.37 8.70
CA GLU D 281 6.53 11.09 8.03
C GLU D 281 5.21 10.42 7.68
N GLY D 282 4.12 10.76 8.34
CA GLY D 282 2.83 10.19 8.01
C GLY D 282 2.54 8.89 8.74
N ILE D 283 1.40 8.29 8.36
CA ILE D 283 0.95 7.06 9.00
C ILE D 283 1.83 5.89 8.56
N SER D 284 2.13 5.00 9.49
CA SER D 284 2.97 3.84 9.23
C SER D 284 2.61 2.74 10.21
N LEU D 285 3.03 1.52 9.87
CA LEU D 285 2.80 0.35 10.71
C LEU D 285 4.13 -0.19 11.21
N LEU D 286 4.25 -0.36 12.52
CA LEU D 286 5.46 -0.90 13.13
C LEU D 286 5.24 -2.39 13.39
N THR D 287 6.08 -3.22 12.78
CA THR D 287 5.95 -4.66 12.88
C THR D 287 7.31 -5.29 13.15
N LYS D 288 7.29 -6.50 13.69
CA LYS D 288 8.53 -7.21 13.97
C LYS D 288 9.28 -7.51 12.68
N LYS D 289 10.61 -7.52 12.77
CA LYS D 289 11.42 -7.74 11.58
C LYS D 289 11.15 -9.11 10.98
N GLY D 290 11.14 -9.17 9.66
CA GLY D 290 10.91 -10.42 8.96
C GLY D 290 9.46 -10.76 8.68
N LEU D 291 8.52 -9.88 9.05
CA LEU D 291 7.11 -10.11 8.76
C LEU D 291 6.61 -9.10 7.73
N PRO D 292 5.90 -9.54 6.71
CA PRO D 292 5.46 -8.61 5.65
C PRO D 292 4.34 -7.71 6.13
N SER D 293 4.22 -6.56 5.46
CA SER D 293 3.18 -5.59 5.75
C SER D 293 2.47 -5.20 4.45
N GLU D 294 1.18 -4.93 4.57
CA GLU D 294 0.35 -4.55 3.42
C GLU D 294 0.40 -3.06 3.13
N ILE D 295 0.99 -2.26 4.01
CA ILE D 295 1.13 -0.82 3.84
C ILE D 295 2.54 -0.45 4.30
N THR D 296 2.89 0.84 4.14
CA THR D 296 4.24 1.27 4.49
C THR D 296 4.55 0.88 5.93
N SER D 297 5.74 0.32 6.14
CA SER D 297 6.10 -0.19 7.45
C SER D 297 7.53 0.20 7.81
N LYS D 298 7.80 0.20 9.10
CA LYS D 298 9.11 0.49 9.66
C LYS D 298 9.33 -0.44 10.85
N ASN D 299 10.59 -0.70 11.17
CA ASN D 299 10.94 -1.60 12.26
C ASN D 299 11.52 -0.90 13.47
N ASN D 300 11.74 0.42 13.41
CA ASN D 300 12.32 1.14 14.52
C ASN D 300 11.80 2.57 14.54
N LEU D 301 11.67 3.13 15.73
CA LEU D 301 11.17 4.48 15.93
C LEU D 301 12.08 5.20 16.92
N ASP D 302 12.40 6.46 16.62
CA ASP D 302 13.31 7.23 17.45
C ASP D 302 12.54 8.21 18.33
N PHE D 303 12.97 8.32 19.59
CA PHE D 303 12.37 9.26 20.52
C PHE D 303 13.45 9.75 21.47
N LEU D 304 13.76 11.05 21.40
CA LEU D 304 14.70 11.72 22.31
C LEU D 304 16.01 10.95 22.50
N GLY D 305 16.60 10.54 21.38
CA GLY D 305 17.88 9.85 21.48
C GLY D 305 17.76 8.36 21.74
N TYR D 306 16.55 7.84 21.87
CA TYR D 306 16.28 6.43 22.11
C TYR D 306 15.70 5.82 20.85
N THR D 307 16.15 4.62 20.48
CA THR D 307 15.58 3.88 19.38
C THR D 307 14.78 2.73 19.95
N LEU D 308 13.48 2.69 19.64
CA LEU D 308 12.57 1.70 20.19
C LEU D 308 12.10 0.74 19.10
N SER D 309 12.10 -0.54 19.41
CA SER D 309 11.63 -1.58 18.51
C SER D 309 10.89 -2.61 19.33
N VAL D 310 10.27 -3.56 18.64
CA VAL D 310 9.47 -4.57 19.32
C VAL D 310 10.35 -5.40 20.24
N GLU D 311 11.53 -5.81 19.76
CA GLU D 311 12.42 -6.66 20.54
C GLU D 311 13.07 -5.91 21.70
N ASN D 312 13.62 -4.73 21.45
CA ASN D 312 14.38 -4.06 22.50
C ASN D 312 14.56 -2.58 22.21
N VAL D 313 15.04 -1.86 23.22
CA VAL D 313 15.36 -0.43 23.14
C VAL D 313 16.88 -0.26 23.08
N SER D 314 17.35 0.55 22.14
CA SER D 314 18.78 0.74 21.92
C SER D 314 19.08 2.22 21.74
N ILE D 315 20.35 2.57 21.92
CA ILE D 315 20.79 3.96 21.77
C ILE D 315 20.77 4.36 20.30
N LYS D 316 20.46 5.64 20.05
CA LYS D 316 20.39 6.16 18.69
C LYS D 316 21.79 6.28 18.11
N GLU D 317 21.87 6.25 16.77
CA GLU D 317 23.16 6.28 16.09
C GLU D 317 23.94 7.57 16.37
N LYS D 318 23.25 8.71 16.39
CA LYS D 318 23.95 9.99 16.56
C LYS D 318 24.67 10.05 17.90
N SER D 319 24.02 9.56 18.96
CA SER D 319 24.66 9.58 20.28
C SER D 319 25.92 8.71 20.27
N VAL D 320 25.85 7.57 19.59
CA VAL D 320 27.00 6.69 19.48
C VAL D 320 28.13 7.40 18.76
N LYS D 321 27.78 8.14 17.70
CA LYS D 321 28.80 8.89 16.96
C LYS D 321 29.47 9.92 17.85
N LYS D 322 28.69 10.61 18.69
CA LYS D 322 29.27 11.59 19.60
C LYS D 322 30.20 10.94 20.61
N ILE D 323 29.81 9.79 21.15
CA ILE D 323 30.66 9.09 22.11
C ILE D 323 31.97 8.66 21.45
N LYS D 324 31.89 8.14 20.22
CA LYS D 324 33.09 7.73 19.51
C LYS D 324 33.99 8.93 19.26
N LYS D 325 33.40 10.06 18.89
CA LYS D 325 34.17 11.27 18.64
C LYS D 325 34.91 11.72 19.90
N GLN D 326 34.23 11.71 21.04
CA GLN D 326 34.88 12.17 22.26
C GLN D 326 36.02 11.27 22.68
N ILE D 327 35.81 9.94 22.65
CA ILE D 327 36.88 9.03 23.05
C ILE D 327 38.07 9.15 22.10
N SER D 328 37.80 9.24 20.80
CA SER D 328 38.88 9.38 19.83
C SER D 328 39.66 10.67 20.08
N TYR D 329 38.96 11.77 20.34
CA TYR D 329 39.65 13.02 20.56
C TYR D 329 40.53 12.95 21.79
N ILE D 330 40.04 12.33 22.88
CA ILE D 330 40.85 12.28 24.09
C ILE D 330 42.14 11.51 23.83
N LEU D 331 42.03 10.37 23.13
CA LEU D 331 43.24 9.59 22.84
C LEU D 331 44.20 10.37 21.95
N TYR D 332 43.67 11.04 20.91
CA TYR D 332 44.53 11.83 20.03
C TYR D 332 45.21 12.96 20.77
N ARG D 333 44.47 13.67 21.61
CA ARG D 333 45.02 14.82 22.33
C ARG D 333 46.14 14.41 23.26
N ASN D 334 45.99 13.28 23.94
CA ASN D 334 47.03 12.94 24.90
C ASN D 334 48.18 12.16 24.29
N LEU D 335 47.97 11.43 23.19
CA LEU D 335 49.04 10.60 22.65
C LEU D 335 49.73 11.14 21.40
N ILE D 336 49.00 11.67 20.42
CA ILE D 336 49.62 12.03 19.14
C ILE D 336 49.87 13.52 19.00
N GLN D 337 48.95 14.38 19.44
CA GLN D 337 49.09 15.81 19.18
C GLN D 337 50.38 16.44 19.72
N PRO D 338 50.88 16.10 20.91
CA PRO D 338 52.10 16.77 21.39
C PRO D 338 53.35 16.52 20.57
N LEU D 339 53.42 15.41 19.84
CA LEU D 339 54.66 15.05 19.13
C LEU D 339 54.74 15.59 17.71
N LYS D 340 53.73 16.31 17.23
CA LYS D 340 53.76 16.86 15.88
C LYS D 340 54.21 18.32 15.85
N LYS D 341 54.64 18.87 16.98
CA LYS D 341 55.13 20.24 17.02
C LYS D 341 56.57 20.31 16.52
N THR D 342 57.02 21.53 16.22
CA THR D 342 58.34 21.73 15.64
C THR D 342 59.46 21.30 16.58
N SER D 343 59.36 21.64 17.86
CA SER D 343 60.43 21.31 18.80
C SER D 343 59.87 20.64 20.06
N LEU D 344 60.44 19.49 20.41
CA LEU D 344 60.05 18.76 21.61
C LEU D 344 60.82 19.27 22.82
N ALA D 345 60.51 20.49 23.23
CA ALA D 345 61.20 21.15 24.32
C ALA D 345 60.25 21.31 25.50
N GLY D 346 60.68 20.85 26.67
CA GLY D 346 59.87 20.90 27.86
C GLY D 346 59.01 19.68 28.09
N GLN D 347 58.89 18.80 27.11
CA GLN D 347 58.11 17.57 27.24
C GLN D 347 58.95 16.47 27.88
N THR D 348 58.25 15.43 28.35
CA THR D 348 58.89 14.29 28.99
C THR D 348 58.79 13.08 28.06
N ILE D 349 59.92 12.43 27.82
CA ILE D 349 59.99 11.28 26.92
C ILE D 349 59.79 10.00 27.71
N PRO D 350 58.95 9.08 27.25
CA PRO D 350 58.70 7.85 28.02
C PRO D 350 59.99 7.04 28.18
N ALA D 351 60.20 6.52 29.38
CA ALA D 351 61.41 5.77 29.64
C ALA D 351 61.19 4.83 30.83
N ASN D 352 62.02 3.80 30.89
CA ASN D 352 62.02 2.82 31.98
C ASN D 352 60.64 2.19 32.18
N ASP D 353 59.98 1.86 31.07
CA ASP D 353 58.69 1.18 31.08
C ASP D 353 57.61 1.97 31.81
N ARG D 354 57.63 3.29 31.72
CA ARG D 354 56.60 4.12 32.33
C ARG D 354 56.19 5.24 31.38
N ASP D 355 54.88 5.41 31.20
CA ASP D 355 54.32 6.48 30.38
C ASP D 355 53.21 7.17 31.16
N LYS D 356 53.43 8.43 31.53
CA LYS D 356 52.42 9.20 32.25
C LYS D 356 51.21 9.52 31.37
N ASN D 357 51.46 9.84 30.11
CA ASN D 357 50.37 10.25 29.21
C ASN D 357 49.33 9.15 29.04
N PHE D 358 49.77 7.90 29.01
CA PHE D 358 48.82 6.80 28.94
C PHE D 358 47.92 6.77 30.17
N LEU D 359 48.50 6.99 31.34
CA LEU D 359 47.73 7.03 32.58
C LEU D 359 46.72 8.16 32.54
N ILE D 360 47.15 9.35 32.11
CA ILE D 360 46.24 10.49 32.07
C ILE D 360 45.09 10.22 31.11
N ALA D 361 45.38 9.63 29.95
CA ALA D 361 44.34 9.34 28.97
C ALA D 361 43.33 8.34 29.54
N ILE D 362 43.82 7.29 30.18
CA ILE D 362 42.92 6.27 30.72
C ILE D 362 42.04 6.87 31.81
N CYS D 363 42.63 7.70 32.68
CA CYS D 363 41.84 8.31 33.74
C CYS D 363 40.77 9.24 33.17
N GLU D 364 41.10 10.02 32.15
CA GLU D 364 40.08 10.89 31.54
C GLU D 364 38.96 10.07 30.90
N ILE D 365 39.30 8.97 30.23
CA ILE D 365 38.26 8.14 29.64
C ILE D 365 37.37 7.55 30.73
N ARG D 366 37.97 7.11 31.84
CA ARG D 366 37.17 6.57 32.94
C ARG D 366 36.24 7.63 33.53
N ARG D 367 36.75 8.86 33.69
CA ARG D 367 35.91 9.93 34.21
C ARG D 367 34.75 10.23 33.27
N TYR D 368 35.02 10.22 31.96
CA TYR D 368 33.96 10.47 30.99
C TYR D 368 32.89 9.38 31.01
N MET D 369 33.31 8.12 31.15
CA MET D 369 32.34 7.02 31.04
C MET D 369 31.63 6.72 32.36
N TYR D 370 32.36 6.52 33.46
CA TYR D 370 31.74 6.16 34.73
C TYR D 370 31.54 7.34 35.66
N GLY D 371 32.57 8.16 35.83
CA GLY D 371 32.54 9.22 36.82
C GLY D 371 33.63 9.00 37.85
N GLY D 372 34.46 7.97 37.62
CA GLY D 372 35.57 7.67 38.50
C GLY D 372 35.42 6.42 39.33
N LEU D 373 34.32 5.68 39.19
CA LEU D 373 34.13 4.48 40.01
C LEU D 373 35.07 3.37 39.57
N SER D 374 35.57 2.63 40.57
CA SER D 374 36.42 1.48 40.32
C SER D 374 35.57 0.24 40.03
N LYS D 375 36.20 -0.77 39.45
CA LYS D 375 35.50 -2.03 39.19
C LYS D 375 35.10 -2.72 40.48
N SER D 376 35.96 -2.63 41.51
CA SER D 376 35.68 -3.30 42.77
C SER D 376 34.39 -2.78 43.40
N GLN D 377 34.17 -1.46 43.38
CA GLN D 377 32.97 -0.91 43.99
C GLN D 377 31.72 -1.44 43.30
N ILE D 378 31.75 -1.50 41.96
CA ILE D 378 30.60 -2.03 41.22
C ILE D 378 30.38 -3.49 41.57
N LYS D 379 31.46 -4.28 41.65
CA LYS D 379 31.31 -5.69 41.96
C LYS D 379 30.73 -5.87 43.36
N ASP D 380 31.21 -5.08 44.32
CA ASP D 380 30.70 -5.18 45.69
C ASP D 380 29.22 -4.84 45.74
N TYR D 381 28.81 -3.77 45.05
CA TYR D 381 27.42 -3.39 45.05
C TYR D 381 26.56 -4.48 44.41
N LEU D 382 27.04 -5.07 43.32
CA LEU D 382 26.28 -6.15 42.67
C LEU D 382 26.13 -7.36 43.57
N SER D 383 27.22 -7.76 44.25
CA SER D 383 27.15 -8.93 45.13
C SER D 383 26.24 -8.67 46.32
N GLY D 384 26.25 -7.45 46.85
CA GLY D 384 25.47 -7.10 48.02
C GLY D 384 26.30 -6.71 49.23
N ARG D 385 27.63 -6.70 49.11
CA ARG D 385 28.47 -6.28 50.22
C ARG D 385 28.21 -4.83 50.61
N SER D 386 27.89 -3.97 49.64
CA SER D 386 27.59 -2.57 49.89
C SER D 386 26.18 -2.27 49.40
N ASN D 387 25.57 -1.25 50.00
CA ASN D 387 24.18 -0.92 49.73
C ASN D 387 23.96 0.30 48.84
N ARG D 388 25.00 1.04 48.48
CA ARG D 388 24.77 2.27 47.73
C ARG D 388 25.84 2.50 46.68
N LEU D 389 25.43 3.16 45.59
CA LEU D 389 26.30 3.57 44.50
C LEU D 389 25.79 4.89 43.95
N TYR D 390 26.69 5.67 43.37
CA TYR D 390 26.34 6.95 42.75
C TYR D 390 26.60 6.88 41.25
N PHE D 391 25.64 7.34 40.46
CA PHE D 391 25.75 7.32 39.01
C PHE D 391 25.98 8.75 38.53
N LYS D 392 27.18 9.03 37.99
CA LYS D 392 27.54 10.38 37.51
C LYS D 392 28.41 10.25 36.27
N GLY D 393 27.79 9.95 35.14
CA GLY D 393 28.54 9.83 33.91
C GLY D 393 27.64 9.92 32.70
N ILE D 394 28.22 9.66 31.53
CA ILE D 394 27.46 9.69 30.29
C ILE D 394 26.35 8.64 30.32
N MET D 395 26.63 7.48 30.94
CA MET D 395 25.66 6.40 30.97
C MET D 395 24.40 6.79 31.72
N SER D 396 24.51 7.68 32.70
CA SER D 396 23.35 8.08 33.50
C SER D 396 22.23 8.63 32.62
N PHE D 397 22.57 9.29 31.52
CA PHE D 397 21.58 9.87 30.63
C PHE D 397 20.77 8.83 29.87
N TYR D 398 21.21 7.56 29.86
CA TYR D 398 20.50 6.49 29.19
C TYR D 398 20.28 5.35 30.17
N PRO D 399 19.37 5.53 31.14
CA PRO D 399 19.21 4.52 32.20
C PRO D 399 18.36 3.31 31.82
N LEU D 400 17.65 3.32 30.68
CA LEU D 400 16.74 2.23 30.36
C LEU D 400 17.24 1.30 29.24
N VAL D 401 18.48 1.48 28.77
CA VAL D 401 18.95 0.64 27.67
C VAL D 401 18.99 -0.81 28.12
N ASN D 402 18.55 -1.71 27.24
CA ASN D 402 18.56 -3.14 27.54
C ASN D 402 19.26 -3.99 26.47
N ASP D 403 19.92 -3.37 25.49
CA ASP D 403 20.55 -4.09 24.39
C ASP D 403 21.99 -4.43 24.79
N VAL D 404 22.36 -5.70 24.66
CA VAL D 404 23.68 -6.18 25.05
C VAL D 404 24.66 -6.22 23.89
N GLU D 405 24.21 -6.55 22.67
CA GLU D 405 25.14 -6.71 21.55
C GLU D 405 25.85 -5.40 21.23
N GLN D 406 25.12 -4.28 21.26
CA GLN D 406 25.70 -2.99 20.92
C GLN D 406 26.83 -2.63 21.89
N LEU D 407 26.63 -2.90 23.18
CA LEU D 407 27.65 -2.59 24.17
C LEU D 407 28.93 -3.39 23.91
N LYS D 408 28.79 -4.66 23.54
CA LYS D 408 29.94 -5.48 23.22
C LYS D 408 30.69 -4.94 22.00
N GLN D 409 29.94 -4.50 20.99
CA GLN D 409 30.58 -3.94 19.80
C GLN D 409 31.37 -2.69 20.18
N LEU D 410 30.78 -1.85 21.05
CA LEU D 410 31.47 -0.64 21.48
C LEU D 410 32.75 -0.97 22.23
N ASP D 411 32.71 -1.97 23.09
CA ASP D 411 33.91 -2.35 23.85
C ASP D 411 35.02 -2.83 22.93
N GLY D 412 34.66 -3.62 21.92
CA GLY D 412 35.67 -4.05 20.96
C GLY D 412 36.27 -2.88 20.21
N TRP D 413 35.42 -1.91 19.84
CA TRP D 413 35.91 -0.73 19.15
C TRP D 413 36.92 0.02 20.01
N ILE D 414 36.63 0.15 21.31
CA ILE D 414 37.53 0.89 22.19
C ILE D 414 38.89 0.22 22.26
N VAL D 415 38.90 -1.12 22.40
CA VAL D 415 40.18 -1.81 22.52
C VAL D 415 41.01 -1.67 21.25
N SER D 416 40.37 -1.82 20.08
CA SER D 416 41.11 -1.71 18.83
C SER D 416 41.67 -0.31 18.64
N VAL D 417 40.86 0.72 18.93
CA VAL D 417 41.33 2.09 18.75
C VAL D 417 42.51 2.38 19.67
N ILE D 418 42.47 1.88 20.91
CA ILE D 418 43.60 2.10 21.82
C ILE D 418 44.87 1.46 21.26
N TYR D 419 44.75 0.24 20.73
CA TYR D 419 45.93 -0.44 20.19
C TYR D 419 46.52 0.33 19.01
N ARG D 420 45.68 0.77 18.09
CA ARG D 420 46.17 1.48 16.91
C ARG D 420 46.81 2.82 17.29
N ALA D 421 46.22 3.53 18.25
CA ALA D 421 46.81 4.80 18.68
C ALA D 421 48.17 4.60 19.30
N LEU D 422 48.33 3.54 20.12
CA LEU D 422 49.63 3.29 20.72
C LEU D 422 50.67 2.95 19.66
N LYS D 423 50.27 2.19 18.63
CA LYS D 423 51.21 1.88 17.56
C LYS D 423 51.67 3.13 16.83
N LEU D 424 50.74 4.04 16.52
CA LEU D 424 51.14 5.28 15.85
C LEU D 424 52.08 6.10 16.73
N ARG D 425 51.81 6.13 18.04
CA ARG D 425 52.69 6.86 18.95
C ARG D 425 54.10 6.28 18.91
N CYS D 426 54.21 4.95 18.88
CA CYS D 426 55.52 4.32 18.83
C CYS D 426 56.25 4.68 17.55
N GLN D 427 55.54 4.70 16.42
CA GLN D 427 56.20 5.07 15.17
C GLN D 427 56.72 6.50 15.22
N LEU D 428 55.92 7.44 15.73
CA LEU D 428 56.38 8.82 15.79
C LEU D 428 57.60 8.95 16.70
N LEU D 429 57.58 8.24 17.84
CA LEU D 429 58.72 8.31 18.75
C LEU D 429 59.97 7.78 18.10
N SER D 430 59.84 6.69 17.33
CA SER D 430 61.00 6.16 16.62
C SER D 430 61.51 7.17 15.60
N LYS D 431 60.59 7.86 14.92
CA LYS D 431 60.98 8.85 13.93
C LYS D 431 61.79 9.98 14.56
N TRP D 432 61.42 10.39 15.79
CA TRP D 432 62.21 11.42 16.46
C TRP D 432 63.58 10.95 16.93
N GLY D 433 63.84 9.64 16.95
CA GLY D 433 65.15 9.14 17.29
C GLY D 433 65.25 8.33 18.58
N TYR D 434 64.13 7.97 19.20
CA TYR D 434 64.11 7.14 20.39
C TYR D 434 63.40 5.85 20.06
N ASN D 435 64.02 4.72 20.38
CA ASN D 435 63.44 3.41 20.13
C ASN D 435 62.98 2.82 21.46
N ARG D 436 61.66 2.63 21.60
CA ARG D 436 61.06 2.12 22.83
C ARG D 436 60.12 0.97 22.55
N SER D 437 60.37 0.21 21.47
CA SER D 437 59.48 -0.88 21.10
C SER D 437 59.44 -1.96 22.17
N HIS D 438 60.59 -2.30 22.75
CA HIS D 438 60.65 -3.34 23.76
C HIS D 438 59.88 -2.96 25.02
N ASN D 439 59.99 -1.71 25.47
CA ASN D 439 59.37 -1.30 26.72
C ASN D 439 57.85 -1.27 26.61
N PHE D 440 57.19 -1.47 27.76
CA PHE D 440 55.74 -1.41 27.89
C PHE D 440 55.29 0.04 27.87
N PRO D 441 54.16 0.36 27.22
CA PRO D 441 53.06 -0.52 26.80
C PRO D 441 53.11 -0.87 25.32
N PHE D 442 54.25 -0.65 24.67
CA PHE D 442 54.36 -0.84 23.23
C PHE D 442 54.68 -2.27 22.84
N ILE D 443 54.88 -3.16 23.81
CA ILE D 443 55.25 -4.55 23.54
C ILE D 443 54.05 -5.49 23.62
N LEU D 444 52.85 -4.95 23.80
CA LEU D 444 51.68 -5.80 24.01
C LEU D 444 50.82 -5.90 22.76
N ASP D 445 50.40 -7.12 22.46
CA ASP D 445 49.49 -7.39 21.36
C ASP D 445 48.06 -7.07 21.78
N ARG D 446 47.17 -6.97 20.79
CA ARG D 446 45.80 -6.57 21.07
C ARG D 446 45.11 -7.52 22.03
N GLU D 447 45.32 -8.82 21.87
CA GLU D 447 44.64 -9.80 22.71
C GLU D 447 45.05 -9.69 24.17
N ASP D 448 46.30 -9.36 24.44
CA ASP D 448 46.84 -9.34 25.80
C ASP D 448 46.69 -7.99 26.51
N ILE D 449 46.14 -6.97 25.85
CA ILE D 449 46.09 -5.64 26.44
C ILE D 449 45.27 -5.62 27.72
N VAL D 450 44.08 -6.23 27.71
CA VAL D 450 43.18 -6.13 28.85
C VAL D 450 43.77 -6.80 30.09
N ASP D 451 44.28 -8.03 29.94
CA ASP D 451 44.78 -8.76 31.11
C ASP D 451 46.02 -8.09 31.70
N LYS D 452 46.97 -7.70 30.86
CA LYS D 452 48.20 -7.11 31.36
C LYS D 452 47.93 -5.79 32.06
N CYS D 453 47.07 -4.95 31.49
CA CYS D 453 46.75 -3.68 32.13
C CYS D 453 45.99 -3.92 33.42
N SER D 454 45.10 -4.92 33.43
CA SER D 454 44.29 -5.19 34.61
C SER D 454 45.17 -5.60 35.79
N LYS D 455 46.14 -6.48 35.55
CA LYS D 455 46.97 -6.97 36.65
C LYS D 455 47.81 -5.85 37.28
N LYS D 456 48.37 -4.96 36.45
CA LYS D 456 49.26 -3.92 36.93
C LYS D 456 48.59 -3.01 37.95
N THR D 457 49.31 -2.69 39.02
CA THR D 457 48.81 -1.84 40.11
C THR D 457 49.84 -0.76 40.42
N ILE D 458 49.36 0.45 40.68
CA ILE D 458 50.20 1.57 41.07
C ILE D 458 49.68 2.16 42.37
N ALA D 459 50.57 2.27 43.37
CA ALA D 459 50.24 2.87 44.66
C ALA D 459 49.13 2.10 45.38
N GLY D 460 49.02 0.81 45.11
CA GLY D 460 47.98 0.00 45.72
C GLY D 460 46.60 0.16 45.12
N ARG D 461 46.48 0.87 44.01
CA ARG D 461 45.21 1.06 43.32
C ARG D 461 45.37 0.68 41.86
N LYS D 462 44.38 -0.01 41.31
CA LYS D 462 44.43 -0.44 39.91
C LYS D 462 43.93 0.70 39.05
N LEU D 463 44.86 1.43 38.42
CA LEU D 463 44.52 2.60 37.64
C LEU D 463 44.64 2.38 36.13
N PHE D 464 45.01 1.17 35.71
CA PHE D 464 45.18 0.90 34.28
C PHE D 464 44.06 0.04 33.70
N GLU D 465 43.02 -0.23 34.49
CA GLU D 465 41.92 -1.07 34.02
C GLU D 465 41.14 -0.39 32.92
N ILE D 466 40.77 -1.15 31.89
CA ILE D 466 40.04 -0.62 30.76
C ILE D 466 38.54 -0.65 31.08
N PRO D 467 37.83 0.47 30.95
CA PRO D 467 36.41 0.50 31.30
C PRO D 467 35.57 -0.37 30.36
N SER D 468 34.49 -0.92 30.92
CA SER D 468 33.57 -1.78 30.18
C SER D 468 32.14 -1.29 30.37
N PHE D 469 31.40 -1.21 29.26
CA PHE D 469 30.01 -0.78 29.31
C PHE D 469 29.11 -1.81 29.99
N LEU D 470 29.37 -3.10 29.76
CA LEU D 470 28.47 -4.12 30.28
C LEU D 470 28.36 -4.10 31.80
N LEU D 471 29.49 -3.91 32.50
CA LEU D 471 29.44 -3.91 33.96
C LEU D 471 28.56 -2.78 34.50
N ILE D 472 28.71 -1.57 33.95
CA ILE D 472 27.86 -0.47 34.38
C ILE D 472 26.42 -0.75 34.00
N HIS D 473 26.20 -1.39 32.85
CA HIS D 473 24.83 -1.71 32.43
C HIS D 473 24.18 -2.63 33.44
N LYS D 474 24.92 -3.63 33.92
CA LYS D 474 24.38 -4.56 34.90
C LYS D 474 24.04 -3.82 36.18
N ALA D 475 24.93 -2.92 36.61
CA ALA D 475 24.66 -2.18 37.84
C ALA D 475 23.41 -1.32 37.68
N LEU D 476 23.25 -0.69 36.51
CA LEU D 476 22.09 0.16 36.26
C LEU D 476 20.81 -0.67 36.28
N GLN D 477 20.83 -1.85 35.65
CA GLN D 477 19.65 -2.70 35.61
C GLN D 477 19.27 -3.14 37.02
N LYS D 478 20.25 -3.54 37.83
CA LYS D 478 19.94 -3.96 39.19
C LYS D 478 19.37 -2.79 39.99
N GLY D 479 19.94 -1.60 39.83
CA GLY D 479 19.43 -0.45 40.55
C GLY D 479 18.00 -0.12 40.16
N LEU D 480 17.70 -0.22 38.86
CA LEU D 480 16.35 0.06 38.38
C LEU D 480 15.35 -0.96 38.93
N GLN D 481 15.73 -2.24 38.94
CA GLN D 481 14.82 -3.27 39.43
C GLN D 481 14.49 -3.08 40.90
N GLU D 482 15.50 -2.75 41.71
CA GLU D 482 15.33 -2.63 43.15
C GLU D 482 14.94 -1.22 43.59
N SER D 483 14.71 -0.31 42.66
CA SER D 483 14.36 1.07 43.00
C SER D 483 13.49 1.64 41.87
N GLY D 484 13.48 2.97 41.74
CA GLY D 484 12.68 3.62 40.74
C GLY D 484 13.51 4.56 39.88
N ILE D 485 12.95 4.88 38.71
CA ILE D 485 13.64 5.78 37.79
C ILE D 485 13.91 7.13 38.44
N GLU D 486 12.95 7.63 39.23
CA GLU D 486 13.16 8.89 39.91
C GLU D 486 14.33 8.82 40.87
N LYS D 487 14.45 7.71 41.61
CA LYS D 487 15.55 7.56 42.56
C LYS D 487 16.90 7.54 41.84
N ILE D 488 16.99 6.79 40.74
CA ILE D 488 18.25 6.72 39.99
C ILE D 488 18.61 8.08 39.40
N MET D 489 17.61 8.79 38.87
CA MET D 489 17.83 10.11 38.29
C MET D 489 17.76 11.19 39.35
#